data_8PBV
#
_entry.id   8PBV
#
_entity_poly.entity_id   1
_entity_poly.type   'polypeptide(L)'
_entity_poly.pdbx_seq_one_letter_code
;MGYSDEDREADNLRIAEIIKNAQDDDSKINSTQELLDIYRRLYPSLTPEERESIDKFVNEHTDAIIIDGVPIQGGRKARI
VGKIVSPGVKGLATGFFEELGSKLAQLFAGENLYFQ
;
_entity_poly.pdbx_strand_id   A
#
# COMPACT_ATOMS: atom_id res chain seq x y z
N MET A 1 -8.87 22.75 4.54
CA MET A 1 -7.68 23.24 3.84
C MET A 1 -7.77 22.94 2.35
N GLY A 2 -8.18 21.72 2.02
CA GLY A 2 -8.30 21.33 0.62
C GLY A 2 -9.60 21.81 -0.01
N TYR A 3 -9.77 21.54 -1.30
CA TYR A 3 -10.97 21.95 -2.01
C TYR A 3 -11.40 20.88 -3.02
N SER A 4 -11.28 19.62 -2.62
CA SER A 4 -11.64 18.50 -3.48
C SER A 4 -11.67 17.20 -2.70
N ASP A 5 -12.19 17.26 -1.48
CA ASP A 5 -12.27 16.08 -0.63
C ASP A 5 -13.13 15.00 -1.28
N GLU A 6 -14.05 15.42 -2.14
CA GLU A 6 -14.94 14.49 -2.83
C GLU A 6 -14.15 13.59 -3.78
N ASP A 7 -13.07 14.13 -4.36
CA ASP A 7 -12.24 13.38 -5.28
C ASP A 7 -11.37 12.37 -4.53
N ARG A 8 -10.99 12.72 -3.31
CA ARG A 8 -10.17 11.84 -2.49
C ARG A 8 -10.90 10.54 -2.18
N GLU A 9 -12.21 10.63 -2.00
CA GLU A 9 -13.02 9.46 -1.70
C GLU A 9 -12.90 8.40 -2.80
N ALA A 10 -12.71 8.87 -4.04
CA ALA A 10 -12.58 7.98 -5.18
C ALA A 10 -11.41 7.02 -4.99
N ASP A 11 -10.26 7.56 -4.59
CA ASP A 11 -9.07 6.75 -4.37
C ASP A 11 -9.23 5.89 -3.13
N ASN A 12 -9.85 6.45 -2.09
CA ASN A 12 -10.05 5.72 -0.84
C ASN A 12 -11.01 4.56 -1.05
N LEU A 13 -12.02 4.76 -1.88
CA LEU A 13 -13.00 3.72 -2.16
C LEU A 13 -12.32 2.45 -2.65
N ARG A 14 -11.23 2.60 -3.38
CA ARG A 14 -10.49 1.47 -3.91
C ARG A 14 -9.79 0.71 -2.79
N ILE A 15 -9.25 1.45 -1.83
CA ILE A 15 -8.55 0.84 -0.69
C ILE A 15 -9.49 -0.06 0.11
N ALA A 16 -10.66 0.49 0.44
CA ALA A 16 -11.65 -0.27 1.21
C ALA A 16 -12.22 -1.42 0.39
N GLU A 17 -12.43 -1.18 -0.90
CA GLU A 17 -12.98 -2.19 -1.79
C GLU A 17 -12.03 -3.40 -1.89
N ILE A 18 -10.73 -3.11 -1.88
CA ILE A 18 -9.73 -4.17 -1.97
C ILE A 18 -9.79 -5.09 -0.75
N ILE A 19 -9.99 -4.51 0.42
CA ILE A 19 -10.07 -5.28 1.66
C ILE A 19 -11.33 -6.14 1.67
N LYS A 20 -12.47 -5.53 1.34
CA LYS A 20 -13.74 -6.24 1.32
C LYS A 20 -13.76 -7.28 0.20
N ASN A 21 -13.05 -6.99 -0.88
CA ASN A 21 -12.99 -7.89 -2.02
C ASN A 21 -11.97 -9.01 -1.78
N ALA A 22 -11.33 -8.99 -0.61
CA ALA A 22 -10.35 -9.99 -0.26
C ALA A 22 -10.75 -10.74 1.00
N GLN A 23 -10.53 -12.05 0.99
CA GLN A 23 -10.87 -12.89 2.14
C GLN A 23 -9.80 -13.96 2.38
N ASP A 24 -9.34 -14.56 1.30
CA ASP A 24 -8.32 -15.60 1.39
C ASP A 24 -6.92 -14.99 1.41
N ASP A 25 -5.92 -15.83 1.65
CA ASP A 25 -4.54 -15.36 1.70
C ASP A 25 -4.03 -15.04 0.29
N ASP A 26 -4.31 -15.92 -0.65
CA ASP A 26 -3.88 -15.73 -2.03
C ASP A 26 -4.56 -14.51 -2.64
N SER A 27 -5.82 -14.30 -2.30
CA SER A 27 -6.59 -13.18 -2.82
C SER A 27 -6.08 -11.86 -2.24
N LYS A 28 -5.86 -11.84 -0.93
CA LYS A 28 -5.37 -10.65 -0.25
C LYS A 28 -3.95 -10.33 -0.68
N ILE A 29 -3.07 -11.32 -0.60
CA ILE A 29 -1.67 -11.13 -0.99
C ILE A 29 -1.56 -10.64 -2.42
N ASN A 30 -2.36 -11.22 -3.31
CA ASN A 30 -2.35 -10.82 -4.72
C ASN A 30 -3.02 -9.47 -4.91
N SER A 31 -4.02 -9.19 -4.09
CA SER A 31 -4.75 -7.93 -4.17
C SER A 31 -3.92 -6.78 -3.61
N THR A 32 -2.99 -7.11 -2.71
CA THR A 32 -2.13 -6.11 -2.11
C THR A 32 -1.39 -5.30 -3.16
N GLN A 33 -1.03 -5.96 -4.26
CA GLN A 33 -0.32 -5.31 -5.35
C GLN A 33 -1.10 -4.10 -5.86
N GLU A 34 -2.41 -4.27 -6.01
CA GLU A 34 -3.26 -3.20 -6.50
C GLU A 34 -3.32 -2.05 -5.50
N LEU A 35 -3.22 -2.39 -4.21
CA LEU A 35 -3.26 -1.39 -3.15
C LEU A 35 -2.06 -0.45 -3.25
N LEU A 36 -0.93 -0.98 -3.67
CA LEU A 36 0.29 -0.18 -3.82
C LEU A 36 0.09 0.94 -4.82
N ASP A 37 -0.71 0.68 -5.85
CA ASP A 37 -0.98 1.68 -6.88
C ASP A 37 -1.61 2.92 -6.27
N ILE A 38 -2.47 2.72 -5.28
CA ILE A 38 -3.13 3.83 -4.60
C ILE A 38 -2.14 4.68 -3.81
N TYR A 39 -1.03 4.06 -3.41
CA TYR A 39 -0.01 4.76 -2.65
C TYR A 39 0.71 5.78 -3.52
N ARG A 40 1.16 5.34 -4.69
CA ARG A 40 1.87 6.23 -5.61
C ARG A 40 1.01 7.42 -5.99
N ARG A 41 -0.31 7.24 -5.94
CA ARG A 41 -1.25 8.31 -6.27
C ARG A 41 -1.02 9.53 -5.39
N LEU A 42 -0.60 9.29 -4.15
CA LEU A 42 -0.35 10.38 -3.20
C LEU A 42 1.15 10.66 -3.10
N TYR A 43 1.85 10.54 -4.22
CA TYR A 43 3.28 10.79 -4.26
C TYR A 43 3.63 11.84 -5.31
N PRO A 44 2.67 12.73 -5.58
CA PRO A 44 2.84 13.80 -6.56
C PRO A 44 3.82 14.87 -6.08
N SER A 45 3.61 15.35 -4.86
CA SER A 45 4.47 16.38 -4.29
C SER A 45 4.45 16.31 -2.77
N LEU A 46 4.69 15.13 -2.23
CA LEU A 46 4.71 14.93 -0.79
C LEU A 46 6.02 15.40 -0.18
N THR A 47 5.96 15.97 1.02
CA THR A 47 7.14 16.46 1.71
C THR A 47 7.69 15.41 2.67
N PRO A 48 8.95 15.60 3.08
CA PRO A 48 9.62 14.67 4.01
C PRO A 48 9.05 14.74 5.41
N GLU A 49 8.76 15.95 5.87
CA GLU A 49 8.19 16.15 7.20
C GLU A 49 6.77 15.62 7.28
N GLU A 50 5.97 15.91 6.26
CA GLU A 50 4.59 15.46 6.21
C GLU A 50 4.52 13.95 6.00
N ARG A 51 5.31 13.45 5.06
CA ARG A 51 5.33 12.02 4.76
C ARG A 51 5.77 11.22 5.98
N GLU A 52 6.40 11.90 6.93
CA GLU A 52 6.88 11.25 8.15
C GLU A 52 5.74 10.54 8.87
N SER A 53 4.55 11.13 8.82
CA SER A 53 3.38 10.56 9.47
C SER A 53 3.14 9.12 8.99
N ILE A 54 3.09 8.95 7.67
CA ILE A 54 2.87 7.63 7.10
C ILE A 54 4.03 6.69 7.41
N ASP A 55 5.25 7.22 7.37
CA ASP A 55 6.44 6.43 7.65
C ASP A 55 6.33 5.76 9.02
N LYS A 56 5.73 6.45 9.97
CA LYS A 56 5.56 5.91 11.32
C LYS A 56 4.73 4.64 11.30
N PHE A 57 3.98 4.45 10.22
CA PHE A 57 3.12 3.27 10.06
C PHE A 57 3.62 2.39 8.92
N VAL A 58 4.93 2.31 8.76
CA VAL A 58 5.52 1.50 7.71
C VAL A 58 7.00 1.24 7.98
N ASN A 59 7.73 2.29 8.32
CA ASN A 59 9.16 2.18 8.60
C ASN A 59 9.40 1.35 9.86
N GLU A 60 8.80 1.78 10.97
CA GLU A 60 8.95 1.06 12.24
C GLU A 60 7.60 0.57 12.74
N HIS A 61 6.76 0.08 11.82
CA HIS A 61 5.45 -0.42 12.17
C HIS A 61 5.08 -1.62 11.31
N THR A 62 5.56 -1.62 10.07
CA THR A 62 5.27 -2.71 9.14
C THR A 62 6.52 -3.53 8.86
N ASP A 63 6.35 -4.65 8.16
CA ASP A 63 7.46 -5.52 7.83
C ASP A 63 7.73 -5.52 6.32
N ALA A 64 8.92 -5.97 5.94
CA ALA A 64 9.30 -6.02 4.53
C ALA A 64 9.15 -7.43 3.97
N ILE A 65 9.18 -7.55 2.65
CA ILE A 65 9.05 -8.84 1.99
C ILE A 65 10.37 -9.27 1.35
N ILE A 66 11.04 -10.22 1.99
CA ILE A 66 12.31 -10.72 1.48
C ILE A 66 12.10 -11.73 0.36
N ILE A 67 12.56 -11.38 -0.84
CA ILE A 67 12.42 -12.25 -2.00
C ILE A 67 13.60 -12.09 -2.96
N ASP A 68 14.36 -13.17 -3.13
CA ASP A 68 15.52 -13.15 -4.02
C ASP A 68 16.61 -12.25 -3.47
N GLY A 69 16.81 -12.31 -2.16
CA GLY A 69 17.83 -11.49 -1.52
C GLY A 69 17.69 -10.02 -1.87
N VAL A 70 16.47 -9.58 -2.10
CA VAL A 70 16.20 -8.18 -2.44
C VAL A 70 14.88 -7.72 -1.84
N PRO A 71 14.84 -7.59 -0.52
CA PRO A 71 13.63 -7.14 0.20
C PRO A 71 13.32 -5.67 -0.05
N ILE A 72 12.07 -5.30 0.16
CA ILE A 72 11.63 -3.92 -0.04
C ILE A 72 11.51 -3.17 1.28
N GLN A 73 11.57 -1.85 1.22
CA GLN A 73 11.47 -1.02 2.42
C GLN A 73 10.36 0.02 2.26
N GLY A 74 9.62 0.25 3.34
CA GLY A 74 8.55 1.22 3.31
C GLY A 74 7.18 0.57 3.21
N GLY A 75 7.05 -0.62 3.80
CA GLY A 75 5.79 -1.32 3.77
C GLY A 75 5.13 -1.29 2.40
N ARG A 76 5.41 -2.31 1.59
CA ARG A 76 4.85 -2.40 0.25
C ARG A 76 5.24 -3.71 -0.43
N LYS A 77 4.43 -4.14 -1.38
CA LYS A 77 4.70 -5.38 -2.10
C LYS A 77 5.15 -5.09 -3.54
N ALA A 78 6.38 -5.45 -3.85
CA ALA A 78 6.92 -5.23 -5.19
C ALA A 78 6.44 -6.30 -6.16
N ARG A 79 6.58 -6.03 -7.45
CA ARG A 79 6.15 -6.98 -8.48
C ARG A 79 7.19 -8.08 -8.67
N ILE A 80 6.88 -9.26 -8.15
CA ILE A 80 7.78 -10.41 -8.26
C ILE A 80 7.06 -11.63 -8.82
N VAL A 81 7.17 -11.84 -10.12
CA VAL A 81 6.54 -12.97 -10.79
C VAL A 81 7.55 -14.06 -11.11
N GLY A 82 7.24 -15.29 -10.72
CA GLY A 82 8.13 -16.40 -10.99
C GLY A 82 9.53 -16.16 -10.46
N LYS A 83 9.66 -16.15 -9.13
CA LYS A 83 10.95 -15.94 -8.48
C LYS A 83 11.22 -17.01 -7.44
N ILE A 84 12.43 -17.01 -6.90
CA ILE A 84 12.82 -17.98 -5.88
C ILE A 84 12.35 -17.55 -4.50
N VAL A 85 11.04 -17.31 -4.37
CA VAL A 85 10.48 -16.90 -3.09
C VAL A 85 10.06 -18.11 -2.26
N SER A 86 9.86 -17.88 -0.96
CA SER A 86 9.47 -18.94 -0.05
C SER A 86 8.05 -18.74 0.45
N PRO A 87 7.44 -19.81 0.98
CA PRO A 87 6.07 -19.77 1.50
C PRO A 87 5.97 -18.96 2.78
N GLY A 88 7.11 -18.67 3.39
CA GLY A 88 7.13 -17.91 4.62
C GLY A 88 7.08 -16.41 4.39
N VAL A 89 7.55 -15.99 3.21
CA VAL A 89 7.57 -14.57 2.86
C VAL A 89 6.30 -14.19 2.11
N LYS A 90 5.76 -15.13 1.34
CA LYS A 90 4.54 -14.88 0.57
C LYS A 90 3.39 -14.51 1.49
N GLY A 91 3.32 -15.15 2.66
CA GLY A 91 2.26 -14.86 3.60
C GLY A 91 2.44 -13.52 4.29
N LEU A 92 3.69 -13.13 4.50
CA LEU A 92 3.99 -11.85 5.15
C LEU A 92 3.32 -10.70 4.41
N ALA A 93 3.24 -10.81 3.10
CA ALA A 93 2.63 -9.77 2.28
C ALA A 93 1.17 -9.55 2.68
N THR A 94 0.52 -10.62 3.14
CA THR A 94 -0.87 -10.54 3.56
C THR A 94 -1.02 -9.76 4.86
N GLY A 95 -0.04 -9.91 5.74
CA GLY A 95 -0.07 -9.21 7.02
C GLY A 95 -0.10 -7.70 6.84
N PHE A 96 0.62 -7.21 5.85
CA PHE A 96 0.68 -5.78 5.57
C PHE A 96 -0.47 -5.34 4.68
N PHE A 97 -0.99 -6.28 3.89
CA PHE A 97 -2.10 -5.99 2.99
C PHE A 97 -3.29 -5.44 3.75
N GLU A 98 -3.65 -6.11 4.84
CA GLU A 98 -4.78 -5.68 5.66
C GLU A 98 -4.48 -4.36 6.36
N GLU A 99 -3.32 -4.28 7.01
CA GLU A 99 -2.92 -3.07 7.72
C GLU A 99 -2.79 -1.89 6.75
N LEU A 100 -2.32 -2.17 5.54
CA LEU A 100 -2.15 -1.15 4.53
C LEU A 100 -3.47 -0.44 4.24
N GLY A 101 -4.56 -1.20 4.28
CA GLY A 101 -5.87 -0.63 4.03
C GLY A 101 -6.21 0.51 4.98
N SER A 102 -5.92 0.31 6.26
CA SER A 102 -6.19 1.32 7.27
C SER A 102 -5.27 2.53 7.10
N LYS A 103 -4.00 2.25 6.78
CA LYS A 103 -3.03 3.31 6.59
C LYS A 103 -3.43 4.25 5.46
N LEU A 104 -3.79 3.66 4.32
CA LEU A 104 -4.20 4.44 3.16
C LEU A 104 -5.44 5.27 3.48
N ALA A 105 -6.19 4.85 4.50
CA ALA A 105 -7.39 5.57 4.91
C ALA A 105 -7.08 7.02 5.25
N GLN A 106 -6.07 7.22 6.08
CA GLN A 106 -5.66 8.57 6.48
C GLN A 106 -5.03 9.32 5.32
N LEU A 107 -4.31 8.59 4.48
CA LEU A 107 -3.64 9.20 3.33
C LEU A 107 -4.65 9.90 2.43
N PHE A 108 -5.90 9.46 2.49
CA PHE A 108 -6.96 10.06 1.69
C PHE A 108 -7.06 11.55 1.95
N ALA A 109 -6.73 11.96 3.17
CA ALA A 109 -6.78 13.37 3.55
C ALA A 109 -5.56 14.12 3.04
N GLY A 110 -5.50 14.32 1.73
CA GLY A 110 -4.37 15.04 1.14
C GLY A 110 -4.57 15.31 -0.33
N GLU A 111 -4.31 14.31 -1.17
CA GLU A 111 -4.46 14.46 -2.61
C GLU A 111 -4.24 13.12 -3.32
N ASN A 112 -4.17 13.17 -4.64
CA ASN A 112 -3.96 11.97 -5.44
C ASN A 112 -3.32 12.31 -6.78
N LEU A 113 -3.18 11.31 -7.64
CA LEU A 113 -2.58 11.49 -8.96
C LEU A 113 -2.55 10.18 -9.74
N TYR A 114 -3.53 10.00 -10.61
CA TYR A 114 -3.61 8.79 -11.42
C TYR A 114 -2.70 8.89 -12.64
N PHE A 115 -2.10 7.75 -13.02
CA PHE A 115 -1.20 7.70 -14.16
C PHE A 115 -0.74 6.28 -14.43
N GLN A 116 -0.77 5.88 -15.69
CA GLN A 116 -0.35 4.54 -16.08
C GLN A 116 -0.33 4.39 -17.61
N MET A 1 -2.79 12.99 -9.25
CA MET A 1 -3.06 13.32 -10.64
C MET A 1 -4.22 14.30 -10.75
N GLY A 2 -3.95 15.57 -10.42
CA GLY A 2 -4.98 16.58 -10.48
C GLY A 2 -4.55 17.91 -9.89
N TYR A 3 -5.46 18.87 -9.82
CA TYR A 3 -5.15 20.18 -9.28
C TYR A 3 -6.10 20.53 -8.13
N SER A 4 -6.37 19.54 -7.28
CA SER A 4 -7.26 19.74 -6.14
C SER A 4 -7.27 18.51 -5.24
N ASP A 5 -7.71 18.70 -4.00
CA ASP A 5 -7.75 17.61 -3.02
C ASP A 5 -8.79 16.57 -3.44
N GLU A 6 -9.79 17.00 -4.21
CA GLU A 6 -10.84 16.11 -4.66
C GLU A 6 -10.26 14.93 -5.44
N ASP A 7 -9.22 15.20 -6.21
CA ASP A 7 -8.56 14.16 -7.01
C ASP A 7 -7.98 13.08 -6.11
N ARG A 8 -7.55 13.47 -4.92
CA ARG A 8 -6.97 12.54 -3.96
C ARG A 8 -7.95 11.42 -3.63
N GLU A 9 -9.24 11.76 -3.58
CA GLU A 9 -10.29 10.79 -3.28
C GLU A 9 -10.42 9.76 -4.40
N ALA A 10 -10.18 10.21 -5.63
CA ALA A 10 -10.27 9.33 -6.80
C ALA A 10 -9.33 8.14 -6.65
N ASP A 11 -8.09 8.40 -6.27
CA ASP A 11 -7.10 7.35 -6.09
C ASP A 11 -7.44 6.47 -4.89
N ASN A 12 -7.84 7.10 -3.80
CA ASN A 12 -8.20 6.38 -2.58
C ASN A 12 -9.29 5.36 -2.85
N LEU A 13 -10.22 5.71 -3.73
CA LEU A 13 -11.32 4.82 -4.08
C LEU A 13 -10.80 3.48 -4.58
N ARG A 14 -9.66 3.51 -5.26
CA ARG A 14 -9.05 2.30 -5.79
C ARG A 14 -8.52 1.42 -4.66
N ILE A 15 -7.93 2.06 -3.66
CA ILE A 15 -7.37 1.34 -2.52
C ILE A 15 -8.46 0.53 -1.80
N ALA A 16 -9.58 1.20 -1.50
CA ALA A 16 -10.69 0.55 -0.83
C ALA A 16 -11.37 -0.47 -1.73
N GLU A 17 -11.40 -0.19 -3.03
CA GLU A 17 -12.02 -1.08 -4.00
C GLU A 17 -11.25 -2.38 -4.11
N ILE A 18 -9.92 -2.27 -4.21
CA ILE A 18 -9.07 -3.45 -4.33
C ILE A 18 -9.20 -4.34 -3.10
N ILE A 19 -9.32 -3.72 -1.93
CA ILE A 19 -9.45 -4.46 -0.68
C ILE A 19 -10.77 -5.24 -0.64
N LYS A 20 -11.82 -4.63 -1.16
CA LYS A 20 -13.13 -5.26 -1.19
C LYS A 20 -13.14 -6.44 -2.15
N ASN A 21 -12.34 -6.36 -3.20
CA ASN A 21 -12.26 -7.42 -4.19
C ASN A 21 -11.30 -8.52 -3.74
N ALA A 22 -10.10 -8.12 -3.31
CA ALA A 22 -9.10 -9.07 -2.85
C ALA A 22 -9.37 -9.50 -1.41
N GLN A 23 -10.19 -10.54 -1.26
CA GLN A 23 -10.53 -11.06 0.06
C GLN A 23 -9.49 -12.06 0.53
N ASP A 24 -8.25 -11.60 0.71
CA ASP A 24 -7.17 -12.46 1.16
C ASP A 24 -6.85 -13.52 0.12
N ASP A 25 -6.04 -14.50 0.52
CA ASP A 25 -5.65 -15.58 -0.37
C ASP A 25 -4.62 -15.11 -1.39
N ASP A 26 -4.35 -15.94 -2.40
CA ASP A 26 -3.39 -15.60 -3.44
C ASP A 26 -3.80 -14.32 -4.16
N SER A 27 -5.10 -14.14 -4.33
CA SER A 27 -5.62 -12.96 -5.01
C SER A 27 -5.20 -11.68 -4.30
N LYS A 28 -5.27 -11.70 -2.97
CA LYS A 28 -4.89 -10.54 -2.16
C LYS A 28 -3.40 -10.28 -2.27
N ILE A 29 -2.60 -11.34 -2.36
CA ILE A 29 -1.16 -11.21 -2.48
C ILE A 29 -0.76 -10.68 -3.85
N ASN A 30 -1.41 -11.19 -4.90
CA ASN A 30 -1.13 -10.76 -6.26
C ASN A 30 -1.66 -9.36 -6.51
N SER A 31 -2.77 -9.03 -5.86
CA SER A 31 -3.40 -7.71 -6.02
C SER A 31 -2.63 -6.65 -5.24
N THR A 32 -1.90 -7.09 -4.22
CA THR A 32 -1.12 -6.19 -3.38
C THR A 32 -0.16 -5.35 -4.23
N GLN A 33 0.38 -5.96 -5.28
CA GLN A 33 1.30 -5.27 -6.17
C GLN A 33 0.67 -4.01 -6.74
N GLU A 34 -0.58 -4.13 -7.17
CA GLU A 34 -1.30 -2.99 -7.74
C GLU A 34 -1.55 -1.92 -6.70
N LEU A 35 -1.72 -2.35 -5.45
CA LEU A 35 -1.98 -1.42 -4.35
C LEU A 35 -0.77 -0.51 -4.11
N LEU A 36 0.43 -1.09 -4.22
CA LEU A 36 1.66 -0.33 -4.03
C LEU A 36 1.76 0.80 -5.04
N ASP A 37 1.28 0.57 -6.25
CA ASP A 37 1.31 1.57 -7.30
C ASP A 37 0.56 2.83 -6.88
N ILE A 38 -0.54 2.64 -6.15
CA ILE A 38 -1.33 3.77 -5.68
C ILE A 38 -0.51 4.71 -4.80
N TYR A 39 0.60 4.20 -4.29
CA TYR A 39 1.49 4.98 -3.43
C TYR A 39 2.10 6.14 -4.21
N ARG A 40 2.57 5.84 -5.42
CA ARG A 40 3.19 6.86 -6.27
C ARG A 40 2.17 7.91 -6.70
N ARG A 41 0.90 7.51 -6.75
CA ARG A 41 -0.17 8.40 -7.15
C ARG A 41 -0.21 9.64 -6.26
N LEU A 42 0.08 9.44 -4.97
CA LEU A 42 0.08 10.54 -4.01
C LEU A 42 1.49 11.03 -3.74
N TYR A 43 2.33 11.00 -4.77
CA TYR A 43 3.72 11.43 -4.64
C TYR A 43 4.04 12.53 -5.65
N PRO A 44 3.01 13.29 -6.05
CA PRO A 44 3.15 14.39 -7.01
C PRO A 44 3.92 15.57 -6.43
N SER A 45 3.50 16.01 -5.24
CA SER A 45 4.16 17.14 -4.58
C SER A 45 3.75 17.22 -3.11
N LEU A 46 3.94 16.12 -2.39
CA LEU A 46 3.58 16.07 -0.97
C LEU A 46 4.65 16.73 -0.12
N THR A 47 4.23 17.35 0.98
CA THR A 47 5.14 18.02 1.88
C THR A 47 5.73 17.06 2.89
N PRO A 48 6.83 17.48 3.56
CA PRO A 48 7.51 16.66 4.57
C PRO A 48 6.69 16.49 5.83
N GLU A 49 5.95 17.53 6.19
CA GLU A 49 5.11 17.51 7.39
C GLU A 49 3.92 16.56 7.20
N GLU A 50 3.32 16.62 6.03
CA GLU A 50 2.17 15.77 5.72
C GLU A 50 2.59 14.32 5.56
N ARG A 51 3.67 14.10 4.81
CA ARG A 51 4.18 12.76 4.58
C ARG A 51 4.70 12.14 5.87
N GLU A 52 4.93 12.98 6.87
CA GLU A 52 5.43 12.52 8.16
C GLU A 52 4.50 11.47 8.76
N SER A 53 3.21 11.64 8.52
CA SER A 53 2.20 10.71 9.04
C SER A 53 2.35 9.34 8.39
N ILE A 54 2.36 9.33 7.06
CA ILE A 54 2.50 8.08 6.31
C ILE A 54 3.87 7.45 6.53
N ASP A 55 4.90 8.28 6.52
CA ASP A 55 6.27 7.79 6.73
C ASP A 55 6.39 7.09 8.08
N LYS A 56 5.91 7.74 9.13
CA LYS A 56 5.97 7.18 10.47
C LYS A 56 5.07 5.95 10.59
N PHE A 57 4.11 5.84 9.68
CA PHE A 57 3.18 4.71 9.68
C PHE A 57 3.49 3.76 8.52
N VAL A 58 4.76 3.59 8.20
CA VAL A 58 5.17 2.71 7.12
C VAL A 58 6.48 2.01 7.45
N ASN A 59 7.45 2.77 7.95
CA ASN A 59 8.75 2.20 8.31
C ASN A 59 8.68 1.51 9.67
N GLU A 60 7.97 2.12 10.60
CA GLU A 60 7.84 1.57 11.94
C GLU A 60 6.45 0.97 12.14
N HIS A 61 5.96 0.26 11.13
CA HIS A 61 4.64 -0.37 11.18
C HIS A 61 4.57 -1.58 10.26
N THR A 62 5.18 -1.46 9.09
CA THR A 62 5.19 -2.56 8.12
C THR A 62 6.59 -3.14 7.96
N ASP A 63 6.65 -4.41 7.57
CA ASP A 63 7.94 -5.09 7.38
C ASP A 63 8.14 -5.44 5.91
N ALA A 64 9.40 -5.72 5.54
CA ALA A 64 9.73 -6.07 4.17
C ALA A 64 9.41 -7.53 3.89
N ILE A 65 9.38 -7.88 2.60
CA ILE A 65 9.09 -9.25 2.20
C ILE A 65 10.31 -9.92 1.58
N ILE A 66 10.92 -10.84 2.35
CA ILE A 66 12.10 -11.55 1.88
C ILE A 66 11.71 -12.69 0.94
N ILE A 67 12.15 -12.59 -0.31
CA ILE A 67 11.86 -13.61 -1.30
C ILE A 67 13.12 -14.02 -2.05
N ASP A 68 13.36 -15.33 -2.13
CA ASP A 68 14.53 -15.85 -2.82
C ASP A 68 15.78 -15.06 -2.46
N GLY A 69 15.89 -14.69 -1.19
CA GLY A 69 17.04 -13.93 -0.74
C GLY A 69 17.06 -12.52 -1.29
N VAL A 70 15.90 -11.87 -1.29
CA VAL A 70 15.79 -10.51 -1.80
C VAL A 70 14.79 -9.71 -0.99
N PRO A 71 15.24 -9.13 0.13
CA PRO A 71 14.39 -8.32 1.01
C PRO A 71 14.00 -7.00 0.37
N ILE A 72 12.73 -6.62 0.54
CA ILE A 72 12.23 -5.37 -0.02
C ILE A 72 12.08 -4.30 1.06
N GLN A 73 13.22 -3.90 1.64
CA GLN A 73 13.23 -2.88 2.67
C GLN A 73 12.41 -1.66 2.25
N GLY A 74 11.65 -1.11 3.20
CA GLY A 74 10.84 0.07 2.91
C GLY A 74 9.36 -0.25 2.90
N GLY A 75 8.98 -1.33 3.59
CA GLY A 75 7.58 -1.72 3.65
C GLY A 75 6.95 -1.81 2.26
N ARG A 76 7.70 -2.34 1.30
CA ARG A 76 7.20 -2.47 -0.06
C ARG A 76 7.21 -3.93 -0.51
N LYS A 77 6.32 -4.26 -1.44
CA LYS A 77 6.24 -5.63 -1.95
C LYS A 77 6.73 -5.70 -3.40
N ALA A 78 7.59 -6.67 -3.68
CA ALA A 78 8.13 -6.85 -5.02
C ALA A 78 7.35 -7.92 -5.79
N ARG A 79 7.51 -7.93 -7.11
CA ARG A 79 6.82 -8.89 -7.96
C ARG A 79 7.52 -10.25 -7.92
N ILE A 80 6.80 -11.26 -7.43
CA ILE A 80 7.35 -12.61 -7.35
C ILE A 80 6.55 -13.59 -8.19
N VAL A 81 7.01 -13.86 -9.40
CA VAL A 81 6.32 -14.77 -10.30
C VAL A 81 6.75 -16.22 -10.03
N GLY A 82 6.64 -16.63 -8.77
CA GLY A 82 7.01 -17.99 -8.40
C GLY A 82 8.49 -18.12 -8.13
N LYS A 83 8.87 -18.12 -6.86
CA LYS A 83 10.27 -18.24 -6.47
C LYS A 83 10.44 -19.29 -5.38
N ILE A 84 11.67 -19.46 -4.91
CA ILE A 84 11.97 -20.44 -3.87
C ILE A 84 11.80 -19.81 -2.48
N VAL A 85 10.65 -19.21 -2.24
CA VAL A 85 10.37 -18.58 -0.95
C VAL A 85 9.72 -19.55 0.01
N SER A 86 9.78 -19.25 1.30
CA SER A 86 9.21 -20.11 2.33
C SER A 86 7.73 -19.76 2.56
N PRO A 87 7.02 -20.66 3.23
CA PRO A 87 5.59 -20.47 3.53
C PRO A 87 5.36 -19.37 4.56
N GLY A 88 6.45 -18.84 5.12
CA GLY A 88 6.33 -17.78 6.11
C GLY A 88 6.29 -16.40 5.48
N VAL A 89 6.81 -16.29 4.26
CA VAL A 89 6.82 -15.02 3.55
C VAL A 89 5.53 -14.81 2.77
N LYS A 90 5.00 -15.89 2.22
CA LYS A 90 3.76 -15.83 1.45
C LYS A 90 2.68 -15.06 2.21
N GLY A 91 2.67 -15.22 3.53
CA GLY A 91 1.69 -14.54 4.35
C GLY A 91 1.98 -13.06 4.48
N LEU A 92 3.25 -12.70 4.53
CA LEU A 92 3.66 -11.31 4.65
C LEU A 92 3.05 -10.46 3.54
N ALA A 93 2.92 -11.05 2.34
CA ALA A 93 2.35 -10.37 1.20
C ALA A 93 0.89 -10.02 1.44
N THR A 94 0.16 -10.95 2.03
CA THR A 94 -1.26 -10.74 2.32
C THR A 94 -1.45 -9.72 3.44
N GLY A 95 -0.71 -9.90 4.53
CA GLY A 95 -0.81 -8.98 5.65
C GLY A 95 -0.44 -7.55 5.27
N PHE A 96 0.53 -7.41 4.37
CA PHE A 96 0.97 -6.09 3.94
C PHE A 96 -0.09 -5.42 3.08
N PHE A 97 -0.88 -6.24 2.38
CA PHE A 97 -1.94 -5.73 1.51
C PHE A 97 -2.93 -4.90 2.30
N GLU A 98 -3.39 -5.44 3.43
CA GLU A 98 -4.35 -4.75 4.29
C GLU A 98 -3.71 -3.51 4.91
N GLU A 99 -2.46 -3.64 5.33
CA GLU A 99 -1.74 -2.53 5.96
C GLU A 99 -1.51 -1.40 4.95
N LEU A 100 -1.18 -1.76 3.72
CA LEU A 100 -0.93 -0.78 2.67
C LEU A 100 -2.15 0.10 2.46
N GLY A 101 -3.33 -0.52 2.45
CA GLY A 101 -4.56 0.23 2.25
C GLY A 101 -4.75 1.32 3.29
N SER A 102 -4.48 0.99 4.55
CA SER A 102 -4.64 1.95 5.64
C SER A 102 -3.57 3.02 5.56
N LYS A 103 -2.36 2.62 5.17
CA LYS A 103 -1.25 3.56 5.05
C LYS A 103 -1.58 4.69 4.09
N LEU A 104 -2.08 4.33 2.91
CA LEU A 104 -2.45 5.32 1.90
C LEU A 104 -3.66 6.12 2.34
N ALA A 105 -4.56 5.48 3.08
CA ALA A 105 -5.77 6.14 3.57
C ALA A 105 -5.42 7.34 4.43
N GLN A 106 -4.32 7.23 5.18
CA GLN A 106 -3.89 8.32 6.05
C GLN A 106 -3.43 9.53 5.24
N LEU A 107 -2.56 9.29 4.27
CA LEU A 107 -2.04 10.36 3.43
C LEU A 107 -3.14 10.91 2.52
N PHE A 108 -4.04 10.04 2.09
CA PHE A 108 -5.15 10.43 1.22
C PHE A 108 -6.18 11.23 1.99
N ALA A 109 -6.56 10.72 3.17
CA ALA A 109 -7.54 11.39 4.01
C ALA A 109 -7.78 10.62 5.30
N GLY A 110 -6.75 10.57 6.15
CA GLY A 110 -6.86 9.86 7.41
C GLY A 110 -7.45 8.47 7.24
N GLU A 111 -8.72 8.33 7.57
CA GLU A 111 -9.40 7.04 7.47
C GLU A 111 -10.91 7.22 7.37
N ASN A 112 -11.33 8.19 6.55
CA ASN A 112 -12.75 8.46 6.37
C ASN A 112 -13.02 9.13 5.04
N LEU A 113 -14.29 9.41 4.75
CA LEU A 113 -14.66 10.05 3.50
C LEU A 113 -14.46 11.57 3.58
N TYR A 114 -14.46 12.22 2.42
CA TYR A 114 -14.28 13.66 2.37
C TYR A 114 -15.59 14.39 2.63
N PHE A 115 -15.52 15.44 3.44
CA PHE A 115 -16.70 16.22 3.79
C PHE A 115 -16.32 17.44 4.63
N GLN A 116 -16.50 18.62 4.07
CA GLN A 116 -16.18 19.86 4.76
C GLN A 116 -17.39 20.37 5.54
N MET A 1 -2.68 9.80 -9.79
CA MET A 1 -3.55 10.06 -10.92
C MET A 1 -4.56 11.15 -10.59
N GLY A 2 -4.09 12.40 -10.51
CA GLY A 2 -4.95 13.51 -10.20
C GLY A 2 -4.26 14.86 -10.35
N TYR A 3 -5.04 15.93 -10.31
CA TYR A 3 -4.49 17.27 -10.45
C TYR A 3 -5.36 18.29 -9.72
N SER A 4 -5.79 17.93 -8.51
CA SER A 4 -6.63 18.82 -7.70
C SER A 4 -6.89 18.21 -6.33
N ASP A 5 -7.55 18.98 -5.48
CA ASP A 5 -7.87 18.52 -4.12
C ASP A 5 -8.88 17.38 -4.17
N GLU A 6 -9.85 17.49 -5.07
CA GLU A 6 -10.88 16.46 -5.20
C GLU A 6 -10.32 15.22 -5.90
N ASP A 7 -9.36 15.44 -6.79
CA ASP A 7 -8.74 14.34 -7.53
C ASP A 7 -8.05 13.36 -6.57
N ARG A 8 -7.54 13.89 -5.46
CA ARG A 8 -6.86 13.06 -4.47
C ARG A 8 -7.78 11.98 -3.94
N GLU A 9 -9.05 12.30 -3.80
CA GLU A 9 -10.05 11.35 -3.31
C GLU A 9 -10.27 10.23 -4.32
N ALA A 10 -10.16 10.56 -5.59
CA ALA A 10 -10.35 9.58 -6.66
C ALA A 10 -9.39 8.40 -6.50
N ASP A 11 -8.12 8.71 -6.27
CA ASP A 11 -7.11 7.68 -6.10
C ASP A 11 -7.29 6.94 -4.79
N ASN A 12 -7.72 7.67 -3.76
CA ASN A 12 -7.94 7.08 -2.44
C ASN A 12 -8.97 5.96 -2.51
N LEU A 13 -9.99 6.15 -3.35
CA LEU A 13 -11.05 5.15 -3.51
C LEU A 13 -10.46 3.80 -3.89
N ARG A 14 -9.37 3.82 -4.64
CA ARG A 14 -8.72 2.59 -5.07
C ARG A 14 -8.20 1.81 -3.87
N ILE A 15 -7.55 2.50 -2.94
CA ILE A 15 -7.01 1.86 -1.75
C ILE A 15 -8.12 1.21 -0.93
N ALA A 16 -9.17 1.98 -0.66
CA ALA A 16 -10.31 1.48 0.11
C ALA A 16 -11.08 0.41 -0.66
N GLU A 17 -11.13 0.56 -1.98
CA GLU A 17 -11.83 -0.39 -2.83
C GLU A 17 -11.14 -1.76 -2.80
N ILE A 18 -9.82 -1.75 -2.97
CA ILE A 18 -9.04 -2.99 -2.97
C ILE A 18 -9.01 -3.60 -1.57
N ILE A 19 -8.91 -2.75 -0.55
CA ILE A 19 -8.87 -3.21 0.83
C ILE A 19 -10.06 -4.08 1.15
N LYS A 20 -11.20 -3.78 0.54
CA LYS A 20 -12.42 -4.54 0.75
C LYS A 20 -12.31 -5.95 0.17
N ASN A 21 -11.65 -6.04 -0.99
CA ASN A 21 -11.48 -7.32 -1.66
C ASN A 21 -10.32 -8.11 -1.03
N ALA A 22 -9.42 -7.40 -0.37
CA ALA A 22 -8.28 -8.03 0.29
C ALA A 22 -8.62 -8.40 1.73
N GLN A 23 -8.75 -9.71 1.98
CA GLN A 23 -9.07 -10.19 3.32
C GLN A 23 -7.95 -11.10 3.84
N ASP A 24 -6.72 -10.65 3.71
CA ASP A 24 -5.57 -11.43 4.17
C ASP A 24 -5.42 -12.72 3.37
N ASP A 25 -5.40 -12.59 2.04
CA ASP A 25 -5.27 -13.76 1.16
C ASP A 25 -4.59 -13.36 -0.14
N ASP A 26 -4.80 -14.18 -1.18
CA ASP A 26 -4.20 -13.92 -2.48
C ASP A 26 -4.60 -12.55 -3.00
N SER A 27 -5.84 -12.15 -2.71
CA SER A 27 -6.34 -10.85 -3.15
C SER A 27 -5.51 -9.71 -2.58
N LYS A 28 -5.17 -9.82 -1.30
CA LYS A 28 -4.37 -8.80 -0.64
C LYS A 28 -2.96 -8.75 -1.22
N ILE A 29 -2.31 -9.91 -1.30
CA ILE A 29 -0.96 -9.99 -1.85
C ILE A 29 -0.90 -9.42 -3.26
N ASN A 30 -1.90 -9.76 -4.07
CA ASN A 30 -1.96 -9.28 -5.45
C ASN A 30 -2.31 -7.80 -5.49
N SER A 31 -3.14 -7.36 -4.53
CA SER A 31 -3.55 -5.97 -4.46
C SER A 31 -2.44 -5.09 -3.91
N THR A 32 -1.48 -5.71 -3.24
CA THR A 32 -0.36 -5.00 -2.66
C THR A 32 0.35 -4.15 -3.71
N GLN A 33 0.64 -4.76 -4.85
CA GLN A 33 1.33 -4.06 -5.93
C GLN A 33 0.54 -2.83 -6.38
N GLU A 34 -0.77 -3.00 -6.50
CA GLU A 34 -1.64 -1.90 -6.93
C GLU A 34 -1.68 -0.80 -5.86
N LEU A 35 -1.94 -1.20 -4.62
CA LEU A 35 -2.00 -0.24 -3.52
C LEU A 35 -0.65 0.46 -3.33
N LEU A 36 0.43 -0.28 -3.50
CA LEU A 36 1.77 0.27 -3.35
C LEU A 36 2.00 1.40 -4.36
N ASP A 37 1.43 1.27 -5.54
CA ASP A 37 1.58 2.28 -6.59
C ASP A 37 1.05 3.62 -6.11
N ILE A 38 -0.04 3.60 -5.34
CA ILE A 38 -0.63 4.81 -4.81
C ILE A 38 0.31 5.51 -3.83
N TYR A 39 1.25 4.75 -3.28
CA TYR A 39 2.21 5.29 -2.32
C TYR A 39 3.10 6.34 -2.98
N ARG A 40 3.67 5.99 -4.12
CA ARG A 40 4.55 6.90 -4.86
C ARG A 40 3.76 8.09 -5.40
N ARG A 41 2.47 7.88 -5.64
CA ARG A 41 1.61 8.94 -6.15
C ARG A 41 1.61 10.15 -5.22
N LEU A 42 1.75 9.89 -3.93
CA LEU A 42 1.77 10.95 -2.93
C LEU A 42 3.19 11.27 -2.49
N TYR A 43 4.13 11.18 -3.43
CA TYR A 43 5.53 11.46 -3.15
C TYR A 43 6.07 12.54 -4.08
N PRO A 44 5.17 13.41 -4.55
CA PRO A 44 5.54 14.51 -5.46
C PRO A 44 6.35 15.59 -4.75
N SER A 45 5.88 16.01 -3.58
CA SER A 45 6.58 17.04 -2.80
C SER A 45 6.02 17.12 -1.38
N LEU A 46 5.98 15.97 -0.70
CA LEU A 46 5.46 15.90 0.65
C LEU A 46 6.52 16.38 1.65
N THR A 47 6.07 16.85 2.82
CA THR A 47 6.96 17.34 3.84
C THR A 47 7.56 16.19 4.64
N PRO A 48 8.76 16.42 5.22
CA PRO A 48 9.47 15.41 6.01
C PRO A 48 8.76 15.12 7.34
N GLU A 49 8.06 16.12 7.86
CA GLU A 49 7.35 15.97 9.12
C GLU A 49 6.16 15.02 8.96
N GLU A 50 5.47 15.12 7.83
CA GLU A 50 4.32 14.27 7.57
C GLU A 50 4.74 12.84 7.32
N ARG A 51 5.77 12.66 6.51
CA ARG A 51 6.28 11.33 6.17
C ARG A 51 6.70 10.59 7.44
N GLU A 52 6.89 11.34 8.53
CA GLU A 52 7.30 10.75 9.80
C GLU A 52 6.27 9.73 10.28
N SER A 53 5.00 10.02 10.01
CA SER A 53 3.92 9.12 10.42
C SER A 53 3.96 7.82 9.63
N ILE A 54 4.00 7.93 8.31
CA ILE A 54 4.05 6.76 7.44
C ILE A 54 5.38 6.03 7.58
N ASP A 55 6.47 6.80 7.58
CA ASP A 55 7.81 6.22 7.70
C ASP A 55 7.95 5.45 9.00
N LYS A 56 7.36 5.98 10.07
CA LYS A 56 7.42 5.35 11.38
C LYS A 56 6.59 4.07 11.40
N PHE A 57 5.53 4.05 10.61
CA PHE A 57 4.65 2.88 10.54
C PHE A 57 4.83 2.16 9.21
N VAL A 58 6.06 2.11 8.72
CA VAL A 58 6.36 1.44 7.46
C VAL A 58 7.82 0.98 7.42
N ASN A 59 8.72 1.88 7.79
CA ASN A 59 10.15 1.57 7.79
C ASN A 59 10.49 0.60 8.93
N GLU A 60 10.27 1.03 10.16
CA GLU A 60 10.56 0.20 11.33
C GLU A 60 9.29 -0.44 11.86
N HIS A 61 8.42 -0.89 10.94
CA HIS A 61 7.17 -1.53 11.32
C HIS A 61 6.86 -2.70 10.39
N THR A 62 7.21 -2.55 9.12
CA THR A 62 6.96 -3.59 8.13
C THR A 62 8.28 -4.21 7.66
N ASP A 63 8.17 -5.31 6.90
CA ASP A 63 9.35 -5.99 6.38
C ASP A 63 9.24 -6.20 4.88
N ALA A 64 10.37 -6.46 4.23
CA ALA A 64 10.39 -6.68 2.79
C ALA A 64 9.95 -8.10 2.44
N ILE A 65 9.64 -8.32 1.17
CA ILE A 65 9.20 -9.63 0.69
C ILE A 65 10.35 -10.41 0.06
N ILE A 66 10.96 -11.29 0.85
CA ILE A 66 12.07 -12.10 0.35
C ILE A 66 11.57 -13.28 -0.47
N ILE A 67 11.93 -13.28 -1.76
CA ILE A 67 11.53 -14.35 -2.66
C ILE A 67 12.64 -14.71 -3.63
N ASP A 68 12.99 -15.99 -3.70
CA ASP A 68 14.04 -16.45 -4.59
C ASP A 68 15.26 -15.55 -4.50
N GLY A 69 15.59 -15.11 -3.29
CA GLY A 69 16.74 -14.26 -3.09
C GLY A 69 16.55 -12.88 -3.71
N VAL A 70 15.38 -12.29 -3.48
CA VAL A 70 15.08 -10.97 -4.01
C VAL A 70 14.32 -10.12 -2.99
N PRO A 71 15.02 -9.75 -1.91
CA PRO A 71 14.44 -8.93 -0.83
C PRO A 71 14.17 -7.50 -1.29
N ILE A 72 13.02 -6.96 -0.88
CA ILE A 72 12.64 -5.61 -1.24
C ILE A 72 12.83 -4.65 -0.07
N GLN A 73 14.08 -4.42 0.31
CA GLN A 73 14.41 -3.53 1.41
C GLN A 73 13.63 -2.23 1.30
N GLY A 74 13.30 -1.65 2.45
CA GLY A 74 12.55 -0.40 2.45
C GLY A 74 11.06 -0.62 2.59
N GLY A 75 10.68 -1.79 3.10
CA GLY A 75 9.27 -2.09 3.26
C GLY A 75 8.47 -1.89 1.99
N ARG A 76 9.16 -1.92 0.85
CA ARG A 76 8.50 -1.72 -0.44
C ARG A 76 7.97 -3.05 -0.98
N LYS A 77 6.93 -2.96 -1.80
CA LYS A 77 6.33 -4.16 -2.39
C LYS A 77 6.60 -4.22 -3.89
N ALA A 78 7.31 -5.25 -4.31
CA ALA A 78 7.63 -5.43 -5.72
C ALA A 78 6.88 -6.62 -6.31
N ARG A 79 6.83 -6.68 -7.64
CA ARG A 79 6.14 -7.75 -8.33
C ARG A 79 7.00 -9.02 -8.37
N ILE A 80 6.82 -9.88 -7.36
CA ILE A 80 7.59 -11.12 -7.29
C ILE A 80 6.66 -12.32 -7.15
N VAL A 81 6.20 -12.85 -8.29
CA VAL A 81 5.31 -14.00 -8.30
C VAL A 81 5.82 -15.07 -9.25
N GLY A 82 5.12 -16.20 -9.29
CA GLY A 82 5.51 -17.28 -10.16
C GLY A 82 6.92 -17.78 -9.88
N LYS A 83 7.21 -18.02 -8.61
CA LYS A 83 8.53 -18.50 -8.21
C LYS A 83 8.45 -19.33 -6.93
N ILE A 84 9.59 -19.54 -6.29
CA ILE A 84 9.65 -20.30 -5.06
C ILE A 84 9.19 -19.47 -3.87
N VAL A 85 7.95 -18.98 -3.94
CA VAL A 85 7.39 -18.17 -2.88
C VAL A 85 6.77 -19.04 -1.78
N SER A 86 6.98 -18.65 -0.53
CA SER A 86 6.45 -19.40 0.60
C SER A 86 5.31 -18.64 1.27
N PRO A 87 4.51 -19.36 2.07
CA PRO A 87 3.37 -18.79 2.79
C PRO A 87 3.80 -17.84 3.90
N GLY A 88 5.09 -17.87 4.23
CA GLY A 88 5.61 -17.02 5.28
C GLY A 88 6.05 -15.66 4.76
N VAL A 89 6.42 -15.61 3.49
CA VAL A 89 6.86 -14.37 2.87
C VAL A 89 5.71 -13.67 2.16
N LYS A 90 4.88 -14.44 1.47
CA LYS A 90 3.74 -13.89 0.75
C LYS A 90 2.71 -13.31 1.72
N GLY A 91 2.50 -14.01 2.85
CA GLY A 91 1.55 -13.54 3.84
C GLY A 91 1.95 -12.21 4.44
N LEU A 92 3.25 -11.98 4.56
CA LEU A 92 3.76 -10.74 5.14
C LEU A 92 3.20 -9.53 4.40
N ALA A 93 3.01 -9.67 3.09
CA ALA A 93 2.48 -8.60 2.27
C ALA A 93 1.09 -8.18 2.75
N THR A 94 0.28 -9.15 3.15
CA THR A 94 -1.06 -8.89 3.63
C THR A 94 -1.04 -8.21 4.99
N GLY A 95 -0.07 -8.60 5.83
CA GLY A 95 0.04 -8.02 7.15
C GLY A 95 0.26 -6.52 7.12
N PHE A 96 1.14 -6.08 6.22
CA PHE A 96 1.44 -4.66 6.09
C PHE A 96 0.45 -3.98 5.14
N PHE A 97 -0.11 -4.77 4.23
CA PHE A 97 -1.08 -4.24 3.27
C PHE A 97 -2.27 -3.60 3.98
N GLU A 98 -2.73 -4.25 5.04
CA GLU A 98 -3.86 -3.74 5.80
C GLU A 98 -3.54 -2.37 6.40
N GLU A 99 -2.40 -2.27 7.06
CA GLU A 99 -1.98 -1.02 7.68
C GLU A 99 -1.66 0.03 6.63
N LEU A 100 -1.08 -0.41 5.52
CA LEU A 100 -0.73 0.50 4.42
C LEU A 100 -1.96 1.24 3.91
N GLY A 101 -3.05 0.50 3.70
CA GLY A 101 -4.27 1.11 3.23
C GLY A 101 -4.80 2.19 4.16
N SER A 102 -4.66 1.96 5.47
CA SER A 102 -5.12 2.90 6.46
C SER A 102 -4.28 4.17 6.45
N LYS A 103 -2.96 4.00 6.39
CA LYS A 103 -2.04 5.14 6.36
C LYS A 103 -2.16 5.90 5.05
N LEU A 104 -2.38 5.17 3.96
CA LEU A 104 -2.51 5.77 2.64
C LEU A 104 -3.79 6.58 2.54
N ALA A 105 -4.77 6.23 3.37
CA ALA A 105 -6.05 6.92 3.38
C ALA A 105 -5.91 8.33 3.95
N GLN A 106 -5.28 8.43 5.11
CA GLN A 106 -5.09 9.72 5.77
C GLN A 106 -4.08 10.57 5.00
N LEU A 107 -3.06 9.92 4.45
CA LEU A 107 -2.02 10.61 3.69
C LEU A 107 -2.63 11.36 2.51
N PHE A 108 -3.51 10.70 1.78
CA PHE A 108 -4.17 11.30 0.63
C PHE A 108 -5.12 12.40 1.06
N ALA A 109 -5.95 12.10 2.05
CA ALA A 109 -6.93 13.07 2.56
C ALA A 109 -7.63 12.54 3.80
N GLY A 110 -8.66 13.26 4.25
CA GLY A 110 -9.39 12.84 5.42
C GLY A 110 -10.89 12.83 5.19
N GLU A 111 -11.30 12.43 3.99
CA GLU A 111 -12.71 12.37 3.64
C GLU A 111 -13.20 10.93 3.58
N ASN A 112 -14.44 10.75 3.14
CA ASN A 112 -15.03 9.41 3.05
C ASN A 112 -15.65 9.20 1.67
N LEU A 113 -16.17 7.99 1.45
CA LEU A 113 -16.80 7.66 0.18
C LEU A 113 -18.31 7.57 0.32
N TYR A 114 -19.02 7.98 -0.72
CA TYR A 114 -20.47 7.94 -0.71
C TYR A 114 -21.04 8.11 -2.13
N PHE A 115 -20.65 7.22 -3.02
CA PHE A 115 -21.11 7.27 -4.41
C PHE A 115 -21.22 5.86 -4.99
N GLN A 116 -21.58 5.79 -6.28
CA GLN A 116 -21.72 4.51 -6.96
C GLN A 116 -20.36 3.99 -7.42
N MET A 1 0.18 16.28 -14.53
CA MET A 1 -1.07 16.83 -15.06
C MET A 1 -1.86 17.53 -13.95
N GLY A 2 -1.15 18.23 -13.08
CA GLY A 2 -1.81 18.94 -11.99
C GLY A 2 -2.43 18.00 -10.98
N TYR A 3 -2.53 18.45 -9.73
CA TYR A 3 -3.12 17.63 -8.67
C TYR A 3 -3.87 18.51 -7.67
N SER A 4 -5.16 18.70 -7.93
CA SER A 4 -6.00 19.53 -7.05
C SER A 4 -6.67 18.66 -5.99
N ASP A 5 -7.60 19.26 -5.25
CA ASP A 5 -8.32 18.55 -4.21
C ASP A 5 -9.19 17.45 -4.79
N GLU A 6 -9.85 17.75 -5.91
CA GLU A 6 -10.72 16.79 -6.58
C GLU A 6 -9.89 15.69 -7.27
N ASP A 7 -8.71 16.06 -7.73
CA ASP A 7 -7.82 15.12 -8.40
C ASP A 7 -7.42 13.98 -7.46
N ARG A 8 -7.31 14.30 -6.18
CA ARG A 8 -6.93 13.30 -5.18
C ARG A 8 -7.92 12.13 -5.18
N GLU A 9 -9.20 12.44 -5.38
CA GLU A 9 -10.24 11.42 -5.40
C GLU A 9 -9.97 10.39 -6.49
N ALA A 10 -9.39 10.85 -7.59
CA ALA A 10 -9.08 9.97 -8.72
C ALA A 10 -8.17 8.82 -8.28
N ASP A 11 -7.12 9.15 -7.53
CA ASP A 11 -6.18 8.15 -7.05
C ASP A 11 -6.82 7.27 -5.98
N ASN A 12 -7.62 7.88 -5.11
CA ASN A 12 -8.29 7.15 -4.05
C ASN A 12 -9.31 6.17 -4.62
N LEU A 13 -9.98 6.58 -5.69
CA LEU A 13 -10.99 5.74 -6.33
C LEU A 13 -10.40 4.38 -6.71
N ARG A 14 -9.15 4.40 -7.17
CA ARG A 14 -8.47 3.17 -7.57
C ARG A 14 -8.18 2.29 -6.35
N ILE A 15 -7.77 2.93 -5.26
CA ILE A 15 -7.46 2.20 -4.03
C ILE A 15 -8.69 1.44 -3.52
N ALA A 16 -9.81 2.12 -3.44
CA ALA A 16 -11.05 1.50 -2.97
C ALA A 16 -11.59 0.52 -4.00
N GLU A 17 -11.38 0.83 -5.28
CA GLU A 17 -11.85 -0.03 -6.35
C GLU A 17 -11.18 -1.41 -6.29
N ILE A 18 -9.86 -1.41 -6.12
CA ILE A 18 -9.10 -2.64 -6.03
C ILE A 18 -9.55 -3.49 -4.85
N ILE A 19 -9.85 -2.83 -3.74
CA ILE A 19 -10.29 -3.53 -2.54
C ILE A 19 -11.67 -4.14 -2.72
N LYS A 20 -12.53 -3.43 -3.44
CA LYS A 20 -13.88 -3.91 -3.71
C LYS A 20 -13.86 -5.11 -4.64
N ASN A 21 -13.06 -5.03 -5.70
CA ASN A 21 -12.94 -6.11 -6.66
C ASN A 21 -12.02 -7.21 -6.14
N ALA A 22 -11.21 -6.87 -5.14
CA ALA A 22 -10.28 -7.83 -4.55
C ALA A 22 -10.20 -7.64 -3.04
N GLN A 23 -11.24 -8.06 -2.34
CA GLN A 23 -11.28 -7.94 -0.88
C GLN A 23 -10.12 -8.70 -0.25
N ASP A 24 -10.22 -8.92 1.06
CA ASP A 24 -9.17 -9.63 1.79
C ASP A 24 -8.95 -11.02 1.21
N ASP A 25 -8.28 -11.88 1.97
CA ASP A 25 -8.00 -13.24 1.53
C ASP A 25 -6.88 -13.26 0.49
N ASP A 26 -6.72 -14.39 -0.17
CA ASP A 26 -5.69 -14.54 -1.19
C ASP A 26 -5.85 -13.49 -2.29
N SER A 27 -7.10 -13.15 -2.58
CA SER A 27 -7.39 -12.16 -3.61
C SER A 27 -6.72 -10.82 -3.29
N LYS A 28 -6.65 -10.50 -2.01
CA LYS A 28 -6.03 -9.26 -1.56
C LYS A 28 -4.54 -9.26 -1.85
N ILE A 29 -3.92 -10.43 -1.72
CA ILE A 29 -2.48 -10.57 -1.96
C ILE A 29 -2.11 -10.09 -3.36
N ASN A 30 -2.87 -10.53 -4.36
CA ASN A 30 -2.62 -10.15 -5.74
C ASN A 30 -2.82 -8.64 -5.93
N SER A 31 -3.95 -8.13 -5.45
CA SER A 31 -4.26 -6.72 -5.56
C SER A 31 -3.20 -5.87 -4.86
N THR A 32 -2.45 -6.51 -3.96
CA THR A 32 -1.42 -5.82 -3.21
C THR A 32 -0.44 -5.11 -4.14
N GLN A 33 -0.12 -5.75 -5.25
CA GLN A 33 0.81 -5.18 -6.23
C GLN A 33 0.22 -3.92 -6.85
N GLU A 34 -1.06 -3.97 -7.21
CA GLU A 34 -1.73 -2.84 -7.82
C GLU A 34 -1.85 -1.68 -6.83
N LEU A 35 -2.26 -1.99 -5.61
CA LEU A 35 -2.42 -0.98 -4.57
C LEU A 35 -1.12 -0.22 -4.36
N LEU A 36 0.00 -0.94 -4.37
CA LEU A 36 1.31 -0.32 -4.18
C LEU A 36 1.59 0.70 -5.27
N ASP A 37 1.13 0.41 -6.48
CA ASP A 37 1.33 1.30 -7.62
C ASP A 37 0.69 2.67 -7.35
N ILE A 38 -0.47 2.65 -6.70
CA ILE A 38 -1.19 3.89 -6.39
C ILE A 38 -0.33 4.80 -5.52
N TYR A 39 0.66 4.23 -4.85
CA TYR A 39 1.54 5.00 -3.97
C TYR A 39 2.29 6.06 -4.78
N ARG A 40 2.89 5.64 -5.88
CA ARG A 40 3.64 6.55 -6.73
C ARG A 40 2.72 7.58 -7.38
N ARG A 41 1.46 7.21 -7.56
CA ARG A 41 0.48 8.10 -8.17
C ARG A 41 0.35 9.40 -7.38
N LEU A 42 0.47 9.29 -6.06
CA LEU A 42 0.37 10.45 -5.19
C LEU A 42 1.76 10.93 -4.75
N TYR A 43 2.73 10.81 -5.65
CA TYR A 43 4.09 11.22 -5.35
C TYR A 43 4.58 12.24 -6.38
N PRO A 44 3.64 12.99 -6.96
CA PRO A 44 3.95 14.03 -7.96
C PRO A 44 4.66 15.22 -7.35
N SER A 45 4.11 15.76 -6.27
CA SER A 45 4.69 16.90 -5.59
C SER A 45 4.29 16.93 -4.12
N LEU A 46 4.70 15.91 -3.38
CA LEU A 46 4.39 15.82 -1.96
C LEU A 46 5.32 16.70 -1.13
N THR A 47 4.79 17.30 -0.07
CA THR A 47 5.57 18.16 0.80
C THR A 47 6.31 17.35 1.85
N PRO A 48 7.33 17.98 2.46
CA PRO A 48 8.14 17.34 3.50
C PRO A 48 7.36 17.13 4.80
N GLU A 49 6.62 18.15 5.21
CA GLU A 49 5.83 18.09 6.42
C GLU A 49 4.67 17.11 6.27
N GLU A 50 4.09 17.08 5.07
CA GLU A 50 2.97 16.19 4.79
C GLU A 50 3.42 14.73 4.76
N ARG A 51 4.56 14.48 4.15
CA ARG A 51 5.09 13.12 4.05
C ARG A 51 5.35 12.55 5.45
N GLU A 52 5.42 13.42 6.44
CA GLU A 52 5.66 13.00 7.81
C GLU A 52 4.54 12.09 8.30
N SER A 53 3.31 12.38 7.86
CA SER A 53 2.15 11.58 8.26
C SER A 53 2.20 10.19 7.65
N ILE A 54 2.38 10.14 6.34
CA ILE A 54 2.46 8.87 5.63
C ILE A 54 3.68 8.06 6.06
N ASP A 55 4.80 8.75 6.22
CA ASP A 55 6.04 8.10 6.64
C ASP A 55 5.89 7.50 8.04
N LYS A 56 5.39 8.29 8.98
CA LYS A 56 5.20 7.84 10.35
C LYS A 56 4.13 6.76 10.41
N PHE A 57 3.30 6.69 9.38
CA PHE A 57 2.24 5.69 9.33
C PHE A 57 2.52 4.63 8.26
N VAL A 58 3.80 4.29 8.11
CA VAL A 58 4.20 3.30 7.13
C VAL A 58 5.52 2.63 7.53
N ASN A 59 6.49 3.44 7.93
CA ASN A 59 7.79 2.93 8.34
C ASN A 59 7.66 2.06 9.59
N GLU A 60 7.33 2.69 10.71
CA GLU A 60 7.18 1.98 11.97
C GLU A 60 5.72 1.65 12.24
N HIS A 61 5.02 1.20 11.20
CA HIS A 61 3.61 0.86 11.32
C HIS A 61 3.29 -0.39 10.49
N THR A 62 3.94 -0.52 9.34
CA THR A 62 3.72 -1.66 8.46
C THR A 62 4.95 -2.57 8.43
N ASP A 63 4.79 -3.75 7.84
CA ASP A 63 5.88 -4.71 7.75
C ASP A 63 6.29 -4.92 6.29
N ALA A 64 7.48 -5.46 6.09
CA ALA A 64 7.99 -5.71 4.74
C ALA A 64 7.86 -7.18 4.38
N ILE A 65 8.01 -7.48 3.08
CA ILE A 65 7.89 -8.86 2.60
C ILE A 65 9.28 -9.47 2.37
N ILE A 66 9.69 -10.33 3.29
CA ILE A 66 10.99 -10.98 3.18
C ILE A 66 10.94 -12.15 2.20
N ILE A 67 11.68 -12.02 1.11
CA ILE A 67 11.73 -13.08 0.10
C ILE A 67 13.09 -13.13 -0.59
N ASP A 68 13.51 -14.33 -0.99
CA ASP A 68 14.79 -14.51 -1.65
C ASP A 68 15.89 -13.73 -0.94
N GLY A 69 15.84 -13.72 0.39
CA GLY A 69 16.84 -13.00 1.17
C GLY A 69 16.93 -11.54 0.79
N VAL A 70 15.78 -10.94 0.51
CA VAL A 70 15.73 -9.53 0.13
C VAL A 70 14.37 -8.91 0.47
N PRO A 71 14.24 -8.46 1.72
CA PRO A 71 13.00 -7.83 2.21
C PRO A 71 12.74 -6.47 1.58
N ILE A 72 11.49 -6.04 1.58
CA ILE A 72 11.11 -4.76 1.01
C ILE A 72 10.74 -3.76 2.10
N GLN A 73 11.73 -3.37 2.90
CA GLN A 73 11.50 -2.42 3.98
C GLN A 73 10.73 -1.20 3.48
N GLY A 74 10.18 -0.43 4.41
CA GLY A 74 9.43 0.76 4.04
C GLY A 74 8.00 0.45 3.66
N GLY A 75 7.51 -0.72 4.09
CA GLY A 75 6.15 -1.12 3.77
C GLY A 75 5.89 -1.16 2.28
N ARG A 76 6.97 -1.21 1.49
CA ARG A 76 6.86 -1.25 0.04
C ARG A 76 6.61 -2.69 -0.44
N LYS A 77 5.96 -2.81 -1.60
CA LYS A 77 5.66 -4.11 -2.17
C LYS A 77 6.49 -4.36 -3.43
N ALA A 78 7.26 -5.43 -3.41
CA ALA A 78 8.11 -5.78 -4.56
C ALA A 78 7.39 -6.75 -5.50
N ARG A 79 7.90 -6.87 -6.72
CA ARG A 79 7.30 -7.76 -7.71
C ARG A 79 7.70 -9.20 -7.46
N ILE A 80 6.76 -10.01 -6.98
CA ILE A 80 7.03 -11.42 -6.71
C ILE A 80 6.47 -12.31 -7.81
N VAL A 81 7.27 -12.56 -8.83
CA VAL A 81 6.86 -13.40 -9.95
C VAL A 81 7.25 -14.86 -9.70
N GLY A 82 6.44 -15.56 -8.91
CA GLY A 82 6.72 -16.95 -8.62
C GLY A 82 8.16 -17.18 -8.22
N LYS A 83 8.44 -17.02 -6.93
CA LYS A 83 9.80 -17.20 -6.41
C LYS A 83 9.79 -18.13 -5.20
N ILE A 84 10.88 -18.13 -4.45
CA ILE A 84 11.00 -18.97 -3.27
C ILE A 84 10.25 -18.36 -2.08
N VAL A 85 8.98 -18.03 -2.30
CA VAL A 85 8.15 -17.44 -1.25
C VAL A 85 7.64 -18.52 -0.29
N SER A 86 7.62 -18.18 1.00
CA SER A 86 7.17 -19.12 2.02
C SER A 86 5.75 -18.77 2.47
N PRO A 87 5.08 -19.73 3.12
CA PRO A 87 3.71 -19.55 3.61
C PRO A 87 3.66 -18.59 4.80
N GLY A 88 4.82 -18.20 5.30
CA GLY A 88 4.87 -17.27 6.42
C GLY A 88 5.06 -15.84 5.98
N VAL A 89 5.69 -15.64 4.83
CA VAL A 89 5.93 -14.30 4.31
C VAL A 89 4.73 -13.80 3.51
N LYS A 90 4.09 -14.72 2.77
CA LYS A 90 2.92 -14.38 1.97
C LYS A 90 1.86 -13.69 2.82
N GLY A 91 1.85 -14.00 4.11
CA GLY A 91 0.88 -13.40 5.02
C GLY A 91 1.16 -11.94 5.28
N LEU A 92 2.43 -11.58 5.30
CA LEU A 92 2.84 -10.20 5.56
C LEU A 92 2.24 -9.26 4.51
N ALA A 93 2.13 -9.74 3.28
CA ALA A 93 1.56 -8.94 2.20
C ALA A 93 0.13 -8.52 2.51
N THR A 94 -0.64 -9.46 3.06
CA THR A 94 -2.04 -9.19 3.40
C THR A 94 -2.13 -8.27 4.61
N GLY A 95 -1.21 -8.44 5.56
CA GLY A 95 -1.21 -7.61 6.75
C GLY A 95 -1.02 -6.13 6.44
N PHE A 96 -0.11 -5.84 5.53
CA PHE A 96 0.17 -4.46 5.14
C PHE A 96 -0.78 -4.01 4.02
N PHE A 97 -1.29 -4.97 3.27
CA PHE A 97 -2.19 -4.68 2.17
C PHE A 97 -3.41 -3.90 2.67
N GLU A 98 -3.97 -4.34 3.78
CA GLU A 98 -5.14 -3.70 4.37
C GLU A 98 -4.79 -2.31 4.88
N GLU A 99 -3.60 -2.17 5.44
CA GLU A 99 -3.15 -0.89 5.98
C GLU A 99 -2.86 0.10 4.85
N LEU A 100 -2.34 -0.41 3.73
CA LEU A 100 -2.02 0.43 2.59
C LEU A 100 -3.26 1.18 2.10
N GLY A 101 -4.36 0.45 1.94
CA GLY A 101 -5.60 1.05 1.49
C GLY A 101 -6.06 2.18 2.39
N SER A 102 -6.01 1.93 3.70
CA SER A 102 -6.44 2.92 4.68
C SER A 102 -5.45 4.08 4.75
N LYS A 103 -4.16 3.76 4.62
CA LYS A 103 -3.11 4.77 4.66
C LYS A 103 -3.32 5.81 3.57
N LEU A 104 -3.63 5.35 2.37
CA LEU A 104 -3.85 6.26 1.23
C LEU A 104 -5.14 7.06 1.43
N ALA A 105 -6.03 6.55 2.28
CA ALA A 105 -7.29 7.22 2.55
C ALA A 105 -7.06 8.68 2.95
N GLN A 106 -6.17 8.89 3.92
CA GLN A 106 -5.86 10.23 4.39
C GLN A 106 -5.09 11.01 3.34
N LEU A 107 -4.25 10.32 2.59
CA LEU A 107 -3.45 10.95 1.54
C LEU A 107 -4.35 11.65 0.52
N PHE A 108 -5.39 10.96 0.08
CA PHE A 108 -6.32 11.51 -0.90
C PHE A 108 -7.20 12.57 -0.26
N ALA A 109 -7.67 12.29 0.95
CA ALA A 109 -8.53 13.23 1.67
C ALA A 109 -9.01 12.63 2.99
N GLY A 110 -9.15 13.48 4.01
CA GLY A 110 -9.61 13.02 5.31
C GLY A 110 -8.65 12.02 5.92
N GLU A 111 -9.18 10.85 6.30
CA GLU A 111 -8.36 9.81 6.90
C GLU A 111 -9.22 8.60 7.27
N ASN A 112 -8.62 7.41 7.18
CA ASN A 112 -9.33 6.18 7.50
C ASN A 112 -8.39 5.16 8.13
N LEU A 113 -8.96 4.11 8.73
CA LEU A 113 -8.16 3.07 9.38
C LEU A 113 -8.80 1.70 9.17
N TYR A 114 -8.05 0.66 9.51
CA TYR A 114 -8.54 -0.70 9.35
C TYR A 114 -7.60 -1.70 10.02
N PHE A 115 -7.83 -2.98 9.77
CA PHE A 115 -7.00 -4.03 10.35
C PHE A 115 -7.41 -5.41 9.82
N GLN A 116 -6.74 -6.46 10.30
CA GLN A 116 -7.03 -7.81 9.87
C GLN A 116 -8.23 -8.38 10.65
N MET A 1 -6.05 7.30 -12.64
CA MET A 1 -5.18 8.44 -12.89
C MET A 1 -6.00 9.71 -13.09
N GLY A 2 -5.50 10.82 -12.54
CA GLY A 2 -6.20 12.08 -12.67
C GLY A 2 -5.28 13.28 -12.51
N TYR A 3 -5.85 14.47 -12.48
CA TYR A 3 -5.07 15.70 -12.34
C TYR A 3 -5.81 16.72 -11.49
N SER A 4 -6.43 16.26 -10.41
CA SER A 4 -7.18 17.13 -9.52
C SER A 4 -7.39 16.47 -8.15
N ASP A 5 -7.78 17.27 -7.17
CA ASP A 5 -8.01 16.77 -5.82
C ASP A 5 -9.17 15.78 -5.80
N GLU A 6 -10.25 16.12 -6.50
CA GLU A 6 -11.42 15.26 -6.57
C GLU A 6 -11.17 14.06 -7.48
N ASP A 7 -10.33 14.26 -8.50
CA ASP A 7 -10.01 13.20 -9.44
C ASP A 7 -9.33 12.03 -8.73
N ARG A 8 -8.57 12.34 -7.69
CA ARG A 8 -7.87 11.32 -6.92
C ARG A 8 -8.84 10.29 -6.35
N GLU A 9 -10.02 10.76 -5.97
CA GLU A 9 -11.04 9.88 -5.42
C GLU A 9 -11.40 8.78 -6.39
N ALA A 10 -11.35 9.09 -7.69
CA ALA A 10 -11.67 8.12 -8.72
C ALA A 10 -10.78 6.88 -8.62
N ASP A 11 -9.50 7.11 -8.39
CA ASP A 11 -8.54 6.02 -8.26
C ASP A 11 -8.83 5.18 -7.02
N ASN A 12 -9.26 5.85 -5.95
CA ASN A 12 -9.58 5.17 -4.69
C ASN A 12 -10.60 4.06 -4.92
N LEU A 13 -11.55 4.30 -5.82
CA LEU A 13 -12.58 3.33 -6.13
C LEU A 13 -11.97 1.98 -6.52
N ARG A 14 -10.83 2.03 -7.19
CA ARG A 14 -10.14 0.83 -7.62
C ARG A 14 -9.57 0.07 -6.41
N ILE A 15 -9.04 0.81 -5.45
CA ILE A 15 -8.46 0.21 -4.26
C ILE A 15 -9.51 -0.58 -3.48
N ALA A 16 -10.68 0.02 -3.31
CA ALA A 16 -11.77 -0.64 -2.59
C ALA A 16 -12.33 -1.81 -3.38
N GLU A 17 -12.44 -1.62 -4.70
CA GLU A 17 -12.97 -2.66 -5.57
C GLU A 17 -11.98 -3.82 -5.70
N ILE A 18 -10.70 -3.50 -5.70
CA ILE A 18 -9.65 -4.51 -5.81
C ILE A 18 -9.78 -5.55 -4.70
N ILE A 19 -10.13 -5.08 -3.50
CA ILE A 19 -10.28 -5.97 -2.36
C ILE A 19 -11.47 -6.90 -2.53
N LYS A 20 -12.60 -6.33 -2.95
CA LYS A 20 -13.82 -7.12 -3.17
C LYS A 20 -13.66 -8.06 -4.35
N ASN A 21 -12.87 -7.63 -5.34
CA ASN A 21 -12.63 -8.44 -6.54
C ASN A 21 -11.35 -9.25 -6.39
N ALA A 22 -11.01 -9.60 -5.16
CA ALA A 22 -9.81 -10.38 -4.89
C ALA A 22 -10.01 -11.29 -3.67
N GLN A 23 -9.68 -12.56 -3.83
CA GLN A 23 -9.81 -13.52 -2.75
C GLN A 23 -9.04 -13.07 -1.50
N ASP A 24 -8.84 -14.00 -0.57
CA ASP A 24 -8.10 -13.69 0.66
C ASP A 24 -6.87 -14.57 0.79
N ASP A 25 -5.95 -14.43 -0.18
CA ASP A 25 -4.72 -15.21 -0.16
C ASP A 25 -3.91 -14.97 -1.44
N ASP A 26 -4.23 -15.71 -2.49
CA ASP A 26 -3.54 -15.57 -3.77
C ASP A 26 -3.81 -14.21 -4.38
N SER A 27 -5.07 -13.78 -4.35
CA SER A 27 -5.47 -12.50 -4.91
C SER A 27 -4.92 -11.34 -4.06
N LYS A 28 -5.03 -11.49 -2.75
CA LYS A 28 -4.55 -10.47 -1.83
C LYS A 28 -3.06 -10.20 -2.03
N ILE A 29 -2.27 -11.27 -2.02
CA ILE A 29 -0.83 -11.16 -2.19
C ILE A 29 -0.49 -10.64 -3.59
N ASN A 30 -1.20 -11.15 -4.60
CA ASN A 30 -0.97 -10.74 -5.97
C ASN A 30 -1.43 -9.30 -6.19
N SER A 31 -2.48 -8.91 -5.48
CA SER A 31 -3.02 -7.56 -5.59
C SER A 31 -2.17 -6.55 -4.81
N THR A 32 -1.37 -7.07 -3.89
CA THR A 32 -0.50 -6.23 -3.07
C THR A 32 0.37 -5.33 -3.94
N GLN A 33 0.97 -5.90 -4.97
CA GLN A 33 1.83 -5.15 -5.88
C GLN A 33 1.04 -4.05 -6.58
N GLU A 34 -0.16 -4.39 -7.03
CA GLU A 34 -1.02 -3.44 -7.73
C GLU A 34 -1.45 -2.32 -6.79
N LEU A 35 -1.81 -2.68 -5.57
CA LEU A 35 -2.25 -1.72 -4.57
C LEU A 35 -1.20 -0.63 -4.36
N LEU A 36 0.05 -1.05 -4.25
CA LEU A 36 1.15 -0.11 -4.05
C LEU A 36 1.25 0.86 -5.23
N ASP A 37 0.97 0.38 -6.42
CA ASP A 37 1.01 1.21 -7.62
C ASP A 37 0.02 2.36 -7.54
N ILE A 38 -1.14 2.09 -6.95
CA ILE A 38 -2.18 3.09 -6.80
C ILE A 38 -1.75 4.18 -5.81
N TYR A 39 -0.79 3.84 -4.96
CA TYR A 39 -0.30 4.79 -3.96
C TYR A 39 0.49 5.92 -4.62
N ARG A 40 1.42 5.54 -5.49
CA ARG A 40 2.24 6.52 -6.20
C ARG A 40 1.38 7.55 -6.92
N ARG A 41 0.16 7.13 -7.27
CA ARG A 41 -0.77 8.03 -7.96
C ARG A 41 -1.03 9.28 -7.14
N LEU A 42 -1.09 9.12 -5.82
CA LEU A 42 -1.34 10.24 -4.92
C LEU A 42 -0.05 10.73 -4.29
N TYR A 43 1.05 10.68 -5.05
CA TYR A 43 2.34 11.12 -4.55
C TYR A 43 2.93 12.20 -5.45
N PRO A 44 2.05 12.97 -6.11
CA PRO A 44 2.45 14.05 -7.01
C PRO A 44 3.04 15.24 -6.25
N SER A 45 2.33 15.68 -5.21
CA SER A 45 2.78 16.81 -4.41
C SER A 45 2.13 16.79 -3.02
N LEU A 46 2.22 15.64 -2.35
CA LEU A 46 1.64 15.48 -1.02
C LEU A 46 2.55 16.09 0.04
N THR A 47 1.93 16.69 1.06
CA THR A 47 2.68 17.30 2.15
C THR A 47 3.17 16.26 3.14
N PRO A 48 4.16 16.65 3.96
CA PRO A 48 4.74 15.76 4.98
C PRO A 48 3.77 15.47 6.11
N GLU A 49 2.94 16.45 6.45
CA GLU A 49 1.96 16.30 7.52
C GLU A 49 0.86 15.32 7.13
N GLU A 50 0.38 15.45 5.89
CA GLU A 50 -0.67 14.57 5.38
C GLU A 50 -0.14 13.16 5.16
N ARG A 51 1.03 13.07 4.53
CA ARG A 51 1.65 11.78 4.25
C ARG A 51 2.02 11.05 5.54
N GLU A 52 2.08 11.81 6.63
CA GLU A 52 2.43 11.25 7.94
C GLU A 52 1.48 10.11 8.31
N SER A 53 0.22 10.25 7.91
CA SER A 53 -0.79 9.23 8.20
C SER A 53 -0.36 7.87 7.67
N ILE A 54 0.00 7.84 6.39
CA ILE A 54 0.43 6.60 5.75
C ILE A 54 1.85 6.23 6.18
N ASP A 55 2.74 7.20 6.18
CA ASP A 55 4.12 6.99 6.57
C ASP A 55 4.21 6.40 7.98
N LYS A 56 3.50 7.02 8.91
CA LYS A 56 3.50 6.57 10.30
C LYS A 56 2.86 5.19 10.42
N PHE A 57 2.09 4.81 9.39
CA PHE A 57 1.43 3.51 9.38
C PHE A 57 1.98 2.63 8.26
N VAL A 58 3.27 2.73 8.02
CA VAL A 58 3.93 1.95 6.98
C VAL A 58 5.40 1.73 7.30
N ASN A 59 6.03 2.74 7.87
CA ASN A 59 7.45 2.67 8.23
C ASN A 59 7.63 1.94 9.56
N GLU A 60 6.73 2.20 10.49
CA GLU A 60 6.79 1.57 11.81
C GLU A 60 5.50 0.82 12.12
N HIS A 61 4.96 0.15 11.11
CA HIS A 61 3.72 -0.61 11.28
C HIS A 61 3.81 -1.96 10.57
N THR A 62 4.32 -1.94 9.34
CA THR A 62 4.46 -3.16 8.56
C THR A 62 5.93 -3.54 8.37
N ASP A 63 6.17 -4.76 7.92
CA ASP A 63 7.53 -5.24 7.69
C ASP A 63 7.79 -5.47 6.21
N ALA A 64 9.06 -5.54 5.84
CA ALA A 64 9.44 -5.76 4.45
C ALA A 64 9.47 -7.25 4.12
N ILE A 65 9.50 -7.57 2.83
CA ILE A 65 9.53 -8.95 2.38
C ILE A 65 10.97 -9.43 2.17
N ILE A 66 11.45 -10.28 3.08
CA ILE A 66 12.81 -10.81 2.99
C ILE A 66 12.89 -11.94 1.97
N ILE A 67 13.65 -11.71 0.91
CA ILE A 67 13.82 -12.71 -0.14
C ILE A 67 15.23 -12.67 -0.73
N ASP A 68 15.80 -13.84 -0.97
CA ASP A 68 17.14 -13.94 -1.53
C ASP A 68 18.12 -13.07 -0.75
N GLY A 69 17.98 -13.06 0.57
CA GLY A 69 18.86 -12.27 1.41
C GLY A 69 18.78 -10.79 1.10
N VAL A 70 17.74 -10.40 0.37
CA VAL A 70 17.55 -9.00 0.01
C VAL A 70 16.11 -8.55 0.25
N PRO A 71 15.82 -8.14 1.49
CA PRO A 71 14.49 -7.68 1.89
C PRO A 71 14.13 -6.35 1.25
N ILE A 72 12.83 -6.07 1.17
CA ILE A 72 12.35 -4.82 0.59
C ILE A 72 12.06 -3.78 1.67
N GLN A 73 13.10 -3.34 2.36
CA GLN A 73 12.96 -2.35 3.43
C GLN A 73 12.05 -1.21 2.98
N GLY A 74 11.24 -0.71 3.91
CA GLY A 74 10.33 0.37 3.60
C GLY A 74 8.89 -0.09 3.52
N GLY A 75 8.58 -1.22 4.13
CA GLY A 75 7.24 -1.74 4.12
C GLY A 75 6.68 -1.86 2.71
N ARG A 76 7.58 -1.93 1.72
CA ARG A 76 7.17 -2.04 0.33
C ARG A 76 7.35 -3.47 -0.17
N LYS A 77 6.56 -3.84 -1.18
CA LYS A 77 6.63 -5.18 -1.75
C LYS A 77 7.21 -5.13 -3.16
N ALA A 78 8.08 -6.09 -3.47
CA ALA A 78 8.71 -6.15 -4.79
C ALA A 78 8.18 -7.35 -5.58
N ARG A 79 8.41 -7.33 -6.89
CA ARG A 79 7.95 -8.41 -7.76
C ARG A 79 8.89 -9.61 -7.67
N ILE A 80 8.46 -10.64 -6.95
CA ILE A 80 9.27 -11.85 -6.78
C ILE A 80 8.54 -13.06 -7.35
N VAL A 81 8.87 -13.42 -8.60
CA VAL A 81 8.25 -14.57 -9.24
C VAL A 81 9.18 -15.78 -9.22
N GLY A 82 8.77 -16.81 -8.50
CA GLY A 82 9.58 -18.01 -8.41
C GLY A 82 10.91 -17.77 -7.73
N LYS A 83 10.89 -17.66 -6.41
CA LYS A 83 12.10 -17.42 -5.64
C LYS A 83 12.04 -18.13 -4.30
N ILE A 84 12.93 -17.74 -3.38
CA ILE A 84 12.97 -18.33 -2.06
C ILE A 84 11.88 -17.77 -1.16
N VAL A 85 10.64 -17.79 -1.66
CA VAL A 85 9.50 -17.28 -0.90
C VAL A 85 9.00 -18.31 0.10
N SER A 86 8.62 -17.85 1.28
CA SER A 86 8.13 -18.73 2.33
C SER A 86 6.74 -18.29 2.80
N PRO A 87 6.06 -19.19 3.52
CA PRO A 87 4.71 -18.92 4.05
C PRO A 87 4.73 -17.88 5.16
N GLY A 88 5.92 -17.50 5.61
CA GLY A 88 6.05 -16.52 6.67
C GLY A 88 6.47 -15.16 6.14
N VAL A 89 7.01 -15.13 4.92
CA VAL A 89 7.45 -13.88 4.31
C VAL A 89 6.47 -13.41 3.24
N LYS A 90 5.65 -14.34 2.75
CA LYS A 90 4.67 -14.02 1.72
C LYS A 90 3.36 -13.54 2.35
N GLY A 91 3.18 -13.85 3.62
CA GLY A 91 1.98 -13.44 4.32
C GLY A 91 1.91 -11.94 4.56
N LEU A 92 3.08 -11.34 4.76
CA LEU A 92 3.16 -9.90 5.00
C LEU A 92 2.48 -9.12 3.88
N ALA A 93 2.65 -9.62 2.64
CA ALA A 93 2.06 -8.97 1.48
C ALA A 93 0.54 -9.02 1.54
N THR A 94 0.01 -10.13 2.06
CA THR A 94 -1.44 -10.31 2.17
C THR A 94 -2.02 -9.38 3.23
N GLY A 95 -1.41 -9.38 4.41
CA GLY A 95 -1.88 -8.54 5.49
C GLY A 95 -1.63 -7.06 5.23
N PHE A 96 -0.51 -6.75 4.60
CA PHE A 96 -0.16 -5.37 4.29
C PHE A 96 -1.01 -4.84 3.14
N PHE A 97 -1.43 -5.73 2.26
CA PHE A 97 -2.25 -5.35 1.12
C PHE A 97 -3.63 -4.88 1.57
N GLU A 98 -4.23 -5.64 2.48
CA GLU A 98 -5.56 -5.31 2.99
C GLU A 98 -5.52 -4.02 3.81
N GLU A 99 -4.54 -3.94 4.72
CA GLU A 99 -4.39 -2.77 5.57
C GLU A 99 -4.05 -1.53 4.75
N LEU A 100 -3.24 -1.72 3.71
CA LEU A 100 -2.84 -0.62 2.84
C LEU A 100 -4.03 -0.10 2.05
N GLY A 101 -4.90 -1.00 1.61
CA GLY A 101 -6.07 -0.61 0.86
C GLY A 101 -6.95 0.37 1.60
N SER A 102 -7.14 0.12 2.89
CA SER A 102 -7.98 0.98 3.73
C SER A 102 -7.30 2.34 3.94
N LYS A 103 -5.99 2.31 4.11
CA LYS A 103 -5.22 3.54 4.33
C LYS A 103 -5.20 4.39 3.07
N LEU A 104 -4.89 3.78 1.94
CA LEU A 104 -4.84 4.49 0.66
C LEU A 104 -6.18 5.15 0.36
N ALA A 105 -7.25 4.61 0.94
CA ALA A 105 -8.58 5.15 0.74
C ALA A 105 -8.75 6.49 1.43
N GLN A 106 -8.10 6.65 2.58
CA GLN A 106 -8.17 7.89 3.34
C GLN A 106 -7.50 9.02 2.59
N LEU A 107 -6.27 8.80 2.14
CA LEU A 107 -5.51 9.80 1.41
C LEU A 107 -6.25 10.22 0.14
N PHE A 108 -6.84 9.25 -0.54
CA PHE A 108 -7.58 9.51 -1.77
C PHE A 108 -8.90 10.23 -1.47
N ALA A 109 -9.60 9.77 -0.44
CA ALA A 109 -10.86 10.36 -0.04
C ALA A 109 -10.89 10.66 1.45
N GLY A 110 -10.25 11.77 1.84
CA GLY A 110 -10.21 12.15 3.24
C GLY A 110 -9.76 13.59 3.44
N GLU A 111 -9.20 13.87 4.60
CA GLU A 111 -8.73 15.21 4.92
C GLU A 111 -7.33 15.17 5.53
N ASN A 112 -6.84 16.32 5.96
CA ASN A 112 -5.51 16.42 6.56
C ASN A 112 -5.60 16.53 8.07
N LEU A 113 -4.46 16.72 8.72
CA LEU A 113 -4.41 16.84 10.17
C LEU A 113 -3.05 17.34 10.64
N TYR A 114 -2.85 17.35 11.95
CA TYR A 114 -1.58 17.80 12.52
C TYR A 114 -1.37 17.23 13.91
N PHE A 115 -0.12 17.15 14.34
CA PHE A 115 0.23 16.61 15.66
C PHE A 115 1.72 16.71 15.92
N GLN A 116 2.14 16.23 17.08
CA GLN A 116 3.55 16.26 17.45
C GLN A 116 4.31 15.10 16.79
N MET A 1 -4.75 11.96 -8.35
CA MET A 1 -5.86 12.38 -9.20
C MET A 1 -5.94 13.89 -9.31
N GLY A 2 -5.46 14.58 -8.28
CA GLY A 2 -5.49 16.03 -8.28
C GLY A 2 -4.53 16.63 -7.27
N TYR A 3 -5.01 17.61 -6.51
CA TYR A 3 -4.18 18.26 -5.51
C TYR A 3 -5.04 18.96 -4.45
N SER A 4 -6.11 18.27 -4.04
CA SER A 4 -7.01 18.83 -3.04
C SER A 4 -7.74 17.71 -2.29
N ASP A 5 -8.62 18.09 -1.37
CA ASP A 5 -9.38 17.12 -0.59
C ASP A 5 -10.35 16.34 -1.47
N GLU A 6 -11.03 17.06 -2.36
CA GLU A 6 -12.00 16.44 -3.26
C GLU A 6 -11.32 15.40 -4.15
N ASP A 7 -10.12 15.72 -4.61
CA ASP A 7 -9.37 14.81 -5.47
C ASP A 7 -8.83 13.63 -4.67
N ARG A 8 -8.48 13.89 -3.41
CA ARG A 8 -7.95 12.85 -2.54
C ARG A 8 -8.94 11.70 -2.40
N GLU A 9 -10.23 12.03 -2.40
CA GLU A 9 -11.28 11.02 -2.26
C GLU A 9 -11.20 10.01 -3.40
N ALA A 10 -10.93 10.49 -4.59
CA ALA A 10 -10.82 9.62 -5.77
C ALA A 10 -9.75 8.55 -5.56
N ASP A 11 -8.57 8.98 -5.10
CA ASP A 11 -7.47 8.06 -4.86
C ASP A 11 -7.76 7.17 -3.65
N ASN A 12 -8.41 7.74 -2.65
CA ASN A 12 -8.74 7.00 -1.44
C ASN A 12 -9.74 5.88 -1.74
N LEU A 13 -10.68 6.18 -2.63
CA LEU A 13 -11.70 5.20 -3.01
C LEU A 13 -11.06 3.91 -3.51
N ARG A 14 -9.92 4.04 -4.17
CA ARG A 14 -9.20 2.88 -4.69
C ARG A 14 -8.65 2.02 -3.56
N ILE A 15 -8.14 2.68 -2.53
CA ILE A 15 -7.58 1.98 -1.38
C ILE A 15 -8.62 1.09 -0.71
N ALA A 16 -9.79 1.67 -0.45
CA ALA A 16 -10.88 0.93 0.19
C ALA A 16 -11.45 -0.12 -0.75
N GLU A 17 -11.46 0.19 -2.04
CA GLU A 17 -11.98 -0.74 -3.04
C GLU A 17 -11.16 -2.02 -3.09
N ILE A 18 -9.83 -1.86 -3.10
CA ILE A 18 -8.93 -3.00 -3.15
C ILE A 18 -9.05 -3.84 -1.87
N ILE A 19 -9.19 -3.17 -0.74
CA ILE A 19 -9.31 -3.85 0.55
C ILE A 19 -10.48 -4.84 0.54
N LYS A 20 -11.56 -4.47 -0.14
CA LYS A 20 -12.74 -5.33 -0.23
C LYS A 20 -12.44 -6.56 -1.07
N ASN A 21 -11.76 -6.36 -2.20
CA ASN A 21 -11.41 -7.46 -3.09
C ASN A 21 -10.19 -8.21 -2.57
N ALA A 22 -9.54 -7.65 -1.56
CA ALA A 22 -8.36 -8.28 -0.97
C ALA A 22 -8.75 -9.39 -0.01
N GLN A 23 -7.87 -9.67 0.94
CA GLN A 23 -8.12 -10.71 1.94
C GLN A 23 -7.94 -12.10 1.32
N ASP A 24 -8.36 -13.12 2.07
CA ASP A 24 -8.24 -14.50 1.59
C ASP A 24 -6.79 -14.96 1.63
N ASP A 25 -5.98 -14.46 0.69
CA ASP A 25 -4.58 -14.82 0.62
C ASP A 25 -3.92 -14.21 -0.62
N ASP A 26 -4.27 -14.73 -1.78
CA ASP A 26 -3.71 -14.24 -3.04
C ASP A 26 -4.16 -12.81 -3.30
N SER A 27 -5.41 -12.51 -2.92
CA SER A 27 -5.96 -11.18 -3.12
C SER A 27 -5.24 -10.14 -2.27
N LYS A 28 -5.03 -10.48 -1.00
CA LYS A 28 -4.33 -9.59 -0.08
C LYS A 28 -2.87 -9.42 -0.47
N ILE A 29 -2.26 -10.51 -0.93
CA ILE A 29 -0.86 -10.49 -1.34
C ILE A 29 -0.69 -9.72 -2.64
N ASN A 30 -1.52 -10.02 -3.63
CA ASN A 30 -1.45 -9.36 -4.92
C ASN A 30 -1.87 -7.89 -4.81
N SER A 31 -2.95 -7.65 -4.07
CA SER A 31 -3.44 -6.29 -3.87
C SER A 31 -2.38 -5.41 -3.22
N THR A 32 -1.41 -6.04 -2.59
CA THR A 32 -0.33 -5.32 -1.92
C THR A 32 0.36 -4.36 -2.89
N GLN A 33 0.76 -4.87 -4.04
CA GLN A 33 1.43 -4.05 -5.05
C GLN A 33 0.50 -2.97 -5.58
N GLU A 34 -0.78 -3.32 -5.77
CA GLU A 34 -1.76 -2.37 -6.28
C GLU A 34 -2.00 -1.25 -5.28
N LEU A 35 -1.90 -1.57 -3.99
CA LEU A 35 -2.10 -0.58 -2.94
C LEU A 35 -0.91 0.36 -2.85
N LEU A 36 0.29 -0.19 -2.98
CA LEU A 36 1.51 0.59 -2.91
C LEU A 36 1.54 1.67 -4.00
N ASP A 37 0.99 1.33 -5.17
CA ASP A 37 0.94 2.25 -6.28
C ASP A 37 0.17 3.52 -5.90
N ILE A 38 -0.88 3.35 -5.12
CA ILE A 38 -1.70 4.48 -4.69
C ILE A 38 -0.90 5.44 -3.81
N TYR A 39 0.25 4.97 -3.33
CA TYR A 39 1.11 5.77 -2.47
C TYR A 39 1.71 6.95 -3.24
N ARG A 40 2.09 6.68 -4.49
CA ARG A 40 2.68 7.72 -5.33
C ARG A 40 1.66 8.82 -5.63
N ARG A 41 0.38 8.46 -5.60
CA ARG A 41 -0.67 9.43 -5.87
C ARG A 41 -0.61 10.59 -4.89
N LEU A 42 -0.26 10.30 -3.64
CA LEU A 42 -0.17 11.33 -2.61
C LEU A 42 1.29 11.71 -2.37
N TYR A 43 2.08 11.72 -3.43
CA TYR A 43 3.49 12.08 -3.35
C TYR A 43 3.83 13.24 -4.27
N PRO A 44 2.82 14.08 -4.55
CA PRO A 44 2.99 15.25 -5.42
C PRO A 44 3.85 16.33 -4.78
N SER A 45 3.53 16.69 -3.54
CA SER A 45 4.26 17.71 -2.82
C SER A 45 4.08 17.55 -1.30
N LEU A 46 4.31 16.34 -0.82
CA LEU A 46 4.18 16.04 0.60
C LEU A 46 5.42 16.49 1.37
N THR A 47 5.21 16.98 2.58
CA THR A 47 6.31 17.44 3.42
C THR A 47 6.92 16.29 4.22
N PRO A 48 8.14 16.52 4.74
CA PRO A 48 8.87 15.51 5.52
C PRO A 48 8.21 15.27 6.88
N GLU A 49 7.64 16.31 7.45
CA GLU A 49 6.99 16.20 8.76
C GLU A 49 5.71 15.37 8.65
N GLU A 50 4.92 15.63 7.61
CA GLU A 50 3.68 14.91 7.40
C GLU A 50 3.95 13.45 7.01
N ARG A 51 4.88 13.26 6.07
CA ARG A 51 5.23 11.92 5.62
C ARG A 51 5.83 11.09 6.75
N GLU A 52 6.26 11.77 7.80
CA GLU A 52 6.86 11.09 8.95
C GLU A 52 5.90 10.07 9.54
N SER A 53 4.60 10.38 9.50
CA SER A 53 3.58 9.49 10.02
C SER A 53 3.66 8.12 9.36
N ILE A 54 3.71 8.12 8.03
CA ILE A 54 3.78 6.87 7.27
C ILE A 54 5.19 6.28 7.33
N ASP A 55 6.19 7.13 7.14
CA ASP A 55 7.58 6.69 7.19
C ASP A 55 7.91 6.03 8.52
N LYS A 56 7.56 6.72 9.61
CA LYS A 56 7.81 6.20 10.95
C LYS A 56 7.04 4.91 11.19
N PHE A 57 6.01 4.68 10.38
CA PHE A 57 5.18 3.49 10.51
C PHE A 57 5.33 2.59 9.28
N VAL A 58 6.54 2.52 8.74
CA VAL A 58 6.81 1.71 7.56
C VAL A 58 8.28 1.32 7.48
N ASN A 59 9.15 2.23 7.90
CA ASN A 59 10.59 1.97 7.88
C ASN A 59 11.05 1.35 9.20
N GLU A 60 10.09 1.12 10.09
CA GLU A 60 10.40 0.53 11.39
C GLU A 60 9.21 -0.27 11.92
N HIS A 61 8.84 -1.32 11.20
CA HIS A 61 7.72 -2.16 11.59
C HIS A 61 7.50 -3.28 10.59
N THR A 62 7.70 -2.98 9.30
CA THR A 62 7.53 -3.96 8.25
C THR A 62 8.86 -4.32 7.60
N ASP A 63 8.90 -5.46 6.94
CA ASP A 63 10.12 -5.91 6.27
C ASP A 63 9.87 -6.16 4.79
N ALA A 64 10.94 -6.22 4.01
CA ALA A 64 10.84 -6.46 2.57
C ALA A 64 10.62 -7.94 2.27
N ILE A 65 10.07 -8.23 1.10
CA ILE A 65 9.81 -9.60 0.70
C ILE A 65 11.07 -10.23 0.09
N ILE A 66 11.76 -11.04 0.89
CA ILE A 66 12.98 -11.70 0.44
C ILE A 66 12.67 -13.10 -0.07
N ILE A 67 12.96 -13.35 -1.34
CA ILE A 67 12.73 -14.66 -1.94
C ILE A 67 13.77 -14.97 -3.01
N ASP A 68 14.26 -16.20 -3.00
CA ASP A 68 15.27 -16.63 -3.97
C ASP A 68 16.36 -15.58 -4.12
N GLY A 69 16.75 -14.98 -3.01
CA GLY A 69 17.79 -13.96 -3.04
C GLY A 69 17.33 -12.69 -3.74
N VAL A 70 16.10 -12.26 -3.45
CA VAL A 70 15.55 -11.06 -4.05
C VAL A 70 14.93 -10.15 -3.00
N PRO A 71 15.77 -9.56 -2.14
CA PRO A 71 15.33 -8.67 -1.08
C PRO A 71 14.81 -7.34 -1.62
N ILE A 72 13.72 -6.86 -1.05
CA ILE A 72 13.13 -5.59 -1.47
C ILE A 72 13.60 -4.44 -0.59
N GLN A 73 13.29 -3.21 -1.01
CA GLN A 73 13.68 -2.03 -0.26
C GLN A 73 12.46 -1.26 0.24
N GLY A 74 12.59 -0.63 1.40
CA GLY A 74 11.49 0.13 1.96
C GLY A 74 10.23 -0.70 2.09
N GLY A 75 10.38 -1.93 2.58
CA GLY A 75 9.23 -2.81 2.75
C GLY A 75 8.31 -2.80 1.55
N ARG A 76 8.89 -2.60 0.37
CA ARG A 76 8.11 -2.56 -0.87
C ARG A 76 7.77 -3.97 -1.34
N LYS A 77 6.67 -4.10 -2.07
CA LYS A 77 6.23 -5.39 -2.58
C LYS A 77 6.40 -5.46 -4.10
N ALA A 78 7.48 -6.10 -4.54
CA ALA A 78 7.75 -6.25 -5.96
C ALA A 78 6.92 -7.36 -6.58
N ARG A 79 6.83 -7.37 -7.91
CA ARG A 79 6.06 -8.38 -8.61
C ARG A 79 6.84 -9.70 -8.71
N ILE A 80 6.78 -10.49 -7.65
CA ILE A 80 7.47 -11.77 -7.62
C ILE A 80 6.49 -12.93 -7.57
N VAL A 81 6.16 -13.48 -8.74
CA VAL A 81 5.23 -14.60 -8.83
C VAL A 81 5.82 -15.73 -9.66
N GLY A 82 5.58 -16.97 -9.22
CA GLY A 82 6.09 -18.12 -9.94
C GLY A 82 7.55 -18.39 -9.61
N LYS A 83 7.87 -18.43 -8.33
CA LYS A 83 9.24 -18.68 -7.90
C LYS A 83 9.26 -19.44 -6.57
N ILE A 84 10.41 -19.43 -5.91
CA ILE A 84 10.56 -20.11 -4.63
C ILE A 84 9.94 -19.29 -3.49
N VAL A 85 8.70 -18.89 -3.68
CA VAL A 85 7.99 -18.10 -2.68
C VAL A 85 7.45 -18.99 -1.55
N SER A 86 7.53 -18.50 -0.32
CA SER A 86 7.06 -19.25 0.83
C SER A 86 5.97 -18.48 1.57
N PRO A 87 5.19 -19.20 2.39
CA PRO A 87 4.10 -18.60 3.16
C PRO A 87 4.61 -17.70 4.29
N GLY A 88 5.93 -17.70 4.49
CA GLY A 88 6.52 -16.88 5.53
C GLY A 88 7.04 -15.57 5.00
N VAL A 89 7.13 -15.46 3.67
CA VAL A 89 7.61 -14.23 3.05
C VAL A 89 6.53 -13.59 2.18
N LYS A 90 5.57 -14.40 1.74
CA LYS A 90 4.48 -13.91 0.92
C LYS A 90 3.37 -13.31 1.78
N GLY A 91 3.15 -13.91 2.95
CA GLY A 91 2.12 -13.42 3.85
C GLY A 91 2.44 -12.06 4.42
N LEU A 92 3.72 -11.80 4.62
CA LEU A 92 4.17 -10.52 5.18
C LEU A 92 3.64 -9.36 4.33
N ALA A 93 3.55 -9.56 3.03
CA ALA A 93 3.06 -8.54 2.12
C ALA A 93 1.64 -8.11 2.49
N THR A 94 0.83 -9.07 2.92
CA THR A 94 -0.54 -8.79 3.31
C THR A 94 -0.60 -8.00 4.61
N GLY A 95 0.23 -8.39 5.57
CA GLY A 95 0.26 -7.70 6.86
C GLY A 95 0.47 -6.20 6.70
N PHE A 96 1.30 -5.82 5.72
CA PHE A 96 1.59 -4.42 5.48
C PHE A 96 0.53 -3.79 4.59
N PHE A 97 -0.02 -4.59 3.68
CA PHE A 97 -1.05 -4.11 2.76
C PHE A 97 -2.32 -3.74 3.52
N GLU A 98 -2.78 -4.65 4.38
CA GLU A 98 -3.99 -4.41 5.17
C GLU A 98 -3.88 -3.12 5.96
N GLU A 99 -2.77 -2.95 6.66
CA GLU A 99 -2.55 -1.76 7.47
C GLU A 99 -2.31 -0.54 6.58
N LEU A 100 -1.60 -0.74 5.47
CA LEU A 100 -1.31 0.34 4.54
C LEU A 100 -2.59 0.95 4.00
N GLY A 101 -3.60 0.10 3.77
CA GLY A 101 -4.86 0.58 3.25
C GLY A 101 -5.55 1.55 4.20
N SER A 102 -5.56 1.22 5.48
CA SER A 102 -6.19 2.07 6.48
C SER A 102 -5.40 3.36 6.68
N LYS A 103 -4.08 3.23 6.77
CA LYS A 103 -3.20 4.38 6.96
C LYS A 103 -3.25 5.30 5.74
N LEU A 104 -3.08 4.71 4.56
CA LEU A 104 -3.09 5.46 3.31
C LEU A 104 -4.43 6.19 3.14
N ALA A 105 -5.47 5.66 3.78
CA ALA A 105 -6.79 6.27 3.69
C ALA A 105 -6.85 7.59 4.43
N GLN A 106 -6.35 7.60 5.67
CA GLN A 106 -6.35 8.82 6.48
C GLN A 106 -5.53 9.91 5.81
N LEU A 107 -4.43 9.52 5.17
CA LEU A 107 -3.57 10.48 4.48
C LEU A 107 -4.34 11.24 3.41
N PHE A 108 -5.14 10.52 2.63
CA PHE A 108 -5.92 11.13 1.57
C PHE A 108 -7.08 11.94 2.15
N ALA A 109 -7.81 11.34 3.09
CA ALA A 109 -8.94 11.99 3.73
C ALA A 109 -9.58 11.10 4.77
N GLY A 110 -10.76 11.49 5.24
CA GLY A 110 -11.46 10.71 6.24
C GLY A 110 -12.76 10.12 5.72
N GLU A 111 -12.90 10.08 4.39
CA GLU A 111 -14.10 9.55 3.76
C GLU A 111 -13.75 8.79 2.48
N ASN A 112 -14.78 8.42 1.72
CA ASN A 112 -14.59 7.68 0.48
C ASN A 112 -15.79 7.85 -0.45
N LEU A 113 -15.52 8.21 -1.69
CA LEU A 113 -16.58 8.40 -2.68
C LEU A 113 -16.15 7.90 -4.05
N TYR A 114 -17.03 8.03 -5.03
CA TYR A 114 -16.74 7.58 -6.39
C TYR A 114 -16.19 8.74 -7.24
N PHE A 115 -15.35 8.39 -8.21
CA PHE A 115 -14.76 9.40 -9.09
C PHE A 115 -13.85 8.74 -10.12
N GLN A 116 -13.38 9.54 -11.07
CA GLN A 116 -12.50 9.03 -12.12
C GLN A 116 -11.05 9.03 -11.66
N MET A 1 -13.40 18.54 3.68
CA MET A 1 -14.53 18.96 2.86
C MET A 1 -14.15 20.15 1.99
N GLY A 2 -14.58 20.11 0.73
CA GLY A 2 -14.28 21.18 -0.20
C GLY A 2 -13.08 20.88 -1.08
N TYR A 3 -13.04 19.67 -1.62
CA TYR A 3 -11.94 19.25 -2.48
C TYR A 3 -12.42 18.29 -3.56
N SER A 4 -11.48 17.68 -4.27
CA SER A 4 -11.81 16.74 -5.33
C SER A 4 -11.85 15.31 -4.80
N ASP A 5 -12.47 15.13 -3.63
CA ASP A 5 -12.58 13.82 -3.01
C ASP A 5 -13.45 12.90 -3.85
N GLU A 6 -14.36 13.48 -4.62
CA GLU A 6 -15.26 12.71 -5.47
C GLU A 6 -14.47 11.83 -6.44
N ASP A 7 -13.43 12.40 -7.03
CA ASP A 7 -12.59 11.66 -7.97
C ASP A 7 -11.69 10.67 -7.25
N ARG A 8 -11.17 11.09 -6.09
CA ARG A 8 -10.29 10.24 -5.31
C ARG A 8 -10.99 8.95 -4.91
N GLU A 9 -12.30 9.03 -4.66
CA GLU A 9 -13.08 7.87 -4.28
C GLU A 9 -13.02 6.79 -5.35
N ALA A 10 -12.96 7.21 -6.61
CA ALA A 10 -12.90 6.30 -7.74
C ALA A 10 -11.68 5.38 -7.62
N ASP A 11 -10.52 5.96 -7.34
CA ASP A 11 -9.28 5.21 -7.21
C ASP A 11 -9.30 4.37 -5.92
N ASN A 12 -9.84 4.94 -4.86
CA ASN A 12 -9.91 4.25 -3.57
C ASN A 12 -10.86 3.05 -3.66
N LEU A 13 -11.94 3.21 -4.41
CA LEU A 13 -12.92 2.14 -4.58
C LEU A 13 -12.25 0.86 -5.08
N ARG A 14 -11.23 1.03 -5.92
CA ARG A 14 -10.50 -0.10 -6.48
C ARG A 14 -9.78 -0.88 -5.39
N ILE A 15 -9.21 -0.15 -4.44
CA ILE A 15 -8.48 -0.77 -3.32
C ILE A 15 -9.40 -1.70 -2.53
N ALA A 16 -10.63 -1.26 -2.30
CA ALA A 16 -11.59 -2.06 -1.55
C ALA A 16 -12.01 -3.30 -2.34
N GLU A 17 -12.09 -3.15 -3.66
CA GLU A 17 -12.49 -4.26 -4.52
C GLU A 17 -11.38 -5.32 -4.59
N ILE A 18 -10.15 -4.86 -4.77
CA ILE A 18 -9.01 -5.76 -4.86
C ILE A 18 -8.85 -6.56 -3.57
N ILE A 19 -9.08 -5.90 -2.44
CA ILE A 19 -8.96 -6.55 -1.14
C ILE A 19 -9.96 -7.70 -1.01
N LYS A 20 -11.22 -7.42 -1.35
CA LYS A 20 -12.26 -8.43 -1.28
C LYS A 20 -12.05 -9.53 -2.32
N ASN A 21 -11.44 -9.16 -3.44
CA ASN A 21 -11.17 -10.11 -4.51
C ASN A 21 -9.93 -10.95 -4.20
N ALA A 22 -9.11 -10.45 -3.29
CA ALA A 22 -7.89 -11.14 -2.90
C ALA A 22 -8.10 -11.96 -1.63
N GLN A 23 -9.05 -12.90 -1.69
CA GLN A 23 -9.35 -13.75 -0.55
C GLN A 23 -8.17 -14.66 -0.21
N ASP A 24 -7.90 -15.62 -1.09
CA ASP A 24 -6.81 -16.56 -0.89
C ASP A 24 -5.50 -15.80 -0.63
N ASP A 25 -4.77 -16.26 0.38
CA ASP A 25 -3.49 -15.63 0.74
C ASP A 25 -2.58 -15.53 -0.47
N ASP A 26 -2.52 -16.61 -1.25
CA ASP A 26 -1.67 -16.65 -2.44
C ASP A 26 -2.05 -15.53 -3.40
N SER A 27 -3.35 -15.26 -3.50
CA SER A 27 -3.84 -14.21 -4.39
C SER A 27 -3.41 -12.84 -3.92
N LYS A 28 -3.43 -12.64 -2.60
CA LYS A 28 -3.03 -11.37 -2.01
C LYS A 28 -1.60 -11.01 -2.39
N ILE A 29 -0.75 -12.02 -2.47
CA ILE A 29 0.65 -11.82 -2.82
C ILE A 29 0.77 -11.01 -4.11
N ASN A 30 0.17 -11.50 -5.18
CA ASN A 30 0.21 -10.82 -6.48
C ASN A 30 -0.66 -9.57 -6.45
N SER A 31 -1.76 -9.63 -5.71
CA SER A 31 -2.68 -8.51 -5.61
C SER A 31 -1.99 -7.30 -4.98
N THR A 32 -0.93 -7.56 -4.22
CA THR A 32 -0.19 -6.49 -3.57
C THR A 32 0.30 -5.45 -4.56
N GLN A 33 0.67 -5.92 -5.76
CA GLN A 33 1.17 -5.04 -6.80
C GLN A 33 0.14 -3.96 -7.12
N GLU A 34 -1.12 -4.36 -7.22
CA GLU A 34 -2.19 -3.43 -7.52
C GLU A 34 -2.37 -2.41 -6.39
N LEU A 35 -2.48 -2.90 -5.17
CA LEU A 35 -2.65 -2.04 -4.00
C LEU A 35 -1.52 -1.01 -3.93
N LEU A 36 -0.30 -1.46 -4.15
CA LEU A 36 0.87 -0.58 -4.11
C LEU A 36 0.77 0.50 -5.18
N ASP A 37 0.19 0.15 -6.32
CA ASP A 37 0.04 1.09 -7.42
C ASP A 37 -0.76 2.31 -6.99
N ILE A 38 -1.88 2.07 -6.30
CA ILE A 38 -2.72 3.16 -5.82
C ILE A 38 -1.95 4.11 -4.92
N TYR A 39 -0.87 3.60 -4.33
CA TYR A 39 -0.04 4.41 -3.44
C TYR A 39 0.58 5.59 -4.19
N ARG A 40 1.21 5.29 -5.32
CA ARG A 40 1.85 6.31 -6.13
C ARG A 40 0.81 7.26 -6.73
N ARG A 41 -0.40 6.74 -6.93
CA ARG A 41 -1.48 7.53 -7.51
C ARG A 41 -1.75 8.77 -6.66
N LEU A 42 -1.62 8.62 -5.34
CA LEU A 42 -1.85 9.73 -4.42
C LEU A 42 -0.53 10.34 -3.96
N TYR A 43 0.44 10.39 -4.86
CA TYR A 43 1.75 10.95 -4.54
C TYR A 43 2.10 12.09 -5.50
N PRO A 44 1.06 12.75 -6.04
CA PRO A 44 1.23 13.87 -6.97
C PRO A 44 1.79 15.12 -6.29
N SER A 45 1.19 15.49 -5.18
CA SER A 45 1.62 16.66 -4.43
C SER A 45 1.28 16.53 -2.95
N LEU A 46 1.84 15.51 -2.31
CA LEU A 46 1.59 15.26 -0.89
C LEU A 46 2.44 16.19 -0.03
N THR A 47 1.97 16.46 1.19
CA THR A 47 2.69 17.32 2.11
C THR A 47 3.33 16.51 3.25
N PRO A 48 4.28 17.13 3.95
CA PRO A 48 4.98 16.48 5.07
C PRO A 48 4.07 16.28 6.27
N GLU A 49 3.19 17.24 6.53
CA GLU A 49 2.27 17.16 7.66
C GLU A 49 1.22 16.07 7.42
N GLU A 50 0.68 16.03 6.21
CA GLU A 50 -0.33 15.04 5.87
C GLU A 50 0.28 13.64 5.77
N ARG A 51 1.42 13.55 5.09
CA ARG A 51 2.11 12.27 4.92
C ARG A 51 2.56 11.73 6.27
N GLU A 52 2.59 12.58 7.28
CA GLU A 52 3.01 12.17 8.62
C GLU A 52 2.15 11.02 9.13
N SER A 53 0.87 11.04 8.76
CA SER A 53 -0.06 10.00 9.18
C SER A 53 0.24 8.68 8.49
N ILE A 54 0.34 8.73 7.16
CA ILE A 54 0.64 7.53 6.38
C ILE A 54 2.03 7.00 6.69
N ASP A 55 2.99 7.90 6.81
CA ASP A 55 4.37 7.52 7.11
C ASP A 55 4.47 6.90 8.50
N LYS A 56 3.84 7.53 9.48
CA LYS A 56 3.85 7.03 10.85
C LYS A 56 3.14 5.69 10.95
N PHE A 57 2.26 5.42 9.99
CA PHE A 57 1.52 4.16 9.97
C PHE A 57 2.01 3.26 8.84
N VAL A 58 3.31 3.28 8.59
CA VAL A 58 3.91 2.47 7.54
C VAL A 58 5.40 2.27 7.78
N ASN A 59 6.10 3.37 8.07
CA ASN A 59 7.53 3.31 8.32
C ASN A 59 7.85 2.33 9.44
N GLU A 60 7.59 2.75 10.67
CA GLU A 60 7.86 1.91 11.83
C GLU A 60 6.57 1.28 12.35
N HIS A 61 5.71 0.85 11.43
CA HIS A 61 4.44 0.24 11.79
C HIS A 61 4.28 -1.10 11.08
N THR A 62 4.98 -1.27 9.97
CA THR A 62 4.91 -2.50 9.20
C THR A 62 6.23 -3.28 9.28
N ASP A 63 6.21 -4.51 8.76
CA ASP A 63 7.39 -5.36 8.77
C ASP A 63 7.90 -5.60 7.35
N ALA A 64 9.15 -6.03 7.25
CA ALA A 64 9.75 -6.31 5.94
C ALA A 64 9.31 -7.67 5.41
N ILE A 65 9.45 -7.87 4.11
CA ILE A 65 9.07 -9.13 3.48
C ILE A 65 10.06 -9.53 2.40
N ILE A 66 10.79 -10.62 2.65
CA ILE A 66 11.78 -11.11 1.70
C ILE A 66 11.22 -12.27 0.87
N ILE A 67 11.20 -12.10 -0.44
CA ILE A 67 10.69 -13.13 -1.33
C ILE A 67 11.66 -13.38 -2.48
N ASP A 68 12.20 -14.59 -2.55
CA ASP A 68 13.14 -14.95 -3.60
C ASP A 68 14.51 -14.33 -3.35
N GLY A 69 14.92 -14.34 -2.09
CA GLY A 69 16.22 -13.78 -1.73
C GLY A 69 16.31 -12.30 -2.05
N VAL A 70 15.37 -11.52 -1.53
CA VAL A 70 15.36 -10.08 -1.77
C VAL A 70 14.63 -9.35 -0.65
N PRO A 71 15.36 -8.99 0.40
CA PRO A 71 14.81 -8.28 1.56
C PRO A 71 14.43 -6.84 1.23
N ILE A 72 13.26 -6.41 1.72
CA ILE A 72 12.80 -5.06 1.47
C ILE A 72 12.97 -4.19 2.71
N GLN A 73 12.83 -2.88 2.53
CA GLN A 73 12.96 -1.93 3.63
C GLN A 73 12.08 -2.34 4.81
N GLY A 74 12.21 -1.61 5.91
CA GLY A 74 11.42 -1.91 7.09
C GLY A 74 9.95 -2.11 6.77
N GLY A 75 9.46 -1.39 5.77
CA GLY A 75 8.07 -1.50 5.38
C GLY A 75 7.84 -1.10 3.94
N ARG A 76 8.77 -1.43 3.06
CA ARG A 76 8.66 -1.10 1.65
C ARG A 76 8.09 -2.27 0.86
N LYS A 77 7.44 -1.95 -0.26
CA LYS A 77 6.84 -2.98 -1.11
C LYS A 77 7.61 -3.11 -2.42
N ALA A 78 8.05 -4.33 -2.72
CA ALA A 78 8.80 -4.59 -3.95
C ALA A 78 7.91 -5.25 -4.99
N ARG A 79 8.37 -5.24 -6.24
CA ARG A 79 7.61 -5.84 -7.33
C ARG A 79 7.79 -7.36 -7.35
N ILE A 80 6.79 -8.07 -6.86
CA ILE A 80 6.83 -9.53 -6.81
C ILE A 80 5.78 -10.13 -7.73
N VAL A 81 6.17 -10.42 -8.97
CA VAL A 81 5.26 -11.01 -9.94
C VAL A 81 5.56 -12.49 -10.15
N GLY A 82 5.04 -13.33 -9.25
CA GLY A 82 5.25 -14.75 -9.34
C GLY A 82 6.73 -15.11 -9.41
N LYS A 83 7.31 -15.40 -8.25
CA LYS A 83 8.73 -15.76 -8.18
C LYS A 83 8.95 -16.89 -7.18
N ILE A 84 10.21 -17.25 -6.96
CA ILE A 84 10.56 -18.31 -6.03
C ILE A 84 10.53 -17.81 -4.58
N VAL A 85 9.32 -17.73 -4.03
CA VAL A 85 9.15 -17.27 -2.66
C VAL A 85 9.47 -18.39 -1.65
N SER A 86 9.79 -18.00 -0.42
CA SER A 86 10.12 -18.96 0.61
C SER A 86 9.02 -19.02 1.67
N PRO A 87 9.06 -20.07 2.51
CA PRO A 87 8.07 -20.27 3.58
C PRO A 87 8.21 -19.24 4.69
N GLY A 88 9.45 -18.80 4.94
CA GLY A 88 9.70 -17.83 5.98
C GLY A 88 8.77 -16.63 5.88
N VAL A 89 8.27 -16.37 4.68
CA VAL A 89 7.38 -15.24 4.45
C VAL A 89 5.94 -15.71 4.26
N LYS A 90 5.60 -16.11 3.04
CA LYS A 90 4.26 -16.59 2.73
C LYS A 90 3.20 -15.68 3.36
N GLY A 91 2.92 -15.93 4.64
CA GLY A 91 1.92 -15.12 5.34
C GLY A 91 2.39 -13.70 5.55
N LEU A 92 3.69 -13.52 5.73
CA LEU A 92 4.25 -12.19 5.95
C LEU A 92 3.84 -11.23 4.85
N ALA A 93 3.74 -11.75 3.63
CA ALA A 93 3.35 -10.93 2.48
C ALA A 93 1.89 -10.50 2.59
N THR A 94 1.04 -11.40 3.02
CA THR A 94 -0.38 -11.11 3.17
C THR A 94 -0.63 -10.18 4.35
N GLY A 95 0.16 -10.34 5.42
CA GLY A 95 0.01 -9.50 6.59
C GLY A 95 0.14 -8.03 6.27
N PHE A 96 1.10 -7.70 5.41
CA PHE A 96 1.33 -6.31 5.02
C PHE A 96 0.43 -5.92 3.85
N PHE A 97 0.06 -6.90 3.04
CA PHE A 97 -0.79 -6.66 1.88
C PHE A 97 -2.12 -6.05 2.31
N GLU A 98 -2.74 -6.62 3.34
CA GLU A 98 -4.01 -6.13 3.84
C GLU A 98 -3.86 -4.75 4.48
N GLU A 99 -2.70 -4.52 5.08
CA GLU A 99 -2.42 -3.24 5.73
C GLU A 99 -2.47 -2.10 4.71
N LEU A 100 -2.00 -2.37 3.51
CA LEU A 100 -2.00 -1.36 2.44
C LEU A 100 -3.40 -0.85 2.18
N GLY A 101 -4.36 -1.76 2.12
CA GLY A 101 -5.74 -1.39 1.86
C GLY A 101 -6.30 -0.50 2.96
N SER A 102 -6.02 -0.85 4.21
CA SER A 102 -6.51 -0.08 5.35
C SER A 102 -5.82 1.27 5.43
N LYS A 103 -4.51 1.27 5.26
CA LYS A 103 -3.72 2.49 5.32
C LYS A 103 -4.11 3.44 4.19
N LEU A 104 -4.41 2.88 3.02
CA LEU A 104 -4.80 3.67 1.86
C LEU A 104 -6.18 4.29 2.07
N ALA A 105 -6.96 3.71 2.97
CA ALA A 105 -8.29 4.21 3.27
C ALA A 105 -8.25 5.69 3.68
N GLN A 106 -7.35 6.00 4.61
CA GLN A 106 -7.21 7.38 5.08
C GLN A 106 -6.75 8.29 3.95
N LEU A 107 -5.90 7.77 3.08
CA LEU A 107 -5.39 8.54 1.96
C LEU A 107 -6.52 9.06 1.07
N PHE A 108 -7.62 8.31 1.05
CA PHE A 108 -8.79 8.68 0.25
C PHE A 108 -9.46 9.92 0.82
N ALA A 109 -9.55 9.99 2.15
CA ALA A 109 -10.17 11.13 2.81
C ALA A 109 -9.12 12.14 3.26
N GLY A 110 -8.16 12.42 2.39
CA GLY A 110 -7.11 13.37 2.71
C GLY A 110 -7.19 14.63 1.87
N GLU A 111 -6.03 15.16 1.50
CA GLU A 111 -5.97 16.37 0.69
C GLU A 111 -4.66 16.44 -0.09
N ASN A 112 -4.41 17.60 -0.71
CA ASN A 112 -3.20 17.79 -1.50
C ASN A 112 -2.71 19.24 -1.37
N LEU A 113 -1.39 19.40 -1.30
CA LEU A 113 -0.79 20.72 -1.18
C LEU A 113 0.45 20.83 -2.06
N TYR A 114 1.11 21.98 -1.98
CA TYR A 114 2.33 22.22 -2.77
C TYR A 114 3.54 21.60 -2.09
N PHE A 115 4.31 20.83 -2.85
CA PHE A 115 5.51 20.18 -2.33
C PHE A 115 6.21 19.39 -3.43
N GLN A 116 7.26 18.66 -3.04
CA GLN A 116 8.02 17.86 -3.99
C GLN A 116 7.37 16.50 -4.20
N MET A 1 -5.91 9.81 -9.48
CA MET A 1 -4.79 10.25 -10.31
C MET A 1 -4.98 11.69 -10.75
N GLY A 2 -4.24 12.60 -10.12
CA GLY A 2 -4.35 14.01 -10.46
C GLY A 2 -3.38 14.87 -9.66
N TYR A 3 -3.74 16.14 -9.46
CA TYR A 3 -2.90 17.06 -8.71
C TYR A 3 -3.75 18.15 -8.05
N SER A 4 -4.61 17.73 -7.13
CA SER A 4 -5.48 18.67 -6.42
C SER A 4 -6.30 17.94 -5.35
N ASP A 5 -6.98 18.72 -4.52
CA ASP A 5 -7.80 18.15 -3.45
C ASP A 5 -8.93 17.32 -4.03
N GLU A 6 -9.57 17.84 -5.06
CA GLU A 6 -10.68 17.13 -5.71
C GLU A 6 -10.17 15.98 -6.56
N ASP A 7 -8.99 16.15 -7.14
CA ASP A 7 -8.37 15.12 -7.98
C ASP A 7 -7.87 13.96 -7.13
N ARG A 8 -7.43 14.27 -5.91
CA ARG A 8 -6.91 13.24 -5.01
C ARG A 8 -7.97 12.17 -4.74
N GLU A 9 -9.23 12.60 -4.65
CA GLU A 9 -10.32 11.69 -4.38
C GLU A 9 -10.40 10.61 -5.47
N ALA A 10 -10.06 10.99 -6.69
CA ALA A 10 -10.08 10.05 -7.81
C ALA A 10 -9.20 8.84 -7.55
N ASP A 11 -7.97 9.10 -7.09
CA ASP A 11 -7.03 8.03 -6.78
C ASP A 11 -7.47 7.24 -5.55
N ASN A 12 -8.06 7.95 -4.59
CA ASN A 12 -8.52 7.33 -3.35
C ASN A 12 -9.49 6.18 -3.65
N LEU A 13 -10.32 6.37 -4.66
CA LEU A 13 -11.29 5.35 -5.06
C LEU A 13 -10.60 4.03 -5.36
N ARG A 14 -9.40 4.11 -5.92
CA ARG A 14 -8.62 2.92 -6.26
C ARG A 14 -8.19 2.18 -5.01
N ILE A 15 -7.79 2.93 -3.99
CA ILE A 15 -7.35 2.34 -2.73
C ILE A 15 -8.46 1.51 -2.09
N ALA A 16 -9.64 2.11 -2.00
CA ALA A 16 -10.79 1.42 -1.41
C ALA A 16 -11.26 0.26 -2.28
N GLU A 17 -11.23 0.47 -3.60
CA GLU A 17 -11.65 -0.55 -4.54
C GLU A 17 -10.72 -1.76 -4.48
N ILE A 18 -9.42 -1.50 -4.27
CA ILE A 18 -8.43 -2.57 -4.19
C ILE A 18 -8.66 -3.44 -2.96
N ILE A 19 -8.79 -2.80 -1.80
CA ILE A 19 -9.02 -3.52 -0.55
C ILE A 19 -10.36 -4.23 -0.57
N LYS A 20 -11.38 -3.56 -1.09
CA LYS A 20 -12.72 -4.12 -1.15
C LYS A 20 -12.77 -5.27 -2.17
N ASN A 21 -11.93 -5.19 -3.20
CA ASN A 21 -11.87 -6.22 -4.22
C ASN A 21 -11.00 -7.38 -3.78
N ALA A 22 -10.06 -7.11 -2.89
CA ALA A 22 -9.15 -8.13 -2.37
C ALA A 22 -9.61 -8.63 -1.01
N GLN A 23 -9.88 -9.92 -0.91
CA GLN A 23 -10.33 -10.51 0.35
C GLN A 23 -10.17 -12.03 0.31
N ASP A 24 -9.20 -12.50 -0.46
CA ASP A 24 -8.93 -13.93 -0.59
C ASP A 24 -7.50 -14.26 -0.18
N ASP A 25 -6.89 -13.35 0.59
CA ASP A 25 -5.51 -13.55 1.04
C ASP A 25 -4.54 -13.43 -0.14
N ASP A 26 -4.48 -14.47 -0.96
CA ASP A 26 -3.60 -14.48 -2.12
C ASP A 26 -3.87 -13.29 -3.03
N SER A 27 -5.15 -12.93 -3.16
CA SER A 27 -5.54 -11.82 -4.00
C SER A 27 -4.93 -10.51 -3.52
N LYS A 28 -4.82 -10.37 -2.19
CA LYS A 28 -4.25 -9.17 -1.59
C LYS A 28 -2.78 -9.03 -1.96
N ILE A 29 -2.05 -10.13 -1.93
CA ILE A 29 -0.63 -10.13 -2.27
C ILE A 29 -0.40 -9.47 -3.62
N ASN A 30 -1.14 -9.94 -4.62
CA ASN A 30 -1.01 -9.40 -5.98
C ASN A 30 -1.61 -8.01 -6.06
N SER A 31 -2.66 -7.76 -5.29
CA SER A 31 -3.33 -6.46 -5.29
C SER A 31 -2.44 -5.40 -4.64
N THR A 32 -1.46 -5.85 -3.86
CA THR A 32 -0.54 -4.95 -3.19
C THR A 32 0.12 -3.99 -4.17
N GLN A 33 0.43 -4.49 -5.36
CA GLN A 33 1.07 -3.69 -6.40
C GLN A 33 0.20 -2.48 -6.75
N GLU A 34 -1.10 -2.71 -6.88
CA GLU A 34 -2.04 -1.65 -7.22
C GLU A 34 -2.11 -0.61 -6.09
N LEU A 35 -2.19 -1.10 -4.86
CA LEU A 35 -2.27 -0.22 -3.71
C LEU A 35 -1.00 0.60 -3.56
N LEU A 36 0.15 -0.06 -3.67
CA LEU A 36 1.44 0.60 -3.55
C LEU A 36 1.60 1.67 -4.62
N ASP A 37 1.06 1.40 -5.80
CA ASP A 37 1.14 2.34 -6.91
C ASP A 37 0.50 3.67 -6.54
N ILE A 38 -0.59 3.61 -5.79
CA ILE A 38 -1.30 4.82 -5.37
C ILE A 38 -0.39 5.71 -4.52
N TYR A 39 0.58 5.09 -3.85
CA TYR A 39 1.50 5.83 -3.00
C TYR A 39 2.34 6.81 -3.82
N ARG A 40 2.90 6.31 -4.92
CA ARG A 40 3.73 7.15 -5.78
C ARG A 40 2.89 8.22 -6.46
N ARG A 41 1.61 7.95 -6.64
CA ARG A 41 0.70 8.90 -7.27
C ARG A 41 0.68 10.23 -6.51
N LEU A 42 0.80 10.15 -5.20
CA LEU A 42 0.79 11.35 -4.36
C LEU A 42 2.21 11.71 -3.94
N TYR A 43 3.17 11.51 -4.85
CA TYR A 43 4.56 11.81 -4.57
C TYR A 43 5.11 12.78 -5.62
N PRO A 44 4.23 13.58 -6.22
CA PRO A 44 4.61 14.56 -7.25
C PRO A 44 5.42 15.72 -6.67
N SER A 45 4.90 16.32 -5.60
CA SER A 45 5.58 17.44 -4.96
C SER A 45 5.23 17.52 -3.48
N LEU A 46 5.49 16.43 -2.76
CA LEU A 46 5.20 16.37 -1.33
C LEU A 46 6.29 17.08 -0.52
N THR A 47 5.90 17.65 0.60
CA THR A 47 6.84 18.35 1.47
C THR A 47 7.64 17.37 2.33
N PRO A 48 8.87 17.77 2.69
CA PRO A 48 9.76 16.95 3.50
C PRO A 48 9.27 16.83 4.95
N GLU A 49 8.64 17.89 5.44
CA GLU A 49 8.13 17.90 6.80
C GLU A 49 6.95 16.95 6.95
N GLU A 50 6.04 16.98 5.98
CA GLU A 50 4.86 16.12 6.01
C GLU A 50 5.25 14.66 5.75
N ARG A 51 6.22 14.46 4.87
CA ARG A 51 6.69 13.12 4.54
C ARG A 51 6.99 12.32 5.81
N GLU A 52 7.32 13.02 6.88
CA GLU A 52 7.62 12.38 8.15
C GLU A 52 6.47 11.49 8.61
N SER A 53 5.24 11.94 8.33
CA SER A 53 4.06 11.19 8.72
C SER A 53 4.05 9.82 8.05
N ILE A 54 4.21 9.79 6.74
CA ILE A 54 4.21 8.55 5.99
C ILE A 54 5.34 7.64 6.44
N ASP A 55 6.53 8.21 6.61
CA ASP A 55 7.69 7.45 7.06
C ASP A 55 7.43 6.78 8.40
N LYS A 56 6.74 7.49 9.28
CA LYS A 56 6.42 6.97 10.60
C LYS A 56 5.39 5.84 10.51
N PHE A 57 4.51 5.93 9.51
CA PHE A 57 3.48 4.93 9.31
C PHE A 57 3.80 4.04 8.11
N VAL A 58 5.09 3.75 7.93
CA VAL A 58 5.54 2.92 6.82
C VAL A 58 6.86 2.24 7.13
N ASN A 59 7.73 2.96 7.85
CA ASN A 59 9.03 2.42 8.21
C ASN A 59 9.01 1.88 9.64
N GLU A 60 7.87 2.02 10.30
CA GLU A 60 7.73 1.56 11.68
C GLU A 60 6.37 0.88 11.88
N HIS A 61 6.00 0.00 10.95
CA HIS A 61 4.73 -0.71 11.03
C HIS A 61 4.66 -1.81 9.98
N THR A 62 5.41 -1.64 8.90
CA THR A 62 5.43 -2.61 7.82
C THR A 62 6.77 -3.34 7.76
N ASP A 63 6.76 -4.56 7.23
CA ASP A 63 7.98 -5.35 7.10
C ASP A 63 8.31 -5.63 5.64
N ALA A 64 9.55 -6.01 5.37
CA ALA A 64 9.99 -6.30 4.02
C ALA A 64 9.55 -7.71 3.60
N ILE A 65 8.84 -7.79 2.47
CA ILE A 65 8.36 -9.07 1.96
C ILE A 65 9.46 -9.80 1.21
N ILE A 66 10.12 -10.73 1.90
CA ILE A 66 11.20 -11.51 1.31
C ILE A 66 10.65 -12.71 0.55
N ILE A 67 10.94 -12.78 -0.74
CA ILE A 67 10.49 -13.88 -1.58
C ILE A 67 11.63 -14.49 -2.37
N ASP A 68 12.27 -15.51 -1.80
CA ASP A 68 13.38 -16.18 -2.45
C ASP A 68 14.65 -15.32 -2.39
N GLY A 69 14.85 -14.67 -1.25
CA GLY A 69 16.02 -13.82 -1.08
C GLY A 69 15.90 -12.52 -1.84
N VAL A 70 14.80 -11.80 -1.65
CA VAL A 70 14.57 -10.53 -2.31
C VAL A 70 13.79 -9.58 -1.43
N PRO A 71 14.36 -9.24 -0.26
CA PRO A 71 13.73 -8.33 0.70
C PRO A 71 13.69 -6.89 0.19
N ILE A 72 12.61 -6.19 0.52
CA ILE A 72 12.44 -4.80 0.09
C ILE A 72 13.11 -3.85 1.08
N GLN A 73 13.29 -2.60 0.66
CA GLN A 73 13.92 -1.59 1.51
C GLN A 73 12.99 -0.39 1.69
N GLY A 74 12.08 -0.49 2.65
CA GLY A 74 11.15 0.59 2.91
C GLY A 74 9.80 0.10 3.36
N GLY A 75 9.57 -1.20 3.23
CA GLY A 75 8.30 -1.79 3.64
C GLY A 75 7.37 -2.00 2.46
N ARG A 76 7.82 -1.61 1.27
CA ARG A 76 7.02 -1.77 0.06
C ARG A 76 7.09 -3.20 -0.46
N LYS A 77 6.07 -3.61 -1.19
CA LYS A 77 6.01 -4.96 -1.76
C LYS A 77 6.21 -4.92 -3.27
N ALA A 78 7.34 -5.42 -3.73
CA ALA A 78 7.65 -5.45 -5.16
C ALA A 78 6.94 -6.61 -5.85
N ARG A 79 6.88 -6.56 -7.17
CA ARG A 79 6.23 -7.60 -7.94
C ARG A 79 7.13 -8.83 -8.08
N ILE A 80 6.75 -9.92 -7.43
CA ILE A 80 7.53 -11.15 -7.48
C ILE A 80 6.69 -12.31 -7.99
N VAL A 81 7.17 -12.98 -9.03
CA VAL A 81 6.47 -14.11 -9.61
C VAL A 81 6.69 -15.37 -8.79
N GLY A 82 6.33 -16.52 -9.36
CA GLY A 82 6.50 -17.79 -8.67
C GLY A 82 7.94 -18.08 -8.32
N LYS A 83 8.16 -18.78 -7.22
CA LYS A 83 9.50 -19.12 -6.77
C LYS A 83 9.47 -19.87 -5.45
N ILE A 84 10.64 -20.03 -4.84
CA ILE A 84 10.74 -20.74 -3.57
C ILE A 84 10.35 -19.82 -2.41
N VAL A 85 9.14 -19.26 -2.48
CA VAL A 85 8.65 -18.37 -1.44
C VAL A 85 8.09 -19.15 -0.26
N SER A 86 8.07 -18.52 0.91
CA SER A 86 7.56 -19.17 2.11
C SER A 86 6.17 -18.65 2.45
N PRO A 87 5.40 -19.47 3.19
CA PRO A 87 4.04 -19.12 3.61
C PRO A 87 4.01 -18.01 4.63
N GLY A 88 5.13 -17.83 5.33
CA GLY A 88 5.21 -16.78 6.34
C GLY A 88 5.33 -15.39 5.74
N VAL A 89 5.94 -15.31 4.57
CA VAL A 89 6.11 -14.04 3.88
C VAL A 89 4.89 -13.68 3.05
N LYS A 90 4.39 -14.67 2.30
CA LYS A 90 3.22 -14.47 1.45
C LYS A 90 2.08 -13.85 2.25
N GLY A 91 1.93 -14.29 3.50
CA GLY A 91 0.88 -13.76 4.35
C GLY A 91 1.15 -12.34 4.80
N LEU A 92 2.41 -12.01 5.00
CA LEU A 92 2.81 -10.68 5.44
C LEU A 92 2.25 -9.61 4.50
N ALA A 93 2.29 -9.90 3.20
CA ALA A 93 1.78 -8.97 2.21
C ALA A 93 0.30 -8.66 2.43
N THR A 94 -0.43 -9.66 2.92
CA THR A 94 -1.86 -9.50 3.19
C THR A 94 -2.10 -8.58 4.37
N GLY A 95 -1.39 -8.82 5.46
CA GLY A 95 -1.53 -8.00 6.65
C GLY A 95 -1.20 -6.55 6.40
N PHE A 96 -0.18 -6.31 5.56
CA PHE A 96 0.25 -4.96 5.24
C PHE A 96 -0.63 -4.37 4.14
N PHE A 97 -1.16 -5.23 3.28
CA PHE A 97 -2.00 -4.79 2.18
C PHE A 97 -3.23 -4.03 2.69
N GLU A 98 -3.89 -4.61 3.69
CA GLU A 98 -5.08 -3.99 4.28
C GLU A 98 -4.71 -2.72 5.03
N GLU A 99 -3.62 -2.78 5.78
CA GLU A 99 -3.16 -1.62 6.55
C GLU A 99 -2.81 -0.46 5.63
N LEU A 100 -2.21 -0.77 4.49
CA LEU A 100 -1.83 0.25 3.52
C LEU A 100 -3.04 1.04 3.05
N GLY A 101 -4.16 0.35 2.86
CA GLY A 101 -5.38 1.00 2.42
C GLY A 101 -5.83 2.08 3.37
N SER A 102 -5.79 1.79 4.67
CA SER A 102 -6.21 2.74 5.69
C SER A 102 -5.22 3.90 5.78
N LYS A 103 -3.94 3.59 5.63
CA LYS A 103 -2.90 4.61 5.69
C LYS A 103 -2.98 5.55 4.50
N LEU A 104 -3.10 4.98 3.31
CA LEU A 104 -3.20 5.76 2.08
C LEU A 104 -4.36 6.74 2.15
N ALA A 105 -5.34 6.44 3.00
CA ALA A 105 -6.51 7.29 3.16
C ALA A 105 -6.13 8.64 3.75
N GLN A 106 -5.13 8.64 4.63
CA GLN A 106 -4.66 9.88 5.26
C GLN A 106 -3.96 10.76 4.25
N LEU A 107 -3.21 10.15 3.33
CA LEU A 107 -2.48 10.89 2.31
C LEU A 107 -3.43 11.73 1.46
N PHE A 108 -4.68 11.27 1.34
CA PHE A 108 -5.68 11.98 0.56
C PHE A 108 -6.02 13.32 1.20
N ALA A 109 -6.27 13.30 2.51
CA ALA A 109 -6.60 14.51 3.24
C ALA A 109 -6.72 14.23 4.73
N GLY A 110 -7.21 15.23 5.48
CA GLY A 110 -7.36 15.06 6.91
C GLY A 110 -8.60 14.28 7.28
N GLU A 111 -8.67 13.04 6.82
CA GLU A 111 -9.81 12.18 7.11
C GLU A 111 -9.53 10.75 6.65
N ASN A 112 -10.55 9.89 6.76
CA ASN A 112 -10.43 8.49 6.37
C ASN A 112 -11.73 7.98 5.76
N LEU A 113 -11.62 7.27 4.65
CA LEU A 113 -12.79 6.72 3.97
C LEU A 113 -13.09 5.31 4.47
N TYR A 114 -14.10 4.69 3.88
CA TYR A 114 -14.50 3.34 4.26
C TYR A 114 -14.75 2.47 3.02
N PHE A 115 -15.12 1.22 3.25
CA PHE A 115 -15.41 0.29 2.17
C PHE A 115 -16.91 0.17 1.93
N GLN A 116 -17.29 -0.71 1.01
CA GLN A 116 -18.70 -0.93 0.69
C GLN A 116 -19.29 -2.04 1.55
N MET A 1 -0.04 15.44 -16.02
CA MET A 1 -0.78 16.48 -16.71
C MET A 1 -1.85 17.07 -15.79
N GLY A 2 -2.31 16.28 -14.83
CA GLY A 2 -3.33 16.74 -13.91
C GLY A 2 -2.75 17.23 -12.60
N TYR A 3 -3.54 17.99 -11.85
CA TYR A 3 -3.09 18.53 -10.57
C TYR A 3 -4.26 19.15 -9.80
N SER A 4 -5.24 18.31 -9.45
CA SER A 4 -6.41 18.76 -8.72
C SER A 4 -6.99 17.64 -7.86
N ASP A 5 -7.87 18.01 -6.94
CA ASP A 5 -8.50 17.03 -6.06
C ASP A 5 -9.42 16.09 -6.85
N GLU A 6 -9.91 16.58 -7.99
CA GLU A 6 -10.80 15.80 -8.82
C GLU A 6 -10.14 14.48 -9.23
N ASP A 7 -8.87 14.56 -9.63
CA ASP A 7 -8.13 13.39 -10.04
C ASP A 7 -7.74 12.53 -8.84
N ARG A 8 -7.52 13.18 -7.71
CA ARG A 8 -7.15 12.47 -6.49
C ARG A 8 -8.21 11.46 -6.10
N GLU A 9 -9.48 11.82 -6.31
CA GLU A 9 -10.59 10.93 -5.98
C GLU A 9 -10.60 9.71 -6.89
N ALA A 10 -10.33 9.94 -8.18
CA ALA A 10 -10.30 8.86 -9.16
C ALA A 10 -9.32 7.78 -8.76
N ASP A 11 -8.11 8.19 -8.39
CA ASP A 11 -7.06 7.26 -7.99
C ASP A 11 -7.38 6.63 -6.64
N ASN A 12 -7.79 7.46 -5.69
CA ASN A 12 -8.13 6.99 -4.36
C ASN A 12 -9.21 5.91 -4.42
N LEU A 13 -10.16 6.09 -5.32
CA LEU A 13 -11.25 5.13 -5.50
C LEU A 13 -10.72 3.73 -5.74
N ARG A 14 -9.59 3.65 -6.43
CA ARG A 14 -8.97 2.36 -6.74
C ARG A 14 -8.50 1.67 -5.46
N ILE A 15 -7.96 2.45 -4.54
CA ILE A 15 -7.47 1.91 -3.27
C ILE A 15 -8.60 1.24 -2.50
N ALA A 16 -9.78 1.85 -2.53
CA ALA A 16 -10.94 1.30 -1.82
C ALA A 16 -11.44 0.03 -2.50
N GLU A 17 -11.48 0.05 -3.83
CA GLU A 17 -11.94 -1.11 -4.59
C GLU A 17 -10.91 -2.23 -4.55
N ILE A 18 -9.63 -1.86 -4.56
CA ILE A 18 -8.56 -2.84 -4.53
C ILE A 18 -8.64 -3.71 -3.27
N ILE A 19 -8.87 -3.07 -2.13
CA ILE A 19 -8.98 -3.78 -0.87
C ILE A 19 -10.26 -4.62 -0.83
N LYS A 20 -11.35 -4.07 -1.33
CA LYS A 20 -12.62 -4.77 -1.35
C LYS A 20 -12.59 -5.95 -2.31
N ASN A 21 -11.79 -5.81 -3.38
CA ASN A 21 -11.66 -6.86 -4.38
C ASN A 21 -10.70 -7.95 -3.90
N ALA A 22 -9.69 -7.54 -3.15
CA ALA A 22 -8.70 -8.47 -2.63
C ALA A 22 -9.18 -9.13 -1.34
N GLN A 23 -10.35 -9.74 -1.41
CA GLN A 23 -10.93 -10.41 -0.25
C GLN A 23 -9.97 -11.43 0.33
N ASP A 24 -9.79 -12.54 -0.38
CA ASP A 24 -8.90 -13.61 0.07
C ASP A 24 -7.51 -13.04 0.38
N ASP A 25 -7.03 -13.32 1.59
CA ASP A 25 -5.73 -12.85 2.03
C ASP A 25 -4.66 -13.18 0.99
N ASP A 26 -4.69 -14.41 0.50
CA ASP A 26 -3.72 -14.87 -0.50
C ASP A 26 -3.75 -13.97 -1.72
N SER A 27 -4.94 -13.50 -2.09
CA SER A 27 -5.10 -12.64 -3.25
C SER A 27 -4.49 -11.27 -2.99
N LYS A 28 -4.58 -10.82 -1.74
CA LYS A 28 -4.05 -9.51 -1.36
C LYS A 28 -2.55 -9.43 -1.65
N ILE A 29 -1.86 -10.56 -1.49
CA ILE A 29 -0.43 -10.61 -1.75
C ILE A 29 -0.09 -10.06 -3.12
N ASN A 30 -0.84 -10.49 -4.13
CA ASN A 30 -0.63 -10.03 -5.50
C ASN A 30 -1.12 -8.60 -5.68
N SER A 31 -2.26 -8.29 -5.10
CA SER A 31 -2.84 -6.95 -5.19
C SER A 31 -1.89 -5.91 -4.62
N THR A 32 -0.94 -6.37 -3.80
CA THR A 32 0.03 -5.48 -3.18
C THR A 32 0.75 -4.63 -4.23
N GLN A 33 1.09 -5.25 -5.35
CA GLN A 33 1.77 -4.56 -6.44
C GLN A 33 0.94 -3.39 -6.96
N GLU A 34 -0.36 -3.64 -7.14
CA GLU A 34 -1.26 -2.61 -7.63
C GLU A 34 -1.41 -1.49 -6.62
N LEU A 35 -1.70 -1.86 -5.37
CA LEU A 35 -1.87 -0.88 -4.30
C LEU A 35 -0.64 0.01 -4.17
N LEU A 36 0.53 -0.61 -4.24
CA LEU A 36 1.79 0.12 -4.13
C LEU A 36 1.91 1.17 -5.24
N ASP A 37 1.40 0.83 -6.42
CA ASP A 37 1.45 1.74 -7.56
C ASP A 37 0.73 3.05 -7.25
N ILE A 38 -0.36 2.95 -6.50
CA ILE A 38 -1.13 4.13 -6.12
C ILE A 38 -0.35 5.02 -5.16
N TYR A 39 0.61 4.42 -4.45
CA TYR A 39 1.42 5.14 -3.49
C TYR A 39 2.36 6.12 -4.20
N ARG A 40 3.07 5.61 -5.21
CA ARG A 40 4.00 6.44 -5.98
C ARG A 40 3.25 7.50 -6.77
N ARG A 41 2.00 7.21 -7.12
CA ARG A 41 1.18 8.14 -7.89
C ARG A 41 1.04 9.48 -7.15
N LEU A 42 1.11 9.42 -5.83
CA LEU A 42 0.99 10.62 -5.00
C LEU A 42 2.35 11.12 -4.55
N TYR A 43 3.35 10.95 -5.42
CA TYR A 43 4.71 11.38 -5.12
C TYR A 43 5.23 12.34 -6.19
N PRO A 44 4.30 13.04 -6.85
CA PRO A 44 4.64 14.00 -7.91
C PRO A 44 5.33 15.25 -7.36
N SER A 45 4.73 15.83 -6.32
CA SER A 45 5.29 17.04 -5.71
C SER A 45 4.71 17.24 -4.30
N LEU A 46 4.72 16.18 -3.52
CA LEU A 46 4.20 16.25 -2.15
C LEU A 46 5.21 16.87 -1.21
N THR A 47 4.72 17.50 -0.14
CA THR A 47 5.59 18.13 0.84
C THR A 47 6.18 17.11 1.80
N PRO A 48 7.36 17.43 2.36
CA PRO A 48 8.04 16.55 3.32
C PRO A 48 7.32 16.46 4.65
N GLU A 49 6.61 17.52 5.01
CA GLU A 49 5.88 17.56 6.26
C GLU A 49 4.69 16.60 6.22
N GLU A 50 4.05 16.51 5.07
CA GLU A 50 2.90 15.62 4.91
C GLU A 50 3.33 14.16 4.93
N ARG A 51 4.47 13.87 4.29
CA ARG A 51 4.99 12.51 4.24
C ARG A 51 5.22 11.96 5.65
N GLU A 52 5.27 12.86 6.63
CA GLU A 52 5.50 12.46 8.02
C GLU A 52 4.36 11.56 8.51
N SER A 53 3.15 11.84 8.04
CA SER A 53 1.98 11.06 8.44
C SER A 53 2.07 9.64 7.88
N ILE A 54 2.40 9.53 6.60
CA ILE A 54 2.51 8.23 5.95
C ILE A 54 3.79 7.52 6.37
N ASP A 55 4.90 8.26 6.37
CA ASP A 55 6.19 7.70 6.74
C ASP A 55 6.15 7.13 8.16
N LYS A 56 5.63 7.93 9.09
CA LYS A 56 5.54 7.51 10.48
C LYS A 56 4.57 6.33 10.63
N PHE A 57 3.60 6.24 9.72
CA PHE A 57 2.61 5.17 9.74
C PHE A 57 2.89 4.16 8.65
N VAL A 58 4.17 3.90 8.39
CA VAL A 58 4.57 2.96 7.35
C VAL A 58 5.97 2.43 7.61
N ASN A 59 6.90 3.32 7.89
CA ASN A 59 8.28 2.95 8.16
C ASN A 59 8.41 2.27 9.52
N GLU A 60 8.07 3.01 10.57
CA GLU A 60 8.15 2.48 11.93
C GLU A 60 6.76 2.09 12.44
N HIS A 61 5.96 1.51 11.56
CA HIS A 61 4.61 1.09 11.92
C HIS A 61 4.30 -0.29 11.34
N THR A 62 4.88 -0.58 10.17
CA THR A 62 4.66 -1.86 9.50
C THR A 62 5.92 -2.71 9.51
N ASP A 63 5.79 -3.96 9.09
CA ASP A 63 6.92 -4.87 9.05
C ASP A 63 7.26 -5.25 7.61
N ALA A 64 8.47 -5.76 7.41
CA ALA A 64 8.92 -6.16 6.08
C ALA A 64 8.35 -7.52 5.69
N ILE A 65 8.43 -7.85 4.41
CA ILE A 65 7.93 -9.13 3.91
C ILE A 65 9.04 -9.94 3.26
N ILE A 66 9.41 -11.05 3.91
CA ILE A 66 10.45 -11.92 3.40
C ILE A 66 9.92 -12.82 2.29
N ILE A 67 10.46 -12.64 1.08
CA ILE A 67 10.05 -13.44 -0.07
C ILE A 67 11.23 -13.72 -0.99
N ASP A 68 11.28 -14.95 -1.50
CA ASP A 68 12.36 -15.35 -2.41
C ASP A 68 13.73 -15.02 -1.80
N GLY A 69 13.86 -15.22 -0.50
CA GLY A 69 15.12 -14.92 0.17
C GLY A 69 15.52 -13.47 0.05
N VAL A 70 14.57 -12.63 -0.36
CA VAL A 70 14.83 -11.20 -0.51
C VAL A 70 13.76 -10.37 0.16
N PRO A 71 13.92 -10.14 1.47
CA PRO A 71 12.96 -9.36 2.27
C PRO A 71 13.00 -7.88 1.91
N ILE A 72 11.91 -7.18 2.22
CA ILE A 72 11.82 -5.75 1.94
C ILE A 72 12.11 -4.92 3.18
N GLN A 73 11.83 -3.62 3.09
CA GLN A 73 12.06 -2.72 4.21
C GLN A 73 10.79 -1.96 4.57
N GLY A 74 10.48 -1.91 5.86
CA GLY A 74 9.29 -1.21 6.31
C GLY A 74 8.01 -1.94 5.95
N GLY A 75 7.62 -1.85 4.68
CA GLY A 75 6.41 -2.51 4.24
C GLY A 75 6.19 -2.36 2.74
N ARG A 76 7.27 -2.18 1.99
CA ARG A 76 7.18 -2.02 0.55
C ARG A 76 7.24 -3.37 -0.15
N LYS A 77 6.66 -3.44 -1.35
CA LYS A 77 6.65 -4.67 -2.13
C LYS A 77 7.55 -4.55 -3.35
N ALA A 78 8.44 -5.53 -3.53
CA ALA A 78 9.35 -5.54 -4.66
C ALA A 78 8.72 -6.19 -5.88
N ARG A 79 9.23 -5.86 -7.06
CA ARG A 79 8.71 -6.42 -8.30
C ARG A 79 9.26 -7.82 -8.54
N ILE A 80 8.69 -8.81 -7.87
CA ILE A 80 9.12 -10.20 -8.01
C ILE A 80 7.93 -11.14 -8.11
N VAL A 81 7.63 -11.56 -9.34
CA VAL A 81 6.51 -12.48 -9.57
C VAL A 81 6.99 -13.92 -9.68
N GLY A 82 6.16 -14.85 -9.24
CA GLY A 82 6.51 -16.26 -9.30
C GLY A 82 7.91 -16.52 -8.77
N LYS A 83 8.02 -16.67 -7.44
CA LYS A 83 9.30 -16.93 -6.81
C LYS A 83 9.25 -18.21 -5.98
N ILE A 84 10.25 -18.41 -5.14
CA ILE A 84 10.32 -19.59 -4.29
C ILE A 84 9.83 -19.28 -2.88
N VAL A 85 8.56 -18.91 -2.77
CA VAL A 85 7.97 -18.60 -1.48
C VAL A 85 6.83 -19.56 -1.14
N SER A 86 6.41 -19.56 0.12
CA SER A 86 5.33 -20.43 0.57
C SER A 86 4.07 -19.63 0.88
N PRO A 87 2.94 -20.32 0.96
CA PRO A 87 1.64 -19.69 1.26
C PRO A 87 1.56 -19.20 2.69
N GLY A 88 2.58 -19.50 3.48
CA GLY A 88 2.60 -19.08 4.88
C GLY A 88 3.20 -17.70 5.05
N VAL A 89 4.09 -17.33 4.13
CA VAL A 89 4.75 -16.03 4.19
C VAL A 89 3.89 -14.95 3.55
N LYS A 90 3.22 -15.30 2.46
CA LYS A 90 2.36 -14.37 1.75
C LYS A 90 1.36 -13.71 2.71
N GLY A 91 1.04 -14.40 3.78
CA GLY A 91 0.11 -13.87 4.76
C GLY A 91 0.55 -12.54 5.32
N LEU A 92 1.86 -12.34 5.44
CA LEU A 92 2.42 -11.11 5.95
C LEU A 92 2.20 -9.96 4.98
N ALA A 93 2.27 -10.27 3.68
CA ALA A 93 2.08 -9.26 2.65
C ALA A 93 0.63 -8.75 2.64
N THR A 94 -0.31 -9.68 2.78
CA THR A 94 -1.73 -9.32 2.77
C THR A 94 -2.11 -8.58 4.05
N GLY A 95 -1.50 -8.97 5.17
CA GLY A 95 -1.79 -8.33 6.44
C GLY A 95 -1.52 -6.84 6.40
N PHE A 96 -0.43 -6.44 5.76
CA PHE A 96 -0.07 -5.03 5.66
C PHE A 96 -0.76 -4.38 4.45
N PHE A 97 -1.08 -5.19 3.46
CA PHE A 97 -1.72 -4.70 2.25
C PHE A 97 -3.04 -4.00 2.59
N GLU A 98 -3.80 -4.60 3.50
CA GLU A 98 -5.08 -4.04 3.90
C GLU A 98 -4.89 -2.73 4.66
N GLU A 99 -3.82 -2.66 5.44
CA GLU A 99 -3.51 -1.46 6.21
C GLU A 99 -3.09 -0.32 5.30
N LEU A 100 -2.34 -0.65 4.25
CA LEU A 100 -1.86 0.35 3.30
C LEU A 100 -3.02 1.11 2.68
N GLY A 101 -4.13 0.40 2.44
CA GLY A 101 -5.30 1.03 1.85
C GLY A 101 -5.81 2.20 2.67
N SER A 102 -5.87 2.00 3.99
CA SER A 102 -6.35 3.05 4.89
C SER A 102 -5.35 4.20 4.98
N LYS A 103 -4.06 3.85 4.96
CA LYS A 103 -3.00 4.85 5.04
C LYS A 103 -3.10 5.83 3.88
N LEU A 104 -3.33 5.31 2.68
CA LEU A 104 -3.45 6.15 1.48
C LEU A 104 -4.73 6.98 1.53
N ALA A 105 -5.69 6.54 2.33
CA ALA A 105 -6.95 7.24 2.47
C ALA A 105 -6.73 8.72 2.79
N GLN A 106 -5.91 8.98 3.79
CA GLN A 106 -5.61 10.36 4.20
C GLN A 106 -4.82 11.08 3.12
N LEU A 107 -3.95 10.36 2.43
CA LEU A 107 -3.14 10.93 1.37
C LEU A 107 -4.01 11.53 0.27
N PHE A 108 -5.21 10.97 0.11
CA PHE A 108 -6.15 11.45 -0.90
C PHE A 108 -6.71 12.81 -0.51
N ALA A 109 -7.16 12.93 0.73
CA ALA A 109 -7.72 14.19 1.22
C ALA A 109 -8.12 14.06 2.68
N GLY A 110 -7.78 15.08 3.48
CA GLY A 110 -8.12 15.07 4.88
C GLY A 110 -7.48 13.91 5.62
N GLU A 111 -8.31 13.04 6.17
CA GLU A 111 -7.82 11.88 6.91
C GLU A 111 -8.94 10.87 7.16
N ASN A 112 -8.56 9.62 7.38
CA ASN A 112 -9.53 8.55 7.62
C ASN A 112 -8.95 7.48 8.54
N LEU A 113 -9.67 6.37 8.67
CA LEU A 113 -9.22 5.27 9.51
C LEU A 113 -9.79 3.94 9.02
N TYR A 114 -9.30 2.84 9.60
CA TYR A 114 -9.76 1.51 9.23
C TYR A 114 -9.17 0.46 10.15
N PHE A 115 -9.78 -0.73 10.14
CA PHE A 115 -9.32 -1.83 10.98
C PHE A 115 -9.24 -3.13 10.19
N GLN A 116 -9.00 -4.23 10.89
CA GLN A 116 -8.90 -5.54 10.24
C GLN A 116 -10.29 -6.11 9.95
N MET A 1 -7.11 12.36 -12.05
CA MET A 1 -5.81 12.91 -12.42
C MET A 1 -5.95 14.30 -13.05
N GLY A 2 -5.54 15.32 -12.31
CA GLY A 2 -5.63 16.68 -12.81
C GLY A 2 -4.80 17.65 -12.01
N TYR A 3 -5.25 18.90 -11.93
CA TYR A 3 -4.54 19.93 -11.20
C TYR A 3 -5.35 20.43 -10.00
N SER A 4 -5.88 19.48 -9.23
CA SER A 4 -6.68 19.81 -8.06
C SER A 4 -6.71 18.66 -7.07
N ASP A 5 -6.86 18.99 -5.79
CA ASP A 5 -6.89 17.98 -4.74
C ASP A 5 -8.03 16.98 -4.98
N GLU A 6 -9.05 17.43 -5.70
CA GLU A 6 -10.21 16.59 -6.00
C GLU A 6 -9.79 15.39 -6.85
N ASP A 7 -8.77 15.59 -7.68
CA ASP A 7 -8.27 14.53 -8.54
C ASP A 7 -7.75 13.35 -7.72
N ARG A 8 -7.14 13.66 -6.58
CA ARG A 8 -6.61 12.62 -5.70
C ARG A 8 -7.70 11.66 -5.26
N GLU A 9 -8.90 12.19 -5.07
CA GLU A 9 -10.04 11.37 -4.64
C GLU A 9 -10.35 10.29 -5.67
N ALA A 10 -10.12 10.61 -6.94
CA ALA A 10 -10.37 9.67 -8.03
C ALA A 10 -9.58 8.39 -7.84
N ASP A 11 -8.30 8.53 -7.53
CA ASP A 11 -7.43 7.38 -7.32
C ASP A 11 -7.81 6.63 -6.05
N ASN A 12 -8.21 7.38 -5.02
CA ASN A 12 -8.60 6.78 -3.75
C ASN A 12 -9.88 5.96 -3.90
N LEU A 13 -10.78 6.45 -4.74
CA LEU A 13 -12.05 5.76 -4.98
C LEU A 13 -11.81 4.32 -5.42
N ARG A 14 -10.80 4.13 -6.27
CA ARG A 14 -10.47 2.80 -6.77
C ARG A 14 -9.90 1.92 -5.66
N ILE A 15 -9.10 2.52 -4.79
CA ILE A 15 -8.50 1.79 -3.69
C ILE A 15 -9.57 1.20 -2.78
N ALA A 16 -10.64 1.95 -2.54
CA ALA A 16 -11.73 1.51 -1.70
C ALA A 16 -12.51 0.38 -2.36
N GLU A 17 -12.61 0.44 -3.69
CA GLU A 17 -13.33 -0.57 -4.45
C GLU A 17 -12.58 -1.91 -4.43
N ILE A 18 -11.28 -1.84 -4.68
CA ILE A 18 -10.45 -3.04 -4.69
C ILE A 18 -10.51 -3.76 -3.35
N ILE A 19 -10.53 -2.99 -2.27
CA ILE A 19 -10.59 -3.56 -0.93
C ILE A 19 -11.94 -4.24 -0.68
N LYS A 20 -13.01 -3.54 -1.01
CA LYS A 20 -14.36 -4.08 -0.83
C LYS A 20 -14.61 -5.24 -1.78
N ASN A 21 -14.03 -5.17 -2.97
CA ASN A 21 -14.19 -6.21 -3.97
C ASN A 21 -13.22 -7.35 -3.73
N ALA A 22 -12.17 -7.08 -2.96
CA ALA A 22 -11.18 -8.11 -2.64
C ALA A 22 -10.96 -8.23 -1.14
N GLN A 23 -11.61 -9.22 -0.54
CA GLN A 23 -11.50 -9.46 0.89
C GLN A 23 -10.19 -10.15 1.24
N ASP A 24 -9.80 -10.09 2.51
CA ASP A 24 -8.57 -10.70 2.96
C ASP A 24 -8.41 -12.11 2.39
N ASP A 25 -7.60 -12.24 1.34
CA ASP A 25 -7.37 -13.53 0.71
C ASP A 25 -6.43 -13.38 -0.49
N ASP A 26 -6.45 -14.37 -1.37
CA ASP A 26 -5.61 -14.35 -2.56
C ASP A 26 -5.85 -13.09 -3.38
N SER A 27 -7.10 -12.64 -3.42
CA SER A 27 -7.46 -11.45 -4.17
C SER A 27 -6.69 -10.23 -3.67
N LYS A 28 -6.45 -10.19 -2.36
CA LYS A 28 -5.72 -9.07 -1.75
C LYS A 28 -4.27 -9.05 -2.22
N ILE A 29 -3.71 -10.24 -2.44
CA ILE A 29 -2.33 -10.35 -2.89
C ILE A 29 -2.14 -9.70 -4.25
N ASN A 30 -2.94 -10.13 -5.22
CA ASN A 30 -2.87 -9.59 -6.57
C ASN A 30 -3.36 -8.14 -6.60
N SER A 31 -4.38 -7.84 -5.81
CA SER A 31 -4.95 -6.51 -5.75
C SER A 31 -3.90 -5.49 -5.31
N THR A 32 -2.84 -5.99 -4.69
CA THR A 32 -1.75 -5.12 -4.23
C THR A 32 -1.20 -4.27 -5.36
N GLN A 33 -1.02 -4.89 -6.52
CA GLN A 33 -0.49 -4.19 -7.68
C GLN A 33 -1.37 -2.99 -8.04
N GLU A 34 -2.68 -3.19 -7.98
CA GLU A 34 -3.63 -2.13 -8.30
C GLU A 34 -3.54 -1.00 -7.27
N LEU A 35 -3.61 -1.35 -6.00
CA LEU A 35 -3.54 -0.36 -4.93
C LEU A 35 -2.20 0.37 -4.95
N LEU A 36 -1.14 -0.36 -5.30
CA LEU A 36 0.20 0.22 -5.36
C LEU A 36 0.27 1.30 -6.43
N ASP A 37 -0.48 1.11 -7.51
CA ASP A 37 -0.50 2.08 -8.61
C ASP A 37 -0.90 3.46 -8.11
N ILE A 38 -1.86 3.49 -7.18
CA ILE A 38 -2.33 4.75 -6.62
C ILE A 38 -1.23 5.45 -5.83
N TYR A 39 -0.27 4.67 -5.32
CA TYR A 39 0.83 5.22 -4.55
C TYR A 39 1.73 6.08 -5.43
N ARG A 40 2.12 5.55 -6.58
CA ARG A 40 2.98 6.28 -7.51
C ARG A 40 2.25 7.48 -8.09
N ARG A 41 0.93 7.40 -8.15
CA ARG A 41 0.12 8.49 -8.69
C ARG A 41 0.36 9.78 -7.93
N LEU A 42 0.55 9.65 -6.62
CA LEU A 42 0.78 10.82 -5.77
C LEU A 42 2.26 10.94 -5.42
N TYR A 43 3.12 10.59 -6.37
CA TYR A 43 4.57 10.66 -6.17
C TYR A 43 5.23 11.54 -7.21
N PRO A 44 4.46 12.50 -7.75
CA PRO A 44 4.95 13.44 -8.77
C PRO A 44 5.97 14.42 -8.21
N SER A 45 5.63 15.05 -7.09
CA SER A 45 6.52 16.01 -6.46
C SER A 45 6.27 16.08 -4.96
N LEU A 46 6.40 14.94 -4.28
CA LEU A 46 6.19 14.86 -2.85
C LEU A 46 7.42 15.37 -2.09
N THR A 47 7.18 16.04 -0.96
CA THR A 47 8.27 16.57 -0.15
C THR A 47 8.78 15.51 0.83
N PRO A 48 9.99 15.74 1.36
CA PRO A 48 10.63 14.82 2.31
C PRO A 48 9.92 14.82 3.66
N GLU A 49 9.59 16.01 4.16
CA GLU A 49 8.91 16.14 5.44
C GLU A 49 7.49 15.61 5.36
N GLU A 50 6.84 15.82 4.21
CA GLU A 50 5.48 15.36 4.02
C GLU A 50 5.41 13.84 3.92
N ARG A 51 6.32 13.26 3.14
CA ARG A 51 6.37 11.81 2.96
C ARG A 51 6.46 11.11 4.31
N GLU A 52 6.98 11.81 5.32
CA GLU A 52 7.11 11.25 6.65
C GLU A 52 5.76 10.75 7.17
N SER A 53 4.70 11.47 6.83
CA SER A 53 3.36 11.11 7.26
C SER A 53 3.01 9.69 6.83
N ILE A 54 3.20 9.40 5.55
CA ILE A 54 2.92 8.08 5.01
C ILE A 54 3.99 7.06 5.42
N ASP A 55 5.25 7.47 5.32
CA ASP A 55 6.36 6.60 5.68
C ASP A 55 6.23 6.14 7.13
N LYS A 56 5.96 7.07 8.03
CA LYS A 56 5.81 6.76 9.44
C LYS A 56 4.61 5.85 9.68
N PHE A 57 3.59 5.99 8.82
CA PHE A 57 2.39 5.19 8.94
C PHE A 57 2.35 4.09 7.86
N VAL A 58 3.52 3.54 7.56
CA VAL A 58 3.63 2.48 6.55
C VAL A 58 4.85 1.61 6.81
N ASN A 59 5.99 2.24 7.05
CA ASN A 59 7.23 1.52 7.31
C ASN A 59 7.18 0.83 8.67
N GLU A 60 7.25 1.62 9.74
CA GLU A 60 7.22 1.08 11.09
C GLU A 60 5.78 0.91 11.56
N HIS A 61 4.97 0.23 10.75
CA HIS A 61 3.57 -0.01 11.09
C HIS A 61 3.02 -1.19 10.30
N THR A 62 3.49 -1.36 9.07
CA THR A 62 3.05 -2.44 8.21
C THR A 62 4.15 -3.46 7.99
N ASP A 63 3.81 -4.58 7.38
CA ASP A 63 4.78 -5.65 7.10
C ASP A 63 4.84 -5.95 5.61
N ALA A 64 6.00 -6.40 5.16
CA ALA A 64 6.19 -6.73 3.75
C ALA A 64 6.48 -8.22 3.58
N ILE A 65 6.39 -8.69 2.33
CA ILE A 65 6.65 -10.10 2.03
C ILE A 65 8.15 -10.38 1.96
N ILE A 66 8.79 -10.45 3.12
CA ILE A 66 10.21 -10.72 3.19
C ILE A 66 10.50 -12.21 3.03
N ILE A 67 11.25 -12.55 1.98
CA ILE A 67 11.59 -13.95 1.71
C ILE A 67 12.97 -14.04 1.06
N ASP A 68 13.65 -15.16 1.29
CA ASP A 68 14.96 -15.39 0.72
C ASP A 68 15.85 -14.16 0.89
N GLY A 69 15.74 -13.51 2.05
CA GLY A 69 16.54 -12.33 2.31
C GLY A 69 16.27 -11.22 1.32
N VAL A 70 15.00 -11.04 0.96
CA VAL A 70 14.62 -10.01 0.00
C VAL A 70 13.25 -9.42 0.34
N PRO A 71 13.26 -8.37 1.18
CA PRO A 71 12.03 -7.70 1.61
C PRO A 71 11.38 -6.91 0.47
N ILE A 72 10.08 -6.64 0.63
CA ILE A 72 9.34 -5.90 -0.38
C ILE A 72 9.16 -4.44 0.02
N GLN A 73 8.55 -3.65 -0.86
CA GLN A 73 8.32 -2.24 -0.59
C GLN A 73 7.37 -2.06 0.59
N GLY A 74 6.75 -0.89 0.69
CA GLY A 74 5.83 -0.62 1.78
C GLY A 74 6.48 -0.77 3.14
N GLY A 75 6.57 -2.01 3.62
CA GLY A 75 7.18 -2.26 4.91
C GLY A 75 8.69 -2.32 4.84
N ARG A 76 9.22 -2.46 3.63
CA ARG A 76 10.66 -2.53 3.44
C ARG A 76 11.07 -1.86 2.13
N LYS A 77 12.32 -1.41 2.06
CA LYS A 77 12.83 -0.74 0.88
C LYS A 77 13.84 -1.62 0.14
N ALA A 78 13.34 -2.69 -0.47
CA ALA A 78 14.20 -3.61 -1.22
C ALA A 78 13.61 -3.93 -2.58
N ARG A 79 14.43 -4.49 -3.46
CA ARG A 79 13.99 -4.84 -4.81
C ARG A 79 13.27 -6.18 -4.80
N ILE A 80 12.39 -6.38 -5.78
CA ILE A 80 11.63 -7.62 -5.89
C ILE A 80 11.46 -8.04 -7.34
N VAL A 81 11.99 -9.20 -7.69
CA VAL A 81 11.89 -9.71 -9.06
C VAL A 81 11.86 -11.24 -9.07
N GLY A 82 10.79 -11.81 -8.51
CA GLY A 82 10.66 -13.25 -8.47
C GLY A 82 11.75 -13.91 -7.65
N LYS A 83 11.37 -14.54 -6.54
CA LYS A 83 12.32 -15.21 -5.68
C LYS A 83 11.69 -16.43 -5.01
N ILE A 84 12.33 -16.93 -3.96
CA ILE A 84 11.83 -18.09 -3.24
C ILE A 84 10.68 -17.70 -2.31
N VAL A 85 9.62 -17.15 -2.88
CA VAL A 85 8.46 -16.74 -2.10
C VAL A 85 7.58 -17.95 -1.75
N SER A 86 7.24 -18.06 -0.47
CA SER A 86 6.40 -19.17 0.00
C SER A 86 5.01 -18.67 0.36
N PRO A 87 4.07 -19.62 0.51
CA PRO A 87 2.68 -19.31 0.87
C PRO A 87 2.54 -18.81 2.29
N GLY A 88 3.64 -18.82 3.03
CA GLY A 88 3.63 -18.37 4.41
C GLY A 88 3.93 -16.88 4.54
N VAL A 89 4.80 -16.39 3.65
CA VAL A 89 5.17 -14.98 3.67
C VAL A 89 4.28 -14.16 2.73
N LYS A 90 3.84 -14.78 1.65
CA LYS A 90 2.98 -14.11 0.67
C LYS A 90 1.76 -13.51 1.36
N GLY A 91 1.28 -14.18 2.41
CA GLY A 91 0.12 -13.69 3.14
C GLY A 91 0.33 -12.29 3.68
N LEU A 92 1.57 -11.97 4.04
CA LEU A 92 1.90 -10.65 4.58
C LEU A 92 1.44 -9.55 3.63
N ALA A 93 1.53 -9.82 2.32
CA ALA A 93 1.12 -8.85 1.32
C ALA A 93 -0.35 -8.47 1.48
N THR A 94 -1.19 -9.46 1.75
CA THR A 94 -2.62 -9.24 1.93
C THR A 94 -2.89 -8.49 3.24
N GLY A 95 -2.11 -8.81 4.27
CA GLY A 95 -2.28 -8.17 5.56
C GLY A 95 -2.06 -6.66 5.50
N PHE A 96 -0.96 -6.27 4.87
CA PHE A 96 -0.62 -4.85 4.75
C PHE A 96 -1.50 -4.18 3.70
N PHE A 97 -1.97 -4.97 2.73
CA PHE A 97 -2.81 -4.44 1.67
C PHE A 97 -4.07 -3.78 2.24
N GLU A 98 -4.63 -4.40 3.28
CA GLU A 98 -5.82 -3.88 3.92
C GLU A 98 -5.57 -2.50 4.53
N GLU A 99 -4.50 -2.40 5.31
CA GLU A 99 -4.15 -1.13 5.95
C GLU A 99 -3.64 -0.13 4.93
N LEU A 100 -2.91 -0.62 3.93
CA LEU A 100 -2.36 0.24 2.89
C LEU A 100 -3.48 1.00 2.17
N GLY A 101 -4.62 0.35 2.00
CA GLY A 101 -5.75 0.97 1.33
C GLY A 101 -6.23 2.21 2.07
N SER A 102 -6.34 2.12 3.39
CA SER A 102 -6.80 3.24 4.20
C SER A 102 -5.75 4.35 4.23
N LYS A 103 -4.49 3.95 4.29
CA LYS A 103 -3.38 4.92 4.34
C LYS A 103 -3.41 5.82 3.11
N LEU A 104 -3.53 5.21 1.93
CA LEU A 104 -3.56 5.97 0.68
C LEU A 104 -4.73 6.95 0.67
N ALA A 105 -5.74 6.67 1.49
CA ALA A 105 -6.92 7.52 1.58
C ALA A 105 -6.57 8.86 2.22
N GLN A 106 -5.64 8.84 3.17
CA GLN A 106 -5.22 10.05 3.87
C GLN A 106 -4.55 11.02 2.90
N LEU A 107 -3.82 10.48 1.93
CA LEU A 107 -3.12 11.30 0.96
C LEU A 107 -4.10 12.18 0.19
N PHE A 108 -5.19 11.58 -0.27
CA PHE A 108 -6.20 12.31 -1.02
C PHE A 108 -7.01 13.22 -0.10
N ALA A 109 -7.19 12.78 1.15
CA ALA A 109 -7.94 13.55 2.13
C ALA A 109 -7.94 12.86 3.49
N GLY A 110 -7.89 13.65 4.55
CA GLY A 110 -7.89 13.09 5.90
C GLY A 110 -9.00 12.09 6.11
N GLU A 111 -8.64 10.81 6.17
CA GLU A 111 -9.63 9.75 6.37
C GLU A 111 -8.96 8.38 6.41
N ASN A 112 -9.20 7.64 7.49
CA ASN A 112 -8.63 6.31 7.64
C ASN A 112 -9.71 5.27 7.91
N LEU A 113 -9.29 4.06 8.25
CA LEU A 113 -10.22 2.98 8.53
C LEU A 113 -9.59 1.93 9.44
N TYR A 114 -10.26 0.80 9.59
CA TYR A 114 -9.77 -0.29 10.43
C TYR A 114 -9.42 -1.51 9.60
N PHE A 115 -8.42 -2.27 10.05
CA PHE A 115 -7.99 -3.47 9.34
C PHE A 115 -7.93 -4.66 10.29
N GLN A 116 -7.37 -5.77 9.80
CA GLN A 116 -7.26 -6.98 10.60
C GLN A 116 -6.03 -6.92 11.51
N MET A 1 -3.68 11.47 -9.31
CA MET A 1 -2.58 11.88 -10.19
C MET A 1 -2.77 13.31 -10.66
N GLY A 2 -3.03 14.22 -9.73
CA GLY A 2 -3.23 15.62 -10.08
C GLY A 2 -3.39 16.50 -8.85
N TYR A 3 -4.01 17.66 -9.04
CA TYR A 3 -4.21 18.59 -7.94
C TYR A 3 -5.68 19.06 -7.89
N SER A 4 -6.59 18.10 -7.90
CA SER A 4 -8.01 18.40 -7.86
C SER A 4 -8.80 17.26 -7.22
N ASP A 5 -10.01 17.56 -6.77
CA ASP A 5 -10.87 16.55 -6.16
C ASP A 5 -11.29 15.49 -7.17
N GLU A 6 -11.32 15.88 -8.45
CA GLU A 6 -11.71 14.97 -9.51
C GLU A 6 -10.59 13.97 -9.81
N ASP A 7 -9.37 14.46 -9.87
CA ASP A 7 -8.21 13.61 -10.14
C ASP A 7 -7.90 12.71 -8.93
N ARG A 8 -7.91 13.31 -7.74
CA ARG A 8 -7.62 12.58 -6.51
C ARG A 8 -8.63 11.47 -6.31
N GLU A 9 -9.88 11.72 -6.70
CA GLU A 9 -10.94 10.73 -6.55
C GLU A 9 -10.71 9.53 -7.46
N ALA A 10 -10.18 9.79 -8.65
CA ALA A 10 -9.91 8.73 -9.61
C ALA A 10 -8.95 7.70 -9.03
N ASP A 11 -7.87 8.18 -8.43
CA ASP A 11 -6.87 7.30 -7.84
C ASP A 11 -7.43 6.63 -6.58
N ASN A 12 -8.07 7.42 -5.74
CA ASN A 12 -8.64 6.90 -4.50
C ASN A 12 -9.68 5.83 -4.78
N LEU A 13 -10.45 6.02 -5.85
CA LEU A 13 -11.47 5.06 -6.23
C LEU A 13 -10.89 3.67 -6.41
N ARG A 14 -9.73 3.61 -7.07
CA ARG A 14 -9.06 2.33 -7.32
C ARG A 14 -8.66 1.67 -6.00
N ILE A 15 -8.20 2.47 -5.05
CA ILE A 15 -7.79 1.96 -3.75
C ILE A 15 -8.95 1.27 -3.03
N ALA A 16 -10.10 1.95 -3.00
CA ALA A 16 -11.28 1.40 -2.35
C ALA A 16 -11.84 0.22 -3.12
N GLU A 17 -11.71 0.28 -4.45
CA GLU A 17 -12.20 -0.80 -5.31
C GLU A 17 -11.34 -2.04 -5.17
N ILE A 18 -10.04 -1.85 -4.97
CA ILE A 18 -9.11 -2.96 -4.82
C ILE A 18 -9.52 -3.86 -3.67
N ILE A 19 -10.03 -3.27 -2.59
CA ILE A 19 -10.46 -4.03 -1.43
C ILE A 19 -11.68 -4.88 -1.75
N LYS A 20 -12.67 -4.27 -2.40
CA LYS A 20 -13.89 -4.97 -2.78
C LYS A 20 -13.61 -6.01 -3.86
N ASN A 21 -12.62 -5.74 -4.70
CA ASN A 21 -12.25 -6.65 -5.77
C ASN A 21 -11.09 -7.55 -5.34
N ALA A 22 -10.99 -7.78 -4.04
CA ALA A 22 -9.93 -8.63 -3.50
C ALA A 22 -10.21 -9.00 -2.05
N GLN A 23 -10.61 -10.25 -1.83
CA GLN A 23 -10.91 -10.73 -0.49
C GLN A 23 -10.84 -12.25 -0.43
N ASP A 24 -9.72 -12.81 -0.86
CA ASP A 24 -9.52 -14.25 -0.86
C ASP A 24 -8.05 -14.60 -0.65
N ASP A 25 -7.33 -13.73 0.05
CA ASP A 25 -5.92 -13.94 0.33
C ASP A 25 -5.09 -13.82 -0.95
N ASP A 26 -5.15 -14.85 -1.79
CA ASP A 26 -4.40 -14.85 -3.04
C ASP A 26 -4.79 -13.65 -3.92
N SER A 27 -6.08 -13.29 -3.88
CA SER A 27 -6.57 -12.17 -4.66
C SER A 27 -6.04 -10.84 -4.10
N LYS A 28 -6.10 -10.70 -2.79
CA LYS A 28 -5.63 -9.48 -2.13
C LYS A 28 -4.12 -9.33 -2.28
N ILE A 29 -3.40 -10.39 -1.92
CA ILE A 29 -1.94 -10.38 -2.02
C ILE A 29 -1.48 -10.03 -3.43
N ASN A 30 -2.14 -10.63 -4.42
CA ASN A 30 -1.80 -10.38 -5.82
C ASN A 30 -2.28 -8.99 -6.25
N SER A 31 -3.38 -8.55 -5.69
CA SER A 31 -3.95 -7.24 -6.02
C SER A 31 -3.16 -6.12 -5.33
N THR A 32 -2.49 -6.47 -4.24
CA THR A 32 -1.70 -5.50 -3.49
C THR A 32 -0.69 -4.80 -4.39
N GLN A 33 -0.14 -5.54 -5.35
CA GLN A 33 0.84 -4.99 -6.27
C GLN A 33 0.28 -3.77 -7.00
N GLU A 34 -0.97 -3.88 -7.45
CA GLU A 34 -1.63 -2.79 -8.16
C GLU A 34 -1.84 -1.59 -7.24
N LEU A 35 -2.07 -1.87 -5.96
CA LEU A 35 -2.29 -0.82 -4.99
C LEU A 35 -1.06 0.07 -4.83
N LEU A 36 0.12 -0.56 -4.87
CA LEU A 36 1.37 0.17 -4.75
C LEU A 36 1.52 1.20 -5.86
N ASP A 37 1.03 0.85 -7.05
CA ASP A 37 1.11 1.73 -8.20
C ASP A 37 0.40 3.06 -7.92
N ILE A 38 -0.71 2.98 -7.20
CA ILE A 38 -1.48 4.17 -6.86
C ILE A 38 -0.68 5.11 -5.96
N TYR A 39 0.30 4.55 -5.25
CA TYR A 39 1.14 5.34 -4.36
C TYR A 39 2.05 6.27 -5.15
N ARG A 40 2.58 5.76 -6.26
CA ARG A 40 3.47 6.55 -7.10
C ARG A 40 2.72 7.70 -7.76
N ARG A 41 1.42 7.52 -7.95
CA ARG A 41 0.58 8.55 -8.56
C ARG A 41 0.66 9.86 -7.78
N LEU A 42 0.76 9.75 -6.46
CA LEU A 42 0.84 10.92 -5.60
C LEU A 42 2.29 11.18 -5.17
N TYR A 43 3.22 10.92 -6.07
CA TYR A 43 4.63 11.13 -5.79
C TYR A 43 5.26 12.07 -6.81
N PRO A 44 4.44 12.96 -7.38
CA PRO A 44 4.89 13.92 -8.39
C PRO A 44 5.78 15.00 -7.78
N SER A 45 5.31 15.61 -6.69
CA SER A 45 6.06 16.67 -6.02
C SER A 45 5.86 16.59 -4.50
N LEU A 46 6.10 15.41 -3.95
CA LEU A 46 5.95 15.20 -2.51
C LEU A 46 7.17 15.72 -1.75
N THR A 47 6.94 16.28 -0.57
CA THR A 47 8.02 16.81 0.25
C THR A 47 8.53 15.77 1.24
N PRO A 48 9.73 16.00 1.78
CA PRO A 48 10.37 15.09 2.73
C PRO A 48 9.65 15.09 4.08
N GLU A 49 9.30 16.28 4.56
CA GLU A 49 8.62 16.40 5.84
C GLU A 49 7.19 15.87 5.76
N GLU A 50 6.56 16.09 4.61
CA GLU A 50 5.19 15.62 4.40
C GLU A 50 5.14 14.10 4.28
N ARG A 51 6.09 13.54 3.54
CA ARG A 51 6.16 12.10 3.35
C ARG A 51 6.13 11.37 4.69
N GLU A 52 6.55 12.06 5.75
CA GLU A 52 6.57 11.49 7.08
C GLU A 52 5.19 10.97 7.48
N SER A 53 4.15 11.69 7.05
CA SER A 53 2.78 11.30 7.37
C SER A 53 2.50 9.87 6.93
N ILE A 54 2.82 9.56 5.67
CA ILE A 54 2.61 8.23 5.14
C ILE A 54 3.34 7.17 5.97
N ASP A 55 4.58 7.45 6.31
CA ASP A 55 5.38 6.53 7.11
C ASP A 55 4.79 6.37 8.51
N LYS A 56 4.32 7.48 9.07
CA LYS A 56 3.74 7.46 10.41
C LYS A 56 2.47 6.60 10.44
N PHE A 57 1.92 6.33 9.27
CA PHE A 57 0.72 5.51 9.16
C PHE A 57 0.96 4.31 8.24
N VAL A 58 2.16 3.75 8.33
CA VAL A 58 2.52 2.60 7.51
C VAL A 58 3.47 1.67 8.27
N ASN A 59 4.37 2.26 9.05
CA ASN A 59 5.33 1.48 9.82
C ASN A 59 4.63 0.61 10.85
N GLU A 60 4.14 1.24 11.92
CA GLU A 60 3.45 0.52 12.98
C GLU A 60 2.00 0.22 12.58
N HIS A 61 1.82 -0.29 11.37
CA HIS A 61 0.49 -0.62 10.86
C HIS A 61 0.59 -1.64 9.72
N THR A 62 1.56 -1.44 8.84
CA THR A 62 1.75 -2.34 7.70
C THR A 62 3.03 -3.14 7.84
N ASP A 63 3.07 -4.31 7.22
CA ASP A 63 4.24 -5.17 7.26
C ASP A 63 4.90 -5.30 5.89
N ALA A 64 6.15 -5.73 5.87
CA ALA A 64 6.88 -5.89 4.62
C ALA A 64 7.08 -7.36 4.28
N ILE A 65 7.46 -7.64 3.04
CA ILE A 65 7.68 -9.00 2.60
C ILE A 65 9.16 -9.37 2.65
N ILE A 66 9.54 -10.16 3.63
CA ILE A 66 10.93 -10.59 3.80
C ILE A 66 11.27 -11.73 2.84
N ILE A 67 12.20 -11.47 1.93
CA ILE A 67 12.62 -12.48 0.97
C ILE A 67 14.10 -12.35 0.64
N ASP A 68 14.76 -13.48 0.45
CA ASP A 68 16.19 -13.50 0.13
C ASP A 68 16.97 -12.62 1.10
N GLY A 69 16.59 -12.66 2.37
CA GLY A 69 17.26 -11.87 3.39
C GLY A 69 17.24 -10.39 3.06
N VAL A 70 16.26 -9.97 2.26
CA VAL A 70 16.12 -8.57 1.88
C VAL A 70 14.67 -8.14 1.84
N PRO A 71 14.14 -7.74 3.02
CA PRO A 71 12.75 -7.30 3.16
C PRO A 71 12.50 -5.96 2.48
N ILE A 72 11.24 -5.69 2.16
CA ILE A 72 10.87 -4.44 1.51
C ILE A 72 10.64 -3.33 2.54
N GLN A 73 10.69 -2.08 2.08
CA GLN A 73 10.49 -0.94 2.95
C GLN A 73 9.17 -0.24 2.64
N GLY A 74 8.64 0.49 3.62
CA GLY A 74 7.39 1.21 3.43
C GLY A 74 6.24 0.27 3.08
N GLY A 75 6.24 -0.91 3.69
CA GLY A 75 5.19 -1.87 3.42
C GLY A 75 4.94 -2.08 1.95
N ARG A 76 5.99 -1.90 1.14
CA ARG A 76 5.87 -2.06 -0.31
C ARG A 76 6.06 -3.51 -0.71
N LYS A 77 5.45 -3.89 -1.83
CA LYS A 77 5.56 -5.26 -2.32
C LYS A 77 6.40 -5.32 -3.60
N ALA A 78 7.62 -5.84 -3.48
CA ALA A 78 8.51 -5.95 -4.62
C ALA A 78 8.16 -7.16 -5.48
N ARG A 79 8.67 -7.19 -6.71
CA ARG A 79 8.41 -8.28 -7.63
C ARG A 79 9.30 -9.48 -7.31
N ILE A 80 8.71 -10.52 -6.72
CA ILE A 80 9.44 -11.72 -6.37
C ILE A 80 8.95 -12.92 -7.18
N VAL A 81 9.57 -13.15 -8.34
CA VAL A 81 9.19 -14.26 -9.19
C VAL A 81 10.13 -15.44 -9.00
N GLY A 82 9.57 -16.58 -8.61
CA GLY A 82 10.38 -17.77 -8.39
C GLY A 82 11.56 -17.51 -7.47
N LYS A 83 11.27 -17.29 -6.20
CA LYS A 83 12.32 -17.03 -5.21
C LYS A 83 12.10 -17.86 -3.95
N ILE A 84 12.78 -17.48 -2.88
CA ILE A 84 12.66 -18.18 -1.61
C ILE A 84 11.38 -17.78 -0.87
N VAL A 85 10.26 -17.83 -1.58
CA VAL A 85 8.97 -17.48 -1.00
C VAL A 85 8.36 -18.65 -0.24
N SER A 86 8.08 -18.43 1.04
CA SER A 86 7.51 -19.47 1.88
C SER A 86 6.02 -19.20 2.15
N PRO A 87 5.32 -20.22 2.64
CA PRO A 87 3.89 -20.12 2.95
C PRO A 87 3.62 -19.23 4.16
N GLY A 88 4.69 -18.80 4.83
CA GLY A 88 4.55 -17.96 5.99
C GLY A 88 4.83 -16.50 5.68
N VAL A 89 5.56 -16.25 4.60
CA VAL A 89 5.90 -14.90 4.19
C VAL A 89 4.89 -14.35 3.20
N LYS A 90 4.46 -15.20 2.27
CA LYS A 90 3.47 -14.80 1.27
C LYS A 90 2.24 -14.17 1.92
N GLY A 91 1.92 -14.63 3.12
CA GLY A 91 0.77 -14.09 3.83
C GLY A 91 1.01 -12.69 4.35
N LEU A 92 2.25 -12.41 4.73
CA LEU A 92 2.60 -11.09 5.24
C LEU A 92 2.20 -10.00 4.26
N ALA A 93 2.32 -10.28 2.97
CA ALA A 93 1.96 -9.33 1.94
C ALA A 93 0.50 -8.91 2.05
N THR A 94 -0.34 -9.84 2.47
CA THR A 94 -1.77 -9.59 2.61
C THR A 94 -2.04 -8.65 3.79
N GLY A 95 -1.26 -8.81 4.85
CA GLY A 95 -1.42 -7.98 6.03
C GLY A 95 -1.26 -6.51 5.72
N PHE A 96 -0.32 -6.19 4.83
CA PHE A 96 -0.06 -4.81 4.45
C PHE A 96 -1.03 -4.35 3.36
N PHE A 97 -1.53 -5.30 2.58
CA PHE A 97 -2.46 -5.00 1.50
C PHE A 97 -3.70 -4.27 2.03
N GLU A 98 -4.22 -4.77 3.16
CA GLU A 98 -5.40 -4.18 3.77
C GLU A 98 -5.10 -2.77 4.30
N GLU A 99 -4.01 -2.67 5.07
CA GLU A 99 -3.61 -1.39 5.65
C GLU A 99 -3.28 -0.38 4.55
N LEU A 100 -2.67 -0.86 3.48
CA LEU A 100 -2.30 0.00 2.36
C LEU A 100 -3.53 0.70 1.78
N GLY A 101 -4.64 -0.02 1.72
CA GLY A 101 -5.86 0.54 1.19
C GLY A 101 -6.36 1.72 2.01
N SER A 102 -6.33 1.57 3.34
CA SER A 102 -6.79 2.63 4.23
C SER A 102 -5.84 3.82 4.20
N LYS A 103 -4.54 3.52 4.21
CA LYS A 103 -3.51 4.57 4.18
C LYS A 103 -3.61 5.39 2.91
N LEU A 104 -3.70 4.71 1.78
CA LEU A 104 -3.80 5.38 0.48
C LEU A 104 -5.01 6.31 0.45
N ALA A 105 -5.98 6.04 1.31
CA ALA A 105 -7.19 6.87 1.39
C ALA A 105 -6.87 8.27 1.90
N GLN A 106 -6.13 8.32 3.00
CA GLN A 106 -5.76 9.61 3.60
C GLN A 106 -5.00 10.47 2.60
N LEU A 107 -4.19 9.83 1.77
CA LEU A 107 -3.40 10.53 0.77
C LEU A 107 -4.30 11.37 -0.14
N PHE A 108 -5.55 10.96 -0.27
CA PHE A 108 -6.52 11.67 -1.11
C PHE A 108 -6.63 13.13 -0.67
N ALA A 109 -6.43 13.38 0.61
CA ALA A 109 -6.52 14.73 1.16
C ALA A 109 -6.21 14.74 2.65
N GLY A 110 -5.34 15.66 3.07
CA GLY A 110 -4.99 15.76 4.47
C GLY A 110 -4.46 14.46 5.02
N GLU A 111 -4.84 14.15 6.26
CA GLU A 111 -4.38 12.92 6.91
C GLU A 111 -5.25 12.60 8.12
N ASN A 112 -5.32 11.32 8.47
CA ASN A 112 -6.11 10.88 9.61
C ASN A 112 -5.56 9.57 10.18
N LEU A 113 -6.31 8.98 11.10
CA LEU A 113 -5.90 7.73 11.74
C LEU A 113 -7.10 6.96 12.24
N TYR A 114 -7.07 5.64 12.05
CA TYR A 114 -8.17 4.78 12.48
C TYR A 114 -7.83 3.30 12.27
N PHE A 115 -8.12 2.49 13.27
CA PHE A 115 -7.83 1.06 13.20
C PHE A 115 -8.83 0.26 14.03
N GLN A 116 -8.58 -1.04 14.17
CA GLN A 116 -9.46 -1.91 14.95
C GLN A 116 -9.11 -1.85 16.43
N MET A 1 -8.05 26.22 -1.37
CA MET A 1 -6.77 25.53 -1.25
C MET A 1 -6.60 24.49 -2.35
N GLY A 2 -5.44 24.50 -3.00
CA GLY A 2 -5.17 23.56 -4.07
C GLY A 2 -6.19 23.64 -5.19
N TYR A 3 -5.99 22.87 -6.24
CA TYR A 3 -6.89 22.86 -7.39
C TYR A 3 -7.03 21.46 -7.97
N SER A 4 -7.10 20.46 -7.08
CA SER A 4 -7.23 19.08 -7.51
C SER A 4 -7.57 18.17 -6.33
N ASP A 5 -8.43 18.66 -5.45
CA ASP A 5 -8.85 17.90 -4.27
C ASP A 5 -9.66 16.67 -4.68
N GLU A 6 -10.58 16.86 -5.62
CA GLU A 6 -11.43 15.78 -6.10
C GLU A 6 -10.60 14.72 -6.82
N ASP A 7 -9.53 15.17 -7.48
CA ASP A 7 -8.65 14.26 -8.21
C ASP A 7 -8.01 13.25 -7.28
N ARG A 8 -7.63 13.71 -6.09
CA ARG A 8 -6.99 12.85 -5.10
C ARG A 8 -7.90 11.68 -4.73
N GLU A 9 -9.20 11.93 -4.71
CA GLU A 9 -10.18 10.90 -4.38
C GLU A 9 -10.09 9.74 -5.36
N ALA A 10 -9.76 10.05 -6.60
CA ALA A 10 -9.65 9.03 -7.65
C ALA A 10 -8.62 7.96 -7.25
N ASP A 11 -7.45 8.41 -6.80
CA ASP A 11 -6.39 7.49 -6.40
C ASP A 11 -6.76 6.77 -5.10
N ASN A 12 -7.38 7.50 -4.18
CA ASN A 12 -7.78 6.92 -2.91
C ASN A 12 -8.87 5.86 -3.10
N LEU A 13 -9.77 6.12 -4.03
CA LEU A 13 -10.86 5.19 -4.33
C LEU A 13 -10.32 3.81 -4.67
N ARG A 14 -9.22 3.78 -5.42
CA ARG A 14 -8.59 2.51 -5.81
C ARG A 14 -8.11 1.74 -4.59
N ILE A 15 -7.56 2.47 -3.62
CA ILE A 15 -7.06 1.84 -2.40
C ILE A 15 -8.17 1.13 -1.65
N ALA A 16 -9.29 1.81 -1.46
CA ALA A 16 -10.43 1.23 -0.77
C ALA A 16 -11.08 0.13 -1.60
N GLU A 17 -11.06 0.30 -2.92
CA GLU A 17 -11.65 -0.68 -3.82
C GLU A 17 -10.93 -2.01 -3.72
N ILE A 18 -9.60 -1.97 -3.74
CA ILE A 18 -8.79 -3.17 -3.66
C ILE A 18 -8.95 -3.84 -2.30
N ILE A 19 -9.03 -3.03 -1.25
CA ILE A 19 -9.18 -3.55 0.11
C ILE A 19 -10.50 -4.31 0.26
N LYS A 20 -11.59 -3.71 -0.22
CA LYS A 20 -12.90 -4.33 -0.14
C LYS A 20 -12.98 -5.55 -1.06
N ASN A 21 -12.33 -5.45 -2.21
CA ASN A 21 -12.33 -6.55 -3.18
C ASN A 21 -11.32 -7.63 -2.78
N ALA A 22 -10.44 -7.28 -1.86
CA ALA A 22 -9.42 -8.22 -1.39
C ALA A 22 -10.00 -9.19 -0.37
N GLN A 23 -10.54 -10.30 -0.85
CA GLN A 23 -11.13 -11.32 0.01
C GLN A 23 -10.16 -12.47 0.23
N ASP A 24 -9.56 -12.95 -0.85
CA ASP A 24 -8.61 -14.05 -0.78
C ASP A 24 -7.19 -13.55 -0.53
N ASP A 25 -6.44 -14.29 0.27
CA ASP A 25 -5.07 -13.91 0.58
C ASP A 25 -4.28 -13.60 -0.69
N ASP A 26 -4.46 -14.43 -1.71
CA ASP A 26 -3.78 -14.25 -2.98
C ASP A 26 -4.23 -12.95 -3.66
N SER A 27 -5.51 -12.63 -3.50
CA SER A 27 -6.07 -11.43 -4.11
C SER A 27 -5.49 -10.17 -3.47
N LYS A 28 -5.43 -10.16 -2.14
CA LYS A 28 -4.89 -9.03 -1.40
C LYS A 28 -3.39 -8.86 -1.68
N ILE A 29 -2.64 -9.94 -1.52
CA ILE A 29 -1.20 -9.92 -1.76
C ILE A 29 -0.89 -9.49 -3.19
N ASN A 30 -1.66 -10.02 -4.13
CA ASN A 30 -1.46 -9.69 -5.54
C ASN A 30 -1.94 -8.28 -5.85
N SER A 31 -2.97 -7.83 -5.14
CA SER A 31 -3.51 -6.50 -5.34
C SER A 31 -2.60 -5.45 -4.72
N THR A 32 -1.74 -5.88 -3.81
CA THR A 32 -0.81 -4.97 -3.14
C THR A 32 0.01 -4.18 -4.15
N GLN A 33 0.36 -4.83 -5.26
CA GLN A 33 1.15 -4.18 -6.31
C GLN A 33 0.45 -2.92 -6.81
N GLU A 34 -0.87 -3.01 -7.01
CA GLU A 34 -1.65 -1.89 -7.49
C GLU A 34 -1.67 -0.76 -6.46
N LEU A 35 -1.88 -1.13 -5.20
CA LEU A 35 -1.92 -0.14 -4.12
C LEU A 35 -0.63 0.68 -4.07
N LEU A 36 0.49 0.01 -4.32
CA LEU A 36 1.79 0.67 -4.31
C LEU A 36 1.84 1.79 -5.35
N ASP A 37 1.17 1.58 -6.48
CA ASP A 37 1.13 2.56 -7.55
C ASP A 37 0.56 3.88 -7.04
N ILE A 38 -0.43 3.80 -6.16
CA ILE A 38 -1.07 4.99 -5.61
C ILE A 38 -0.09 5.77 -4.74
N TYR A 39 0.92 5.08 -4.21
CA TYR A 39 1.92 5.70 -3.35
C TYR A 39 2.73 6.73 -4.12
N ARG A 40 3.24 6.33 -5.28
CA ARG A 40 4.04 7.22 -6.12
C ARG A 40 3.19 8.34 -6.68
N ARG A 41 1.89 8.09 -6.83
CA ARG A 41 0.96 9.09 -7.35
C ARG A 41 0.99 10.34 -6.50
N LEU A 42 1.14 10.17 -5.19
CA LEU A 42 1.18 11.29 -4.27
C LEU A 42 2.61 11.63 -3.87
N TYR A 43 3.53 11.48 -4.81
CA TYR A 43 4.94 11.77 -4.56
C TYR A 43 5.47 12.81 -5.55
N PRO A 44 4.57 13.66 -6.05
CA PRO A 44 4.92 14.72 -7.00
C PRO A 44 5.75 15.82 -6.35
N SER A 45 5.30 16.32 -5.21
CA SER A 45 6.00 17.37 -4.50
C SER A 45 5.63 17.38 -3.02
N LEU A 46 5.93 16.28 -2.34
CA LEU A 46 5.63 16.15 -0.91
C LEU A 46 6.67 16.89 -0.07
N THR A 47 6.22 17.48 1.02
CA THR A 47 7.11 18.22 1.92
C THR A 47 7.72 17.29 2.97
N PRO A 48 8.80 17.75 3.61
CA PRO A 48 9.50 16.98 4.64
C PRO A 48 8.68 16.85 5.92
N GLU A 49 7.91 17.89 6.23
CA GLU A 49 7.07 17.90 7.43
C GLU A 49 5.93 16.90 7.30
N GLU A 50 5.28 16.89 6.12
CA GLU A 50 4.17 15.99 5.87
C GLU A 50 4.65 14.55 5.76
N ARG A 51 5.73 14.35 5.00
CA ARG A 51 6.29 13.02 4.81
C ARG A 51 6.81 12.45 6.12
N GLU A 52 7.03 13.33 7.10
CA GLU A 52 7.53 12.93 8.41
C GLU A 52 6.60 11.89 9.04
N SER A 53 5.31 12.04 8.81
CA SER A 53 4.32 11.13 9.37
C SER A 53 4.28 9.82 8.59
N ILE A 54 4.14 9.93 7.27
CA ILE A 54 4.10 8.75 6.41
C ILE A 54 5.37 7.93 6.54
N ASP A 55 6.51 8.61 6.58
CA ASP A 55 7.80 7.94 6.72
C ASP A 55 7.90 7.21 8.05
N LYS A 56 7.58 7.93 9.13
CA LYS A 56 7.64 7.35 10.48
C LYS A 56 6.61 6.23 10.63
N PHE A 57 5.61 6.23 9.77
CA PHE A 57 4.56 5.21 9.81
C PHE A 57 4.65 4.29 8.60
N VAL A 58 5.88 3.99 8.18
CA VAL A 58 6.11 3.11 7.05
C VAL A 58 7.50 2.50 7.10
N ASN A 59 8.51 3.33 7.35
CA ASN A 59 9.88 2.86 7.43
C ASN A 59 10.06 1.88 8.59
N GLU A 60 10.00 2.40 9.81
CA GLU A 60 10.16 1.56 11.00
C GLU A 60 8.80 1.13 11.54
N HIS A 61 7.88 0.80 10.64
CA HIS A 61 6.55 0.37 11.02
C HIS A 61 6.14 -0.90 10.27
N THR A 62 6.63 -1.01 9.03
CA THR A 62 6.32 -2.18 8.20
C THR A 62 7.55 -3.05 7.99
N ASP A 63 7.32 -4.29 7.59
CA ASP A 63 8.42 -5.23 7.35
C ASP A 63 8.50 -5.59 5.86
N ALA A 64 9.65 -6.12 5.45
CA ALA A 64 9.86 -6.52 4.06
C ALA A 64 9.45 -7.97 3.84
N ILE A 65 9.31 -8.35 2.59
CA ILE A 65 8.92 -9.72 2.23
C ILE A 65 10.11 -10.50 1.70
N ILE A 66 10.64 -11.41 2.51
CA ILE A 66 11.78 -12.23 2.11
C ILE A 66 11.32 -13.52 1.45
N ILE A 67 11.66 -13.67 0.17
CA ILE A 67 11.29 -14.86 -0.57
C ILE A 67 12.40 -15.30 -1.53
N ASP A 68 12.67 -16.59 -1.56
CA ASP A 68 13.72 -17.12 -2.44
C ASP A 68 14.99 -16.28 -2.35
N GLY A 69 15.32 -15.84 -1.15
CA GLY A 69 16.50 -15.02 -0.95
C GLY A 69 16.39 -13.67 -1.63
N VAL A 70 15.22 -13.05 -1.50
CA VAL A 70 14.99 -11.74 -2.11
C VAL A 70 14.34 -10.79 -1.11
N PRO A 71 15.11 -10.34 -0.12
CA PRO A 71 14.62 -9.42 0.90
C PRO A 71 14.36 -8.02 0.36
N ILE A 72 13.25 -7.43 0.78
CA ILE A 72 12.87 -6.09 0.33
C ILE A 72 13.31 -5.03 1.34
N GLN A 73 13.22 -3.76 0.93
CA GLN A 73 13.60 -2.65 1.80
C GLN A 73 12.58 -1.53 1.72
N GLY A 74 12.45 -0.78 2.81
CA GLY A 74 11.50 0.32 2.85
C GLY A 74 10.07 -0.15 2.82
N GLY A 75 9.77 -1.24 3.52
CA GLY A 75 8.42 -1.77 3.55
C GLY A 75 7.85 -1.98 2.16
N ARG A 76 8.73 -2.12 1.17
CA ARG A 76 8.31 -2.32 -0.21
C ARG A 76 7.97 -3.79 -0.46
N LYS A 77 7.09 -4.02 -1.43
CA LYS A 77 6.67 -5.38 -1.77
C LYS A 77 7.22 -5.78 -3.13
N ALA A 78 7.78 -6.98 -3.20
CA ALA A 78 8.34 -7.50 -4.44
C ALA A 78 7.31 -8.33 -5.20
N ARG A 79 7.58 -8.57 -6.48
CA ARG A 79 6.68 -9.35 -7.32
C ARG A 79 6.89 -10.85 -7.07
N ILE A 80 5.89 -11.48 -6.45
CA ILE A 80 5.96 -12.90 -6.17
C ILE A 80 4.99 -13.69 -7.04
N VAL A 81 5.47 -14.13 -8.20
CA VAL A 81 4.64 -14.89 -9.13
C VAL A 81 4.96 -16.38 -9.04
N GLY A 82 4.34 -17.07 -8.10
CA GLY A 82 4.56 -18.50 -7.94
C GLY A 82 6.04 -18.83 -7.84
N LYS A 83 6.57 -18.79 -6.62
CA LYS A 83 7.98 -19.10 -6.38
C LYS A 83 8.14 -19.99 -5.16
N ILE A 84 9.38 -20.06 -4.65
CA ILE A 84 9.67 -20.89 -3.48
C ILE A 84 9.22 -20.18 -2.20
N VAL A 85 7.95 -19.79 -2.15
CA VAL A 85 7.41 -19.11 -0.99
C VAL A 85 7.00 -20.11 0.09
N SER A 86 7.21 -19.75 1.35
CA SER A 86 6.87 -20.61 2.48
C SER A 86 5.75 -20.01 3.31
N PRO A 87 5.07 -20.85 4.09
CA PRO A 87 3.97 -20.42 4.95
C PRO A 87 4.45 -19.57 6.13
N GLY A 88 5.01 -18.40 5.82
CA GLY A 88 5.50 -17.51 6.87
C GLY A 88 5.78 -16.12 6.35
N VAL A 89 6.22 -16.03 5.09
CA VAL A 89 6.53 -14.74 4.49
C VAL A 89 5.37 -14.25 3.62
N LYS A 90 4.48 -15.16 3.26
CA LYS A 90 3.32 -14.82 2.44
C LYS A 90 2.36 -13.91 3.21
N GLY A 91 2.20 -14.19 4.50
CA GLY A 91 1.31 -13.38 5.32
C GLY A 91 1.70 -11.92 5.33
N LEU A 92 3.00 -11.65 5.24
CA LEU A 92 3.49 -10.28 5.24
C LEU A 92 2.81 -9.45 4.16
N ALA A 93 2.54 -10.09 3.02
CA ALA A 93 1.89 -9.41 1.91
C ALA A 93 0.45 -9.07 2.23
N THR A 94 -0.25 -10.00 2.89
CA THR A 94 -1.64 -9.79 3.26
C THR A 94 -1.77 -8.73 4.34
N GLY A 95 -0.96 -8.85 5.39
CA GLY A 95 -0.99 -7.89 6.48
C GLY A 95 -0.54 -6.51 6.04
N PHE A 96 0.44 -6.46 5.15
CA PHE A 96 0.97 -5.19 4.66
C PHE A 96 0.01 -4.56 3.66
N PHE A 97 -0.72 -5.39 2.94
CA PHE A 97 -1.67 -4.91 1.94
C PHE A 97 -2.81 -4.15 2.61
N GLU A 98 -3.40 -4.75 3.64
CA GLU A 98 -4.51 -4.13 4.36
C GLU A 98 -4.03 -2.88 5.10
N GLU A 99 -2.86 -2.96 5.70
CA GLU A 99 -2.29 -1.84 6.45
C GLU A 99 -1.85 -0.73 5.49
N LEU A 100 -1.32 -1.11 4.35
CA LEU A 100 -0.86 -0.15 3.35
C LEU A 100 -2.00 0.76 2.91
N GLY A 101 -3.17 0.17 2.68
CA GLY A 101 -4.32 0.94 2.26
C GLY A 101 -4.68 2.04 3.25
N SER A 102 -4.53 1.75 4.54
CA SER A 102 -4.84 2.72 5.58
C SER A 102 -3.83 3.85 5.58
N LYS A 103 -2.58 3.52 5.32
CA LYS A 103 -1.51 4.51 5.29
C LYS A 103 -1.74 5.53 4.18
N LEU A 104 -2.01 5.04 2.98
CA LEU A 104 -2.25 5.90 1.83
C LEU A 104 -3.58 6.64 1.98
N ALA A 105 -4.47 6.09 2.80
CA ALA A 105 -5.77 6.71 3.03
C ALA A 105 -5.62 8.10 3.63
N GLN A 106 -4.67 8.25 4.56
CA GLN A 106 -4.43 9.53 5.22
C GLN A 106 -3.82 10.53 4.24
N LEU A 107 -2.94 10.04 3.37
CA LEU A 107 -2.29 10.89 2.39
C LEU A 107 -3.32 11.56 1.48
N PHE A 108 -4.46 10.91 1.30
CA PHE A 108 -5.52 11.44 0.45
C PHE A 108 -6.19 12.64 1.12
N ALA A 109 -6.53 12.48 2.39
CA ALA A 109 -7.18 13.56 3.15
C ALA A 109 -7.43 13.13 4.59
N GLY A 110 -8.09 14.00 5.35
CA GLY A 110 -8.39 13.70 6.74
C GLY A 110 -9.30 12.50 6.88
N GLU A 111 -9.99 12.14 5.80
CA GLU A 111 -10.91 11.00 5.81
C GLU A 111 -10.69 10.12 4.58
N ASN A 112 -11.57 9.14 4.41
CA ASN A 112 -11.49 8.23 3.27
C ASN A 112 -12.88 7.74 2.86
N LEU A 113 -12.91 6.82 1.90
CA LEU A 113 -14.18 6.27 1.41
C LEU A 113 -14.13 4.75 1.37
N TYR A 114 -15.15 4.15 0.79
CA TYR A 114 -15.24 2.70 0.68
C TYR A 114 -16.12 2.28 -0.49
N PHE A 115 -16.35 0.98 -0.61
CA PHE A 115 -17.18 0.45 -1.69
C PHE A 115 -17.37 -1.05 -1.54
N GLN A 116 -18.27 -1.61 -2.35
CA GLN A 116 -18.54 -3.05 -2.30
C GLN A 116 -19.51 -3.45 -3.40
N MET A 1 1.25 13.14 -9.76
CA MET A 1 0.11 13.09 -10.66
C MET A 1 -1.08 13.82 -10.07
N GLY A 2 -1.23 15.10 -10.41
CA GLY A 2 -2.34 15.88 -9.89
C GLY A 2 -1.88 16.97 -8.93
N TYR A 3 -2.51 18.13 -9.01
CA TYR A 3 -2.17 19.25 -8.15
C TYR A 3 -3.39 19.77 -7.41
N SER A 4 -4.22 18.85 -6.94
CA SER A 4 -5.44 19.20 -6.21
C SER A 4 -6.10 17.96 -5.61
N ASP A 5 -7.10 18.18 -4.76
CA ASP A 5 -7.82 17.08 -4.13
C ASP A 5 -8.61 16.30 -5.16
N GLU A 6 -8.97 16.96 -6.25
CA GLU A 6 -9.74 16.31 -7.31
C GLU A 6 -9.02 15.07 -7.85
N ASP A 7 -7.71 15.21 -8.05
CA ASP A 7 -6.90 14.10 -8.55
C ASP A 7 -6.67 13.07 -7.46
N ARG A 8 -6.51 13.54 -6.23
CA ARG A 8 -6.27 12.65 -5.10
C ARG A 8 -7.41 11.66 -4.94
N GLU A 9 -8.64 12.10 -5.21
CA GLU A 9 -9.80 11.25 -5.10
C GLU A 9 -9.79 10.14 -6.16
N ALA A 10 -9.39 10.51 -7.37
CA ALA A 10 -9.32 9.55 -8.47
C ALA A 10 -8.39 8.39 -8.13
N ASP A 11 -7.21 8.71 -7.62
CA ASP A 11 -6.23 7.70 -7.25
C ASP A 11 -6.69 6.93 -6.01
N ASN A 12 -7.28 7.64 -5.06
CA ASN A 12 -7.76 7.03 -3.83
C ASN A 12 -8.92 6.07 -4.12
N LEU A 13 -9.77 6.45 -5.06
CA LEU A 13 -10.91 5.62 -5.43
C LEU A 13 -10.46 4.22 -5.84
N ARG A 14 -9.28 4.14 -6.46
CA ARG A 14 -8.75 2.86 -6.90
C ARG A 14 -8.33 2.00 -5.71
N ILE A 15 -7.75 2.65 -4.70
CA ILE A 15 -7.31 1.94 -3.50
C ILE A 15 -8.48 1.26 -2.80
N ALA A 16 -9.59 1.99 -2.68
CA ALA A 16 -10.78 1.44 -2.04
C ALA A 16 -11.42 0.35 -2.88
N GLU A 17 -11.35 0.50 -4.19
CA GLU A 17 -11.92 -0.48 -5.12
C GLU A 17 -11.09 -1.77 -5.11
N ILE A 18 -9.77 -1.61 -5.19
CA ILE A 18 -8.87 -2.77 -5.20
C ILE A 18 -9.04 -3.60 -3.93
N ILE A 19 -9.23 -2.93 -2.80
CA ILE A 19 -9.41 -3.61 -1.53
C ILE A 19 -10.62 -4.54 -1.56
N LYS A 20 -11.63 -4.16 -2.32
CA LYS A 20 -12.84 -4.96 -2.45
C LYS A 20 -12.56 -6.25 -3.22
N ASN A 21 -11.65 -6.18 -4.17
CA ASN A 21 -11.29 -7.33 -4.98
C ASN A 21 -10.18 -8.14 -4.32
N ALA A 22 -9.85 -7.77 -3.08
CA ALA A 22 -8.80 -8.44 -2.33
C ALA A 22 -8.84 -8.07 -0.86
N GLN A 23 -10.04 -8.11 -0.28
CA GLN A 23 -10.22 -7.77 1.12
C GLN A 23 -9.18 -8.46 2.00
N ASP A 24 -9.46 -9.71 2.37
CA ASP A 24 -8.55 -10.49 3.20
C ASP A 24 -8.35 -11.89 2.62
N ASP A 25 -7.73 -11.95 1.45
CA ASP A 25 -7.48 -13.22 0.78
C ASP A 25 -6.07 -13.26 0.20
N ASP A 26 -5.69 -14.42 -0.34
CA ASP A 26 -4.37 -14.58 -0.94
C ASP A 26 -4.15 -13.57 -2.06
N SER A 27 -5.22 -13.26 -2.79
CA SER A 27 -5.15 -12.31 -3.89
C SER A 27 -4.71 -10.94 -3.40
N LYS A 28 -5.09 -10.61 -2.16
CA LYS A 28 -4.73 -9.33 -1.57
C LYS A 28 -3.21 -9.15 -1.53
N ILE A 29 -2.50 -10.25 -1.31
CA ILE A 29 -1.05 -10.22 -1.25
C ILE A 29 -0.45 -9.68 -2.55
N ASN A 30 -0.96 -10.17 -3.67
CA ASN A 30 -0.48 -9.73 -4.98
C ASN A 30 -1.02 -8.35 -5.33
N SER A 31 -2.30 -8.13 -5.03
CA SER A 31 -2.94 -6.86 -5.31
C SER A 31 -2.24 -5.72 -4.58
N THR A 32 -1.58 -6.05 -3.48
CA THR A 32 -0.86 -5.06 -2.69
C THR A 32 0.14 -4.28 -3.55
N GLN A 33 0.75 -4.97 -4.50
CA GLN A 33 1.72 -4.35 -5.40
C GLN A 33 1.11 -3.15 -6.11
N GLU A 34 -0.12 -3.32 -6.60
CA GLU A 34 -0.81 -2.24 -7.30
C GLU A 34 -1.11 -1.08 -6.36
N LEU A 35 -1.34 -1.39 -5.09
CA LEU A 35 -1.64 -0.37 -4.09
C LEU A 35 -0.44 0.56 -3.88
N LEU A 36 0.75 -0.04 -3.84
CA LEU A 36 1.98 0.73 -3.64
C LEU A 36 2.17 1.75 -4.77
N ASP A 37 1.77 1.36 -5.97
CA ASP A 37 1.90 2.23 -7.13
C ASP A 37 1.14 3.54 -6.91
N ILE A 38 -0.03 3.44 -6.28
CA ILE A 38 -0.85 4.61 -6.01
C ILE A 38 -0.18 5.52 -4.99
N TYR A 39 0.71 4.96 -4.19
CA TYR A 39 1.42 5.72 -3.16
C TYR A 39 2.29 6.81 -3.80
N ARG A 40 3.09 6.41 -4.78
CA ARG A 40 3.98 7.34 -5.47
C ARG A 40 3.17 8.35 -6.29
N ARG A 41 1.98 7.94 -6.70
CA ARG A 41 1.11 8.81 -7.49
C ARG A 41 0.81 10.11 -6.75
N LEU A 42 0.75 10.02 -5.42
CA LEU A 42 0.48 11.19 -4.60
C LEU A 42 1.77 11.74 -3.98
N TYR A 43 2.85 11.67 -4.74
CA TYR A 43 4.14 12.16 -4.28
C TYR A 43 4.71 13.20 -5.24
N PRO A 44 3.82 13.89 -5.96
CA PRO A 44 4.21 14.92 -6.92
C PRO A 44 4.77 16.16 -6.25
N SER A 45 4.03 16.68 -5.27
CA SER A 45 4.46 17.87 -4.54
C SER A 45 3.75 17.96 -3.19
N LEU A 46 3.92 16.92 -2.38
CA LEU A 46 3.31 16.88 -1.05
C LEU A 46 4.11 17.71 -0.05
N THR A 47 3.48 18.05 1.07
CA THR A 47 4.14 18.85 2.10
C THR A 47 5.03 17.96 2.97
N PRO A 48 5.95 18.60 3.70
CA PRO A 48 6.89 17.90 4.59
C PRO A 48 6.19 17.29 5.80
N GLU A 49 5.17 17.97 6.29
CA GLU A 49 4.42 17.50 7.44
C GLU A 49 3.62 16.25 7.10
N GLU A 50 2.96 16.26 5.94
CA GLU A 50 2.16 15.13 5.50
C GLU A 50 3.05 13.95 5.12
N ARG A 51 4.10 14.23 4.36
CA ARG A 51 5.03 13.20 3.93
C ARG A 51 5.67 12.51 5.12
N GLU A 52 5.89 13.27 6.19
CA GLU A 52 6.50 12.72 7.40
C GLU A 52 5.55 11.75 8.10
N SER A 53 4.26 12.05 8.05
CA SER A 53 3.25 11.20 8.68
C SER A 53 3.25 9.81 8.07
N ILE A 54 3.26 9.76 6.74
CA ILE A 54 3.26 8.49 6.02
C ILE A 54 4.45 7.63 6.42
N ASP A 55 5.62 8.26 6.48
CA ASP A 55 6.85 7.55 6.85
C ASP A 55 6.77 7.06 8.29
N LYS A 56 6.25 7.90 9.18
CA LYS A 56 6.12 7.55 10.59
C LYS A 56 5.05 6.47 10.78
N PHE A 57 4.09 6.43 9.87
CA PHE A 57 3.02 5.44 9.95
C PHE A 57 3.19 4.36 8.88
N VAL A 58 4.44 3.98 8.64
CA VAL A 58 4.75 2.96 7.64
C VAL A 58 6.09 2.29 7.94
N ASN A 59 7.11 3.10 8.22
CA ASN A 59 8.44 2.59 8.52
C ASN A 59 8.55 2.20 9.99
N GLU A 60 7.44 2.32 10.71
CA GLU A 60 7.41 1.97 12.14
C GLU A 60 6.17 1.15 12.47
N HIS A 61 5.82 0.24 11.58
CA HIS A 61 4.65 -0.61 11.78
C HIS A 61 4.57 -1.69 10.71
N THR A 62 5.38 -1.54 9.66
CA THR A 62 5.39 -2.49 8.56
C THR A 62 6.70 -3.29 8.55
N ASP A 63 6.64 -4.50 7.98
CA ASP A 63 7.80 -5.36 7.90
C ASP A 63 8.11 -5.73 6.46
N ALA A 64 9.33 -6.19 6.21
CA ALA A 64 9.74 -6.59 4.87
C ALA A 64 9.26 -8.01 4.55
N ILE A 65 9.31 -8.36 3.27
CA ILE A 65 8.88 -9.68 2.82
C ILE A 65 10.06 -10.48 2.26
N ILE A 66 10.53 -11.45 3.04
CA ILE A 66 11.64 -12.29 2.62
C ILE A 66 11.18 -13.38 1.66
N ILE A 67 11.66 -13.33 0.42
CA ILE A 67 11.30 -14.32 -0.59
C ILE A 67 12.50 -15.19 -0.95
N ASP A 68 12.41 -15.84 -2.11
CA ASP A 68 13.49 -16.70 -2.58
C ASP A 68 14.81 -15.95 -2.65
N GLY A 69 15.14 -15.27 -1.55
CA GLY A 69 16.37 -14.51 -1.49
C GLY A 69 16.28 -13.18 -2.22
N VAL A 70 15.18 -12.46 -1.98
CA VAL A 70 14.97 -11.16 -2.61
C VAL A 70 14.03 -10.30 -1.79
N PRO A 71 14.39 -10.07 -0.52
CA PRO A 71 13.60 -9.25 0.40
C PRO A 71 13.62 -7.78 0.04
N ILE A 72 12.62 -7.04 0.50
CA ILE A 72 12.52 -5.61 0.22
C ILE A 72 13.27 -4.79 1.26
N GLN A 73 13.53 -3.53 0.94
CA GLN A 73 14.24 -2.64 1.86
C GLN A 73 13.45 -1.37 2.10
N GLY A 74 12.21 -1.52 2.55
CA GLY A 74 11.37 -0.37 2.82
C GLY A 74 9.91 -0.74 2.96
N GLY A 75 9.65 -1.89 3.59
CA GLY A 75 8.28 -2.33 3.78
C GLY A 75 7.49 -2.36 2.48
N ARG A 76 8.22 -2.45 1.35
CA ARG A 76 7.58 -2.49 0.04
C ARG A 76 7.43 -3.93 -0.44
N LYS A 77 6.44 -4.16 -1.30
CA LYS A 77 6.19 -5.48 -1.84
C LYS A 77 6.57 -5.55 -3.33
N ALA A 78 7.53 -6.40 -3.64
CA ALA A 78 7.98 -6.57 -5.02
C ALA A 78 7.04 -7.46 -5.81
N ARG A 79 7.14 -7.41 -7.13
CA ARG A 79 6.29 -8.22 -8.01
C ARG A 79 6.79 -9.66 -8.07
N ILE A 80 6.33 -10.48 -7.14
CA ILE A 80 6.72 -11.88 -7.10
C ILE A 80 5.55 -12.79 -7.46
N VAL A 81 5.36 -13.02 -8.76
CA VAL A 81 4.29 -13.88 -9.23
C VAL A 81 4.74 -15.33 -9.32
N GLY A 82 4.10 -16.19 -8.53
CA GLY A 82 4.46 -17.60 -8.54
C GLY A 82 5.94 -17.82 -8.38
N LYS A 83 6.40 -17.94 -7.14
CA LYS A 83 7.81 -18.16 -6.86
C LYS A 83 7.99 -19.18 -5.73
N ILE A 84 9.19 -19.23 -5.17
CA ILE A 84 9.49 -20.17 -4.09
C ILE A 84 8.97 -19.64 -2.75
N VAL A 85 7.76 -19.08 -2.77
CA VAL A 85 7.15 -18.54 -1.57
C VAL A 85 6.54 -19.65 -0.72
N SER A 86 6.68 -19.52 0.60
CA SER A 86 6.14 -20.52 1.53
C SER A 86 5.05 -19.90 2.40
N PRO A 87 4.28 -20.78 3.07
CA PRO A 87 3.18 -20.35 3.95
C PRO A 87 3.69 -19.67 5.22
N GLY A 88 4.34 -18.53 5.05
CA GLY A 88 4.86 -17.79 6.19
C GLY A 88 5.28 -16.38 5.82
N VAL A 89 5.74 -16.19 4.60
CA VAL A 89 6.17 -14.89 4.13
C VAL A 89 5.07 -14.20 3.31
N LYS A 90 4.05 -14.97 2.95
CA LYS A 90 2.94 -14.43 2.17
C LYS A 90 2.06 -13.53 3.03
N GLY A 91 1.86 -13.92 4.29
CA GLY A 91 1.05 -13.13 5.19
C GLY A 91 1.59 -11.73 5.40
N LEU A 92 2.91 -11.59 5.35
CA LEU A 92 3.55 -10.29 5.52
C LEU A 92 3.00 -9.27 4.53
N ALA A 93 2.68 -9.73 3.33
CA ALA A 93 2.14 -8.86 2.30
C ALA A 93 0.73 -8.39 2.66
N THR A 94 -0.07 -9.30 3.23
CA THR A 94 -1.43 -8.97 3.62
C THR A 94 -1.45 -8.03 4.82
N GLY A 95 -0.53 -8.24 5.75
CA GLY A 95 -0.46 -7.40 6.93
C GLY A 95 -0.28 -5.93 6.59
N PHE A 96 0.59 -5.65 5.63
CA PHE A 96 0.84 -4.27 5.22
C PHE A 96 -0.14 -3.84 4.13
N PHE A 97 -0.65 -4.82 3.39
CA PHE A 97 -1.60 -4.54 2.31
C PHE A 97 -2.84 -3.84 2.85
N GLU A 98 -3.32 -4.29 4.01
CA GLU A 98 -4.49 -3.69 4.63
C GLU A 98 -4.21 -2.27 5.08
N GLU A 99 -3.12 -2.09 5.82
CA GLU A 99 -2.74 -0.78 6.32
C GLU A 99 -2.41 0.17 5.16
N LEU A 100 -1.81 -0.37 4.12
CA LEU A 100 -1.45 0.42 2.95
C LEU A 100 -2.66 1.11 2.35
N GLY A 101 -3.76 0.37 2.23
CA GLY A 101 -4.98 0.93 1.67
C GLY A 101 -5.53 2.06 2.52
N SER A 102 -5.54 1.85 3.84
CA SER A 102 -6.06 2.85 4.77
C SER A 102 -5.13 4.06 4.83
N LYS A 103 -3.83 3.81 4.74
CA LYS A 103 -2.84 4.87 4.79
C LYS A 103 -3.07 5.89 3.67
N LEU A 104 -3.36 5.39 2.47
CA LEU A 104 -3.61 6.25 1.33
C LEU A 104 -4.92 7.01 1.49
N ALA A 105 -5.81 6.48 2.33
CA ALA A 105 -7.10 7.11 2.59
C ALA A 105 -6.92 8.53 3.10
N GLN A 106 -6.07 8.69 4.11
CA GLN A 106 -5.81 10.00 4.69
C GLN A 106 -5.09 10.90 3.69
N LEU A 107 -4.19 10.31 2.91
CA LEU A 107 -3.44 11.07 1.91
C LEU A 107 -4.37 11.78 0.93
N PHE A 108 -5.55 11.19 0.72
CA PHE A 108 -6.53 11.77 -0.19
C PHE A 108 -7.05 13.10 0.33
N ALA A 109 -7.37 13.14 1.62
CA ALA A 109 -7.87 14.36 2.25
C ALA A 109 -8.09 14.15 3.75
N GLY A 110 -7.31 14.85 4.56
CA GLY A 110 -7.44 14.74 6.00
C GLY A 110 -7.18 13.33 6.49
N GLU A 111 -8.21 12.70 7.06
CA GLU A 111 -8.08 11.35 7.57
C GLU A 111 -9.19 10.45 7.02
N ASN A 112 -8.99 9.14 7.10
CA ASN A 112 -9.97 8.18 6.62
C ASN A 112 -9.51 6.75 6.87
N LEU A 113 -10.33 5.79 6.45
CA LEU A 113 -10.00 4.38 6.63
C LEU A 113 -11.01 3.49 5.92
N TYR A 114 -10.77 2.19 5.95
CA TYR A 114 -11.66 1.22 5.31
C TYR A 114 -11.63 -0.11 6.03
N PHE A 115 -12.56 -1.00 5.66
CA PHE A 115 -12.65 -2.31 6.28
C PHE A 115 -13.63 -3.20 5.52
N GLN A 116 -13.86 -4.41 6.04
CA GLN A 116 -14.77 -5.35 5.41
C GLN A 116 -16.22 -5.02 5.75
N MET A 1 -4.21 11.31 -12.99
CA MET A 1 -3.33 11.19 -11.84
C MET A 1 -2.43 12.42 -11.73
N GLY A 2 -2.31 12.95 -10.52
CA GLY A 2 -1.47 14.12 -10.30
C GLY A 2 -1.26 14.42 -8.83
N TYR A 3 -0.84 15.64 -8.52
CA TYR A 3 -0.60 16.05 -7.14
C TYR A 3 -1.61 17.10 -6.70
N SER A 4 -2.86 16.91 -7.09
CA SER A 4 -3.92 17.84 -6.74
C SER A 4 -4.92 17.20 -5.78
N ASP A 5 -5.64 18.04 -5.03
CA ASP A 5 -6.62 17.54 -4.08
C ASP A 5 -7.76 16.82 -4.79
N GLU A 6 -8.18 17.36 -5.94
CA GLU A 6 -9.25 16.76 -6.72
C GLU A 6 -8.78 15.50 -7.43
N ASP A 7 -7.51 15.49 -7.82
CA ASP A 7 -6.92 14.34 -8.51
C ASP A 7 -6.67 13.19 -7.54
N ARG A 8 -6.35 13.52 -6.30
CA ARG A 8 -6.09 12.52 -5.28
C ARG A 8 -7.31 11.63 -5.06
N GLU A 9 -8.49 12.23 -5.18
CA GLU A 9 -9.74 11.48 -5.00
C GLU A 9 -9.85 10.35 -6.01
N ALA A 10 -9.40 10.61 -7.24
CA ALA A 10 -9.45 9.62 -8.30
C ALA A 10 -8.70 8.35 -7.90
N ASP A 11 -7.49 8.54 -7.39
CA ASP A 11 -6.66 7.40 -6.97
C ASP A 11 -7.23 6.74 -5.72
N ASN A 12 -7.81 7.56 -4.83
CA ASN A 12 -8.39 7.07 -3.60
C ASN A 12 -9.44 5.99 -3.88
N LEU A 13 -10.20 6.19 -4.95
CA LEU A 13 -11.24 5.24 -5.34
C LEU A 13 -10.66 3.83 -5.51
N ARG A 14 -9.44 3.77 -6.05
CA ARG A 14 -8.78 2.48 -6.27
C ARG A 14 -8.38 1.85 -4.94
N ILE A 15 -7.88 2.67 -4.03
CA ILE A 15 -7.46 2.19 -2.72
C ILE A 15 -8.63 1.62 -1.93
N ALA A 16 -9.73 2.36 -1.89
CA ALA A 16 -10.92 1.93 -1.18
C ALA A 16 -11.58 0.75 -1.89
N GLU A 17 -11.53 0.76 -3.22
CA GLU A 17 -12.12 -0.31 -4.02
C GLU A 17 -11.32 -1.60 -3.89
N ILE A 18 -10.01 -1.45 -3.78
CA ILE A 18 -9.12 -2.61 -3.65
C ILE A 18 -9.50 -3.45 -2.43
N ILE A 19 -9.89 -2.79 -1.35
CA ILE A 19 -10.29 -3.48 -0.13
C ILE A 19 -11.59 -4.25 -0.34
N LYS A 20 -12.54 -3.63 -1.03
CA LYS A 20 -13.83 -4.26 -1.29
C LYS A 20 -13.67 -5.46 -2.20
N ASN A 21 -12.67 -5.40 -3.09
CA ASN A 21 -12.41 -6.49 -4.02
C ASN A 21 -11.47 -7.52 -3.41
N ALA A 22 -10.73 -7.10 -2.38
CA ALA A 22 -9.79 -7.99 -1.70
C ALA A 22 -10.00 -7.96 -0.19
N GLN A 23 -10.67 -8.98 0.33
CA GLN A 23 -10.93 -9.08 1.75
C GLN A 23 -11.01 -10.54 2.21
N ASP A 24 -10.20 -11.38 1.58
CA ASP A 24 -10.18 -12.80 1.92
C ASP A 24 -8.74 -13.29 2.14
N ASP A 25 -7.86 -12.35 2.47
CA ASP A 25 -6.46 -12.69 2.71
C ASP A 25 -5.74 -13.02 1.41
N ASP A 26 -6.12 -14.15 0.82
CA ASP A 26 -5.51 -14.59 -0.44
C ASP A 26 -5.67 -13.52 -1.52
N SER A 27 -6.81 -12.85 -1.52
CA SER A 27 -7.10 -11.81 -2.50
C SER A 27 -6.21 -10.59 -2.26
N LYS A 28 -5.97 -10.28 -1.00
CA LYS A 28 -5.14 -9.13 -0.63
C LYS A 28 -3.72 -9.31 -1.14
N ILE A 29 -3.24 -10.55 -1.14
CA ILE A 29 -1.89 -10.86 -1.61
C ILE A 29 -1.64 -10.28 -2.99
N ASN A 30 -2.50 -10.67 -3.95
CA ASN A 30 -2.37 -10.18 -5.32
C ASN A 30 -2.70 -8.70 -5.40
N SER A 31 -3.70 -8.28 -4.65
CA SER A 31 -4.12 -6.88 -4.64
C SER A 31 -2.98 -5.97 -4.20
N THR A 32 -1.99 -6.56 -3.54
CA THR A 32 -0.83 -5.80 -3.06
C THR A 32 -0.16 -5.05 -4.19
N GLN A 33 0.06 -5.74 -5.31
CA GLN A 33 0.70 -5.12 -6.47
C GLN A 33 -0.09 -3.91 -6.95
N GLU A 34 -1.41 -4.04 -6.98
CA GLU A 34 -2.28 -2.96 -7.42
C GLU A 34 -2.23 -1.78 -6.45
N LEU A 35 -2.41 -2.08 -5.17
CA LEU A 35 -2.38 -1.05 -4.14
C LEU A 35 -1.04 -0.31 -4.16
N LEU A 36 0.04 -1.05 -4.38
CA LEU A 36 1.37 -0.46 -4.42
C LEU A 36 1.47 0.58 -5.52
N ASP A 37 0.78 0.34 -6.63
CA ASP A 37 0.78 1.26 -7.76
C ASP A 37 0.29 2.64 -7.34
N ILE A 38 -0.71 2.66 -6.46
CA ILE A 38 -1.27 3.91 -5.97
C ILE A 38 -0.24 4.71 -5.18
N TYR A 39 0.73 4.01 -4.59
CA TYR A 39 1.77 4.65 -3.80
C TYR A 39 2.61 5.57 -4.67
N ARG A 40 3.09 5.05 -5.80
CA ARG A 40 3.92 5.83 -6.72
C ARG A 40 3.10 6.96 -7.35
N ARG A 41 1.79 6.75 -7.45
CA ARG A 41 0.91 7.75 -8.04
C ARG A 41 1.01 9.08 -7.30
N LEU A 42 1.16 9.00 -5.98
CA LEU A 42 1.27 10.20 -5.16
C LEU A 42 2.72 10.46 -4.76
N TYR A 43 3.64 10.17 -5.68
CA TYR A 43 5.06 10.37 -5.42
C TYR A 43 5.68 11.27 -6.49
N PRO A 44 4.85 12.15 -7.06
CA PRO A 44 5.28 13.10 -8.10
C PRO A 44 6.20 14.19 -7.54
N SER A 45 5.76 14.81 -6.46
CA SER A 45 6.54 15.87 -5.82
C SER A 45 6.15 16.03 -4.36
N LEU A 46 6.15 14.92 -3.63
CA LEU A 46 5.80 14.94 -2.22
C LEU A 46 6.98 15.41 -1.36
N THR A 47 6.68 16.15 -0.30
CA THR A 47 7.71 16.66 0.59
C THR A 47 8.18 15.58 1.57
N PRO A 48 9.45 15.66 1.97
CA PRO A 48 10.05 14.70 2.90
C PRO A 48 9.50 14.85 4.31
N GLU A 49 9.13 16.07 4.67
CA GLU A 49 8.58 16.34 6.00
C GLU A 49 7.20 15.72 6.16
N GLU A 50 6.37 15.88 5.14
CA GLU A 50 5.01 15.34 5.16
C GLU A 50 5.04 13.82 5.06
N ARG A 51 5.96 13.30 4.26
CA ARG A 51 6.09 11.86 4.06
C ARG A 51 6.17 11.14 5.40
N GLU A 52 6.58 11.87 6.44
CA GLU A 52 6.71 11.30 7.78
C GLU A 52 5.37 10.69 8.23
N SER A 53 4.28 11.32 7.85
CA SER A 53 2.95 10.86 8.22
C SER A 53 2.72 9.43 7.74
N ILE A 54 3.09 9.16 6.48
CA ILE A 54 2.93 7.84 5.90
C ILE A 54 3.91 6.85 6.51
N ASP A 55 5.15 7.30 6.70
CA ASP A 55 6.19 6.44 7.29
C ASP A 55 5.74 5.90 8.63
N LYS A 56 5.02 6.72 9.39
CA LYS A 56 4.54 6.31 10.71
C LYS A 56 3.67 5.06 10.61
N PHE A 57 3.17 4.78 9.41
CA PHE A 57 2.34 3.62 9.18
C PHE A 57 3.00 2.64 8.21
N VAL A 58 4.32 2.52 8.32
CA VAL A 58 5.09 1.63 7.46
C VAL A 58 6.50 1.43 7.98
N ASN A 59 7.16 2.53 8.31
CA ASN A 59 8.52 2.47 8.84
C ASN A 59 8.56 1.80 10.20
N GLU A 60 7.77 2.33 11.14
CA GLU A 60 7.71 1.79 12.49
C GLU A 60 6.31 1.28 12.82
N HIS A 61 5.67 0.66 11.83
CA HIS A 61 4.32 0.13 12.00
C HIS A 61 4.14 -1.16 11.21
N THR A 62 4.78 -1.24 10.06
CA THR A 62 4.69 -2.42 9.21
C THR A 62 6.01 -3.19 9.18
N ASP A 63 6.00 -4.37 8.58
CA ASP A 63 7.19 -5.19 8.48
C ASP A 63 7.64 -5.33 7.03
N ALA A 64 8.89 -5.75 6.84
CA ALA A 64 9.44 -5.92 5.50
C ALA A 64 8.98 -7.23 4.88
N ILE A 65 9.17 -7.36 3.57
CA ILE A 65 8.78 -8.58 2.86
C ILE A 65 9.85 -9.01 1.87
N ILE A 66 10.67 -9.99 2.28
CA ILE A 66 11.74 -10.50 1.43
C ILE A 66 11.22 -11.58 0.50
N ILE A 67 11.33 -11.36 -0.80
CA ILE A 67 10.88 -12.32 -1.80
C ILE A 67 12.07 -12.93 -2.54
N ASP A 68 12.54 -14.08 -2.06
CA ASP A 68 13.66 -14.76 -2.68
C ASP A 68 14.98 -14.06 -2.35
N GLY A 69 15.10 -13.61 -1.11
CA GLY A 69 16.31 -12.93 -0.69
C GLY A 69 16.35 -11.48 -1.15
N VAL A 70 15.24 -10.77 -0.95
CA VAL A 70 15.16 -9.37 -1.35
C VAL A 70 14.23 -8.59 -0.42
N PRO A 71 14.79 -8.12 0.71
CA PRO A 71 14.03 -7.36 1.70
C PRO A 71 13.66 -5.97 1.20
N ILE A 72 12.43 -5.55 1.48
CA ILE A 72 11.94 -4.24 1.05
C ILE A 72 11.81 -3.30 2.24
N GLN A 73 11.56 -2.02 1.95
CA GLN A 73 11.42 -1.01 3.00
C GLN A 73 10.09 -0.28 2.85
N GLY A 74 9.81 0.60 3.81
CA GLY A 74 8.57 1.36 3.78
C GLY A 74 7.35 0.46 3.61
N GLY A 75 7.45 -0.77 4.08
CA GLY A 75 6.35 -1.70 3.97
C GLY A 75 5.85 -1.86 2.55
N ARG A 76 6.65 -1.39 1.60
CA ARG A 76 6.28 -1.48 0.19
C ARG A 76 6.55 -2.88 -0.35
N LYS A 77 5.81 -3.26 -1.39
CA LYS A 77 5.96 -4.57 -2.01
C LYS A 77 6.58 -4.44 -3.39
N ALA A 78 7.67 -5.17 -3.62
CA ALA A 78 8.36 -5.14 -4.90
C ALA A 78 7.65 -6.03 -5.92
N ARG A 79 7.98 -5.83 -7.20
CA ARG A 79 7.36 -6.60 -8.27
C ARG A 79 8.02 -7.97 -8.39
N ILE A 80 7.21 -9.02 -8.18
CA ILE A 80 7.72 -10.39 -8.25
C ILE A 80 6.81 -11.24 -9.13
N VAL A 81 7.31 -11.59 -10.31
CA VAL A 81 6.55 -12.42 -11.25
C VAL A 81 6.77 -13.90 -10.98
N GLY A 82 6.63 -14.30 -9.71
CA GLY A 82 6.83 -15.69 -9.34
C GLY A 82 8.27 -16.02 -9.05
N LYS A 83 8.59 -16.17 -7.78
CA LYS A 83 9.96 -16.49 -7.37
C LYS A 83 9.97 -17.60 -6.32
N ILE A 84 11.10 -17.76 -5.64
CA ILE A 84 11.24 -18.79 -4.61
C ILE A 84 10.58 -18.33 -3.30
N VAL A 85 9.33 -17.92 -3.39
CA VAL A 85 8.58 -17.47 -2.22
C VAL A 85 8.06 -18.65 -1.41
N SER A 86 8.10 -18.53 -0.09
CA SER A 86 7.63 -19.59 0.79
C SER A 86 6.39 -19.15 1.56
N PRO A 87 5.68 -20.13 2.16
CA PRO A 87 4.47 -19.86 2.94
C PRO A 87 4.77 -19.13 4.24
N GLY A 88 5.26 -17.90 4.13
CA GLY A 88 5.58 -17.11 5.31
C GLY A 88 5.84 -15.66 4.98
N VAL A 89 6.41 -15.41 3.81
CA VAL A 89 6.72 -14.05 3.37
C VAL A 89 5.61 -13.50 2.49
N LYS A 90 4.68 -14.36 2.10
CA LYS A 90 3.57 -13.96 1.25
C LYS A 90 2.48 -13.28 2.06
N GLY A 91 2.12 -13.88 3.19
CA GLY A 91 1.08 -13.32 4.04
C GLY A 91 1.41 -11.90 4.49
N LEU A 92 2.69 -11.62 4.66
CA LEU A 92 3.14 -10.30 5.09
C LEU A 92 2.60 -9.23 4.15
N ALA A 93 2.51 -9.54 2.87
CA ALA A 93 2.01 -8.60 1.88
C ALA A 93 0.58 -8.17 2.20
N THR A 94 -0.24 -9.13 2.61
CA THR A 94 -1.63 -8.85 2.95
C THR A 94 -1.73 -8.05 4.24
N GLY A 95 -0.84 -8.34 5.19
CA GLY A 95 -0.84 -7.64 6.46
C GLY A 95 -0.64 -6.14 6.29
N PHE A 96 0.28 -5.76 5.42
CA PHE A 96 0.58 -4.36 5.18
C PHE A 96 -0.37 -3.79 4.13
N PHE A 97 -0.84 -4.65 3.23
CA PHE A 97 -1.75 -4.24 2.18
C PHE A 97 -3.01 -3.59 2.75
N GLU A 98 -3.60 -4.23 3.76
CA GLU A 98 -4.80 -3.72 4.39
C GLU A 98 -4.51 -2.42 5.15
N GLU A 99 -3.32 -2.35 5.74
CA GLU A 99 -2.91 -1.17 6.50
C GLU A 99 -2.66 0.02 5.56
N LEU A 100 -2.10 -0.27 4.40
CA LEU A 100 -1.81 0.77 3.42
C LEU A 100 -3.08 1.52 3.04
N GLY A 101 -4.19 0.81 2.96
CA GLY A 101 -5.45 1.43 2.61
C GLY A 101 -5.84 2.55 3.55
N SER A 102 -5.68 2.30 4.85
CA SER A 102 -6.01 3.30 5.86
C SER A 102 -5.03 4.47 5.83
N LYS A 103 -3.75 4.15 5.70
CA LYS A 103 -2.70 5.17 5.65
C LYS A 103 -2.88 6.06 4.42
N LEU A 104 -3.10 5.44 3.27
CA LEU A 104 -3.28 6.17 2.02
C LEU A 104 -4.44 7.16 2.14
N ALA A 105 -5.35 6.88 3.07
CA ALA A 105 -6.51 7.75 3.29
C ALA A 105 -6.07 9.17 3.65
N GLN A 106 -4.99 9.27 4.42
CA GLN A 106 -4.48 10.57 4.84
C GLN A 106 -3.87 11.32 3.66
N LEU A 107 -3.24 10.58 2.75
CA LEU A 107 -2.62 11.17 1.57
C LEU A 107 -3.64 11.96 0.75
N PHE A 108 -4.79 11.34 0.51
CA PHE A 108 -5.85 11.98 -0.26
C PHE A 108 -6.51 13.10 0.54
N ALA A 109 -6.70 12.86 1.83
CA ALA A 109 -7.32 13.86 2.70
C ALA A 109 -7.46 13.32 4.13
N GLY A 110 -8.21 14.05 4.95
CA GLY A 110 -8.40 13.63 6.34
C GLY A 110 -8.80 12.17 6.44
N GLU A 111 -10.09 11.91 6.34
CA GLU A 111 -10.60 10.54 6.44
C GLU A 111 -11.94 10.41 5.71
N ASN A 112 -12.14 9.26 5.05
CA ASN A 112 -13.38 9.01 4.31
C ASN A 112 -13.35 7.62 3.68
N LEU A 113 -12.84 6.65 4.42
CA LEU A 113 -12.75 5.28 3.93
C LEU A 113 -13.73 4.38 4.69
N TYR A 114 -13.70 3.09 4.37
CA TYR A 114 -14.58 2.12 5.01
C TYR A 114 -14.14 0.69 4.71
N PHE A 115 -14.56 -0.25 5.55
CA PHE A 115 -14.21 -1.65 5.36
C PHE A 115 -15.01 -2.53 6.32
N GLN A 116 -14.72 -3.82 6.31
CA GLN A 116 -15.40 -4.78 7.17
C GLN A 116 -14.53 -5.18 8.35
N MET A 1 -5.57 9.31 -12.07
CA MET A 1 -6.06 9.62 -13.41
C MET A 1 -6.51 11.07 -13.50
N GLY A 2 -5.56 12.00 -13.49
CA GLY A 2 -5.89 13.41 -13.56
C GLY A 2 -4.77 14.29 -13.05
N TYR A 3 -5.12 15.50 -12.63
CA TYR A 3 -4.13 16.45 -12.12
C TYR A 3 -4.82 17.57 -11.35
N SER A 4 -5.31 17.26 -10.16
CA SER A 4 -5.98 18.25 -9.32
C SER A 4 -6.34 17.65 -7.96
N ASP A 5 -6.99 18.45 -7.13
CA ASP A 5 -7.39 18.00 -5.80
C ASP A 5 -8.47 16.93 -5.89
N GLU A 6 -9.45 17.14 -6.77
CA GLU A 6 -10.53 16.20 -6.96
C GLU A 6 -10.03 14.90 -7.60
N ASP A 7 -8.99 15.02 -8.42
CA ASP A 7 -8.41 13.86 -9.09
C ASP A 7 -7.86 12.87 -8.07
N ARG A 8 -7.37 13.38 -6.95
CA ARG A 8 -6.81 12.54 -5.91
C ARG A 8 -7.85 11.53 -5.40
N GLU A 9 -9.11 11.96 -5.36
CA GLU A 9 -10.19 11.10 -4.90
C GLU A 9 -10.43 9.96 -5.88
N ALA A 10 -10.21 10.24 -7.16
CA ALA A 10 -10.41 9.24 -8.21
C ALA A 10 -9.55 8.01 -7.95
N ASP A 11 -8.27 8.24 -7.66
CA ASP A 11 -7.34 7.15 -7.40
C ASP A 11 -7.65 6.47 -6.06
N ASN A 12 -8.08 7.27 -5.09
CA ASN A 12 -8.40 6.76 -3.77
C ASN A 12 -9.47 5.67 -3.86
N LEU A 13 -10.43 5.86 -4.76
CA LEU A 13 -11.51 4.89 -4.95
C LEU A 13 -10.94 3.51 -5.27
N ARG A 14 -9.83 3.48 -5.99
CA ARG A 14 -9.19 2.22 -6.35
C ARG A 14 -8.76 1.44 -5.11
N ILE A 15 -8.17 2.15 -4.15
CA ILE A 15 -7.72 1.53 -2.91
C ILE A 15 -8.88 0.90 -2.16
N ALA A 16 -9.94 1.66 -1.97
CA ALA A 16 -11.12 1.17 -1.27
C ALA A 16 -11.84 0.10 -2.08
N GLU A 17 -11.81 0.24 -3.40
CA GLU A 17 -12.46 -0.72 -4.28
C GLU A 17 -11.72 -2.06 -4.28
N ILE A 18 -10.39 -2.00 -4.41
CA ILE A 18 -9.57 -3.19 -4.41
C ILE A 18 -9.56 -3.86 -3.05
N ILE A 19 -9.54 -3.05 -1.99
CA ILE A 19 -9.53 -3.55 -0.62
C ILE A 19 -10.78 -4.37 -0.34
N LYS A 20 -11.93 -3.85 -0.77
CA LYS A 20 -13.21 -4.53 -0.55
C LYS A 20 -13.30 -5.79 -1.40
N ASN A 21 -12.93 -5.67 -2.68
CA ASN A 21 -12.98 -6.81 -3.59
C ASN A 21 -11.73 -7.67 -3.45
N ALA A 22 -11.03 -7.51 -2.33
CA ALA A 22 -9.82 -8.27 -2.06
C ALA A 22 -10.15 -9.68 -1.57
N GLN A 23 -10.15 -10.64 -2.48
CA GLN A 23 -10.45 -12.02 -2.13
C GLN A 23 -9.50 -12.54 -1.06
N ASP A 24 -9.43 -13.86 -0.92
CA ASP A 24 -8.56 -14.48 0.06
C ASP A 24 -7.17 -13.82 0.06
N ASP A 25 -6.32 -14.26 0.97
CA ASP A 25 -4.96 -13.72 1.06
C ASP A 25 -4.30 -13.67 -0.30
N ASP A 26 -4.74 -14.54 -1.20
CA ASP A 26 -4.19 -14.60 -2.54
C ASP A 26 -4.50 -13.33 -3.32
N SER A 27 -5.71 -12.79 -3.09
CA SER A 27 -6.14 -11.58 -3.77
C SER A 27 -5.39 -10.36 -3.25
N LYS A 28 -5.30 -10.26 -1.92
CA LYS A 28 -4.61 -9.14 -1.29
C LYS A 28 -3.11 -9.18 -1.60
N ILE A 29 -2.50 -10.34 -1.38
CA ILE A 29 -1.08 -10.50 -1.65
C ILE A 29 -0.71 -10.04 -3.06
N ASN A 30 -1.51 -10.47 -4.03
CA ASN A 30 -1.27 -10.10 -5.42
C ASN A 30 -1.68 -8.66 -5.68
N SER A 31 -2.72 -8.21 -4.98
CA SER A 31 -3.21 -6.85 -5.12
C SER A 31 -2.25 -5.85 -4.49
N THR A 32 -1.38 -6.35 -3.62
CA THR A 32 -0.40 -5.49 -2.94
C THR A 32 0.41 -4.69 -3.95
N GLN A 33 0.72 -5.31 -5.08
CA GLN A 33 1.50 -4.65 -6.12
C GLN A 33 0.75 -3.45 -6.69
N GLU A 34 -0.55 -3.62 -6.92
CA GLU A 34 -1.38 -2.55 -7.46
C GLU A 34 -1.50 -1.40 -6.45
N LEU A 35 -1.82 -1.76 -5.21
CA LEU A 35 -1.98 -0.77 -4.15
C LEU A 35 -0.73 0.09 -4.02
N LEU A 36 0.44 -0.53 -4.16
CA LEU A 36 1.71 0.18 -4.06
C LEU A 36 1.82 1.26 -5.13
N ASP A 37 1.25 0.98 -6.29
CA ASP A 37 1.28 1.92 -7.40
C ASP A 37 0.63 3.25 -7.01
N ILE A 38 -0.46 3.15 -6.24
CA ILE A 38 -1.17 4.35 -5.79
C ILE A 38 -0.33 5.14 -4.80
N TYR A 39 0.66 4.48 -4.20
CA TYR A 39 1.52 5.13 -3.23
C TYR A 39 2.42 6.17 -3.90
N ARG A 40 3.03 5.78 -5.01
CA ARG A 40 3.91 6.68 -5.74
C ARG A 40 3.13 7.84 -6.35
N ARG A 41 1.84 7.61 -6.60
CA ARG A 41 0.99 8.64 -7.18
C ARG A 41 0.96 9.89 -6.31
N LEU A 42 1.19 9.70 -5.02
CA LEU A 42 1.20 10.81 -4.06
C LEU A 42 2.63 11.23 -3.74
N TYR A 43 3.51 11.15 -4.73
CA TYR A 43 4.90 11.52 -4.54
C TYR A 43 5.33 12.59 -5.54
N PRO A 44 4.35 13.38 -6.00
CA PRO A 44 4.59 14.46 -6.97
C PRO A 44 5.39 15.61 -6.37
N SER A 45 4.93 16.10 -5.22
CA SER A 45 5.60 17.21 -4.54
C SER A 45 5.39 17.13 -3.03
N LEU A 46 5.54 15.92 -2.48
CA LEU A 46 5.36 15.70 -1.05
C LEU A 46 6.61 16.12 -0.29
N THR A 47 6.41 16.62 0.93
CA THR A 47 7.52 17.05 1.77
C THR A 47 8.20 15.87 2.45
N PRO A 48 9.51 16.00 2.71
CA PRO A 48 10.30 14.95 3.36
C PRO A 48 9.91 14.75 4.82
N GLU A 49 9.50 15.84 5.47
CA GLU A 49 9.10 15.79 6.87
C GLU A 49 7.81 15.01 7.05
N GLU A 50 6.88 15.21 6.11
CA GLU A 50 5.59 14.53 6.17
C GLU A 50 5.74 13.04 5.85
N ARG A 51 6.64 12.73 4.91
CA ARG A 51 6.89 11.35 4.51
C ARG A 51 7.12 10.46 5.73
N GLU A 52 7.59 11.07 6.82
CA GLU A 52 7.85 10.33 8.05
C GLU A 52 6.60 9.61 8.52
N SER A 53 5.44 10.22 8.31
CA SER A 53 4.17 9.62 8.71
C SER A 53 4.00 8.23 8.12
N ILE A 54 4.19 8.14 6.80
CA ILE A 54 4.06 6.86 6.11
C ILE A 54 5.03 5.83 6.68
N ASP A 55 6.27 6.25 6.88
CA ASP A 55 7.31 5.37 7.41
C ASP A 55 6.95 4.91 8.82
N LYS A 56 6.45 5.84 9.63
CA LYS A 56 6.08 5.54 11.00
C LYS A 56 4.83 4.66 11.05
N PHE A 57 4.04 4.70 9.97
CA PHE A 57 2.82 3.91 9.89
C PHE A 57 2.99 2.76 8.89
N VAL A 58 4.19 2.19 8.85
CA VAL A 58 4.48 1.09 7.95
C VAL A 58 5.59 0.20 8.50
N ASN A 59 6.61 0.83 9.07
CA ASN A 59 7.74 0.10 9.64
C ASN A 59 7.28 -0.83 10.76
N GLU A 60 6.33 -0.35 11.55
CA GLU A 60 5.80 -1.14 12.67
C GLU A 60 4.50 -1.83 12.27
N HIS A 61 4.19 -2.92 12.97
CA HIS A 61 2.98 -3.69 12.69
C HIS A 61 3.15 -4.54 11.45
N THR A 62 3.80 -3.97 10.43
CA THR A 62 4.03 -4.68 9.17
C THR A 62 5.51 -5.01 8.99
N ASP A 63 5.78 -6.06 8.23
CA ASP A 63 7.15 -6.48 7.97
C ASP A 63 7.44 -6.52 6.47
N ALA A 64 8.72 -6.53 6.12
CA ALA A 64 9.13 -6.56 4.72
C ALA A 64 9.04 -7.98 4.16
N ILE A 65 8.66 -8.08 2.89
CA ILE A 65 8.54 -9.37 2.23
C ILE A 65 9.90 -9.89 1.79
N ILE A 66 10.51 -10.72 2.63
CA ILE A 66 11.81 -11.29 2.33
C ILE A 66 11.68 -12.48 1.38
N ILE A 67 12.36 -12.41 0.25
CA ILE A 67 12.33 -13.48 -0.74
C ILE A 67 13.68 -13.65 -1.42
N ASP A 68 14.20 -14.86 -1.41
CA ASP A 68 15.49 -15.16 -2.04
C ASP A 68 16.55 -14.15 -1.58
N GLY A 69 16.52 -13.81 -0.29
CA GLY A 69 17.49 -12.86 0.24
C GLY A 69 17.31 -11.47 -0.33
N VAL A 70 16.06 -11.02 -0.41
CA VAL A 70 15.76 -9.69 -0.93
C VAL A 70 14.77 -8.95 -0.05
N PRO A 71 15.29 -8.32 1.02
CA PRO A 71 14.47 -7.57 1.97
C PRO A 71 13.90 -6.29 1.37
N ILE A 72 12.70 -5.92 1.77
CA ILE A 72 12.05 -4.72 1.27
C ILE A 72 12.25 -3.55 2.22
N GLN A 73 11.45 -2.49 2.04
CA GLN A 73 11.54 -1.32 2.88
C GLN A 73 10.87 -1.55 4.23
N GLY A 74 11.15 -2.71 4.83
CA GLY A 74 10.57 -3.04 6.12
C GLY A 74 9.09 -2.74 6.18
N GLY A 75 8.41 -2.87 5.04
CA GLY A 75 6.99 -2.59 5.00
C GLY A 75 6.52 -2.20 3.60
N ARG A 76 7.07 -2.85 2.59
CA ARG A 76 6.71 -2.56 1.20
C ARG A 76 6.65 -3.84 0.38
N LYS A 77 5.84 -3.82 -0.67
CA LYS A 77 5.70 -4.98 -1.54
C LYS A 77 6.33 -4.73 -2.90
N ALA A 78 7.36 -5.50 -3.23
CA ALA A 78 8.05 -5.35 -4.50
C ALA A 78 7.48 -6.31 -5.55
N ARG A 79 7.78 -6.04 -6.82
CA ARG A 79 7.30 -6.87 -7.91
C ARG A 79 8.12 -8.14 -8.04
N ILE A 80 7.81 -9.14 -7.22
CA ILE A 80 8.53 -10.40 -7.24
C ILE A 80 7.63 -11.53 -7.74
N VAL A 81 7.60 -11.72 -9.05
CA VAL A 81 6.78 -12.77 -9.66
C VAL A 81 7.61 -14.02 -9.92
N GLY A 82 7.03 -15.19 -9.63
CA GLY A 82 7.72 -16.45 -9.85
C GLY A 82 9.11 -16.45 -9.22
N LYS A 83 9.15 -16.58 -7.90
CA LYS A 83 10.43 -16.60 -7.18
C LYS A 83 10.42 -17.69 -6.12
N ILE A 84 11.47 -17.71 -5.30
CA ILE A 84 11.60 -18.70 -4.24
C ILE A 84 11.02 -18.17 -2.93
N VAL A 85 9.78 -17.69 -2.98
CA VAL A 85 9.12 -17.16 -1.80
C VAL A 85 8.55 -18.28 -0.93
N SER A 86 8.37 -18.00 0.34
CA SER A 86 7.84 -18.99 1.28
C SER A 86 6.42 -18.64 1.70
N PRO A 87 5.70 -19.62 2.25
CA PRO A 87 4.31 -19.44 2.71
C PRO A 87 4.22 -18.53 3.93
N GLY A 88 5.37 -18.19 4.50
CA GLY A 88 5.39 -17.33 5.67
C GLY A 88 5.69 -15.88 5.32
N VAL A 89 6.24 -15.67 4.14
CA VAL A 89 6.57 -14.32 3.69
C VAL A 89 5.43 -13.71 2.89
N LYS A 90 4.87 -14.49 1.98
CA LYS A 90 3.76 -14.03 1.14
C LYS A 90 2.66 -13.43 2.00
N GLY A 91 2.36 -14.08 3.12
CA GLY A 91 1.32 -13.59 4.01
C GLY A 91 1.58 -12.17 4.49
N LEU A 92 2.85 -11.82 4.64
CA LEU A 92 3.24 -10.49 5.10
C LEU A 92 2.64 -9.42 4.19
N ALA A 93 2.54 -9.72 2.89
CA ALA A 93 1.99 -8.79 1.93
C ALA A 93 0.54 -8.43 2.29
N THR A 94 -0.22 -9.43 2.70
CA THR A 94 -1.63 -9.23 3.05
C THR A 94 -1.75 -8.38 4.32
N GLY A 95 -0.98 -8.73 5.34
CA GLY A 95 -1.01 -7.98 6.58
C GLY A 95 -0.77 -6.49 6.38
N PHE A 96 0.11 -6.17 5.43
CA PHE A 96 0.44 -4.78 5.14
C PHE A 96 -0.57 -4.18 4.17
N PHE A 97 -1.16 -5.04 3.33
CA PHE A 97 -2.14 -4.59 2.34
C PHE A 97 -3.32 -3.91 3.03
N GLU A 98 -3.81 -4.53 4.10
CA GLU A 98 -4.95 -4.00 4.84
C GLU A 98 -4.63 -2.61 5.39
N GLU A 99 -3.48 -2.50 6.05
CA GLU A 99 -3.06 -1.23 6.63
C GLU A 99 -2.74 -0.20 5.54
N LEU A 100 -2.17 -0.69 4.45
CA LEU A 100 -1.81 0.18 3.33
C LEU A 100 -3.03 0.92 2.80
N GLY A 101 -4.17 0.23 2.80
CA GLY A 101 -5.40 0.84 2.31
C GLY A 101 -5.82 2.03 3.14
N SER A 102 -5.74 1.91 4.45
CA SER A 102 -6.12 3.00 5.34
C SER A 102 -5.12 4.14 5.26
N LYS A 103 -3.83 3.80 5.28
CA LYS A 103 -2.77 4.80 5.20
C LYS A 103 -2.88 5.61 3.93
N LEU A 104 -3.25 4.95 2.84
CA LEU A 104 -3.39 5.61 1.54
C LEU A 104 -4.59 6.56 1.54
N ALA A 105 -5.55 6.27 2.43
CA ALA A 105 -6.74 7.10 2.53
C ALA A 105 -6.42 8.46 3.13
N GLN A 106 -5.72 8.45 4.26
CA GLN A 106 -5.36 9.69 4.94
C GLN A 106 -4.29 10.44 4.15
N LEU A 107 -3.37 9.71 3.54
CA LEU A 107 -2.30 10.31 2.76
C LEU A 107 -2.87 11.14 1.62
N PHE A 108 -3.87 10.59 0.93
CA PHE A 108 -4.50 11.28 -0.19
C PHE A 108 -5.27 12.51 0.30
N ALA A 109 -6.07 12.32 1.34
CA ALA A 109 -6.85 13.41 1.90
C ALA A 109 -7.65 12.94 3.13
N GLY A 110 -8.43 13.85 3.70
CA GLY A 110 -9.23 13.51 4.87
C GLY A 110 -8.38 13.00 6.02
N GLU A 111 -9.02 12.42 7.02
CA GLU A 111 -8.32 11.91 8.19
C GLU A 111 -8.23 10.38 8.13
N ASN A 112 -7.80 9.79 9.24
CA ASN A 112 -7.65 8.33 9.32
C ASN A 112 -8.99 7.67 9.61
N LEU A 113 -9.98 7.93 8.75
CA LEU A 113 -11.31 7.36 8.92
C LEU A 113 -11.91 6.97 7.57
N TYR A 114 -13.15 6.48 7.60
CA TYR A 114 -13.82 6.07 6.38
C TYR A 114 -14.42 7.28 5.65
N PHE A 115 -14.28 7.29 4.33
CA PHE A 115 -14.80 8.39 3.52
C PHE A 115 -15.20 7.89 2.13
N GLN A 116 -15.49 8.83 1.24
CA GLN A 116 -15.90 8.49 -0.12
C GLN A 116 -14.67 8.17 -0.98
N MET A 1 -4.07 11.76 -19.82
CA MET A 1 -3.88 13.14 -20.25
C MET A 1 -4.22 14.12 -19.13
N GLY A 2 -3.64 13.89 -17.95
CA GLY A 2 -3.90 14.76 -16.82
C GLY A 2 -2.84 14.64 -15.74
N TYR A 3 -2.85 15.57 -14.80
CA TYR A 3 -1.88 15.57 -13.71
C TYR A 3 -2.17 16.69 -12.72
N SER A 4 -2.94 16.37 -11.69
CA SER A 4 -3.29 17.34 -10.66
C SER A 4 -3.83 16.65 -9.42
N ASP A 5 -4.34 17.44 -8.47
CA ASP A 5 -4.89 16.92 -7.23
C ASP A 5 -6.05 15.97 -7.52
N GLU A 6 -6.93 16.39 -8.42
CA GLU A 6 -8.09 15.58 -8.78
C GLU A 6 -7.67 14.21 -9.28
N ASP A 7 -6.50 14.15 -9.91
CA ASP A 7 -5.98 12.89 -10.44
C ASP A 7 -5.76 11.88 -9.32
N ARG A 8 -5.42 12.37 -8.14
CA ARG A 8 -5.18 11.52 -6.99
C ARG A 8 -6.42 10.68 -6.67
N GLU A 9 -7.59 11.26 -6.88
CA GLU A 9 -8.85 10.57 -6.61
C GLU A 9 -9.05 9.42 -7.60
N ALA A 10 -8.61 9.62 -8.83
CA ALA A 10 -8.74 8.60 -9.86
C ALA A 10 -7.97 7.33 -9.49
N ASP A 11 -6.73 7.50 -9.05
CA ASP A 11 -5.90 6.37 -8.66
C ASP A 11 -6.39 5.76 -7.35
N ASN A 12 -6.84 6.61 -6.45
CA ASN A 12 -7.34 6.15 -5.15
C ASN A 12 -8.62 5.34 -5.32
N LEU A 13 -9.45 5.76 -6.26
CA LEU A 13 -10.71 5.07 -6.52
C LEU A 13 -10.47 3.59 -6.81
N ARG A 14 -9.36 3.29 -7.47
CA ARG A 14 -9.02 1.92 -7.81
C ARG A 14 -8.65 1.13 -6.56
N ILE A 15 -7.93 1.77 -5.65
CA ILE A 15 -7.51 1.13 -4.41
C ILE A 15 -8.72 0.69 -3.59
N ALA A 16 -9.75 1.53 -3.56
CA ALA A 16 -10.97 1.23 -2.82
C ALA A 16 -11.74 0.09 -3.46
N GLU A 17 -11.83 0.12 -4.78
CA GLU A 17 -12.53 -0.93 -5.52
C GLU A 17 -11.76 -2.24 -5.51
N ILE A 18 -10.43 -2.13 -5.57
CA ILE A 18 -9.58 -3.31 -5.56
C ILE A 18 -9.69 -4.07 -4.24
N ILE A 19 -9.69 -3.32 -3.14
CA ILE A 19 -9.79 -3.92 -1.81
C ILE A 19 -11.18 -4.51 -1.59
N LYS A 20 -12.19 -3.88 -2.18
CA LYS A 20 -13.57 -4.34 -2.05
C LYS A 20 -13.71 -5.78 -2.53
N ASN A 21 -12.88 -6.16 -3.50
CA ASN A 21 -12.90 -7.51 -4.05
C ASN A 21 -11.86 -8.40 -3.37
N ALA A 22 -10.62 -7.93 -3.34
CA ALA A 22 -9.53 -8.67 -2.71
C ALA A 22 -9.33 -8.24 -1.26
N GLN A 23 -8.12 -8.43 -0.76
CA GLN A 23 -7.80 -8.07 0.61
C GLN A 23 -8.38 -9.08 1.59
N ASP A 24 -8.72 -10.26 1.08
CA ASP A 24 -9.29 -11.31 1.91
C ASP A 24 -9.15 -12.67 1.23
N ASP A 25 -8.08 -12.84 0.45
CA ASP A 25 -7.83 -14.09 -0.25
C ASP A 25 -6.54 -14.00 -1.06
N ASP A 26 -6.39 -14.92 -2.01
CA ASP A 26 -5.21 -14.94 -2.86
C ASP A 26 -5.01 -13.61 -3.59
N SER A 27 -6.12 -12.99 -3.95
CA SER A 27 -6.08 -11.71 -4.65
C SER A 27 -5.39 -10.65 -3.81
N LYS A 28 -5.52 -10.77 -2.49
CA LYS A 28 -4.90 -9.82 -1.57
C LYS A 28 -3.39 -9.78 -1.77
N ILE A 29 -2.76 -10.96 -1.78
CA ILE A 29 -1.32 -11.05 -1.96
C ILE A 29 -0.92 -10.71 -3.40
N ASN A 30 -1.71 -11.21 -4.35
CA ASN A 30 -1.44 -10.97 -5.77
C ASN A 30 -1.64 -9.50 -6.10
N SER A 31 -2.78 -8.95 -5.71
CA SER A 31 -3.09 -7.55 -5.98
C SER A 31 -2.05 -6.63 -5.35
N THR A 32 -1.29 -7.17 -4.39
CA THR A 32 -0.26 -6.40 -3.71
C THR A 32 0.69 -5.75 -4.71
N GLN A 33 1.03 -6.48 -5.76
CA GLN A 33 1.93 -5.97 -6.79
C GLN A 33 1.30 -4.81 -7.55
N GLU A 34 0.02 -4.96 -7.91
CA GLU A 34 -0.69 -3.92 -8.63
C GLU A 34 -0.89 -2.68 -7.75
N LEU A 35 -1.36 -2.90 -6.53
CA LEU A 35 -1.60 -1.81 -5.59
C LEU A 35 -0.33 -0.97 -5.41
N LEU A 36 0.82 -1.64 -5.44
CA LEU A 36 2.11 -0.97 -5.28
C LEU A 36 2.31 0.09 -6.35
N ASP A 37 1.83 -0.20 -7.56
CA ASP A 37 1.95 0.74 -8.67
C ASP A 37 1.21 2.03 -8.39
N ILE A 38 0.06 1.92 -7.74
CA ILE A 38 -0.75 3.09 -7.40
C ILE A 38 -0.06 3.95 -6.35
N TYR A 39 0.85 3.34 -5.59
CA TYR A 39 1.57 4.05 -4.55
C TYR A 39 2.56 5.05 -5.16
N ARG A 40 3.35 4.58 -6.10
CA ARG A 40 4.33 5.42 -6.77
C ARG A 40 3.67 6.67 -7.35
N ARG A 41 2.39 6.56 -7.67
CA ARG A 41 1.64 7.68 -8.23
C ARG A 41 1.67 8.88 -7.28
N LEU A 42 1.60 8.60 -5.98
CA LEU A 42 1.62 9.66 -4.98
C LEU A 42 2.99 9.75 -4.30
N TYR A 43 4.04 9.54 -5.09
CA TYR A 43 5.41 9.60 -4.58
C TYR A 43 6.22 10.67 -5.30
N PRO A 44 5.53 11.69 -5.83
CA PRO A 44 6.16 12.79 -6.55
C PRO A 44 6.99 13.69 -5.63
N SER A 45 7.26 14.90 -6.10
CA SER A 45 8.04 15.87 -5.33
C SER A 45 7.19 16.50 -4.24
N LEU A 46 6.51 15.66 -3.46
CA LEU A 46 5.65 16.15 -2.38
C LEU A 46 6.49 16.51 -1.15
N THR A 47 5.89 17.28 -0.25
CA THR A 47 6.57 17.70 0.97
C THR A 47 6.55 16.59 2.02
N PRO A 48 7.53 16.63 2.94
CA PRO A 48 7.65 15.63 4.01
C PRO A 48 6.53 15.74 5.04
N GLU A 49 6.01 16.96 5.21
CA GLU A 49 4.93 17.19 6.16
C GLU A 49 3.67 16.42 5.76
N GLU A 50 3.34 16.47 4.48
CA GLU A 50 2.16 15.78 3.96
C GLU A 50 2.37 14.27 3.98
N ARG A 51 3.53 13.83 3.51
CA ARG A 51 3.85 12.41 3.46
C ARG A 51 3.98 11.84 4.87
N GLU A 52 4.16 12.72 5.85
CA GLU A 52 4.30 12.31 7.24
C GLU A 52 3.11 11.46 7.68
N SER A 53 1.93 11.80 7.17
CA SER A 53 0.71 11.08 7.52
C SER A 53 0.84 9.60 7.16
N ILE A 54 1.21 9.34 5.91
CA ILE A 54 1.37 7.97 5.44
C ILE A 54 2.64 7.33 6.00
N ASP A 55 3.70 8.13 6.06
CA ASP A 55 4.98 7.65 6.58
C ASP A 55 4.83 7.10 7.99
N LYS A 56 4.16 7.86 8.85
CA LYS A 56 3.94 7.45 10.23
C LYS A 56 3.06 6.21 10.30
N PHE A 57 2.33 5.94 9.22
CA PHE A 57 1.45 4.78 9.16
C PHE A 57 1.98 3.76 8.15
N VAL A 58 3.29 3.63 8.07
CA VAL A 58 3.92 2.68 7.15
C VAL A 58 5.33 2.32 7.61
N ASN A 59 6.11 3.33 7.97
CA ASN A 59 7.47 3.11 8.44
C ASN A 59 7.50 2.25 9.69
N GLU A 60 7.03 2.82 10.80
CA GLU A 60 7.00 2.11 12.07
C GLU A 60 5.59 1.60 12.37
N HIS A 61 4.92 1.11 11.33
CA HIS A 61 3.56 0.58 11.48
C HIS A 61 3.42 -0.76 10.76
N THR A 62 4.20 -0.94 9.70
CA THR A 62 4.15 -2.17 8.92
C THR A 62 5.44 -2.98 9.10
N ASP A 63 5.44 -4.19 8.58
CA ASP A 63 6.61 -5.06 8.68
C ASP A 63 7.20 -5.33 7.29
N ALA A 64 8.46 -5.78 7.28
CA ALA A 64 9.15 -6.06 6.02
C ALA A 64 8.72 -7.42 5.46
N ILE A 65 9.04 -7.65 4.19
CA ILE A 65 8.70 -8.92 3.54
C ILE A 65 9.92 -9.56 2.92
N ILE A 66 10.37 -10.66 3.50
CA ILE A 66 11.54 -11.37 3.00
C ILE A 66 11.16 -12.32 1.86
N ILE A 67 11.68 -12.04 0.67
CA ILE A 67 11.40 -12.86 -0.50
C ILE A 67 12.59 -12.89 -1.45
N ASP A 68 13.09 -14.09 -1.71
CA ASP A 68 14.22 -14.27 -2.62
C ASP A 68 15.52 -13.82 -1.94
N GLY A 69 15.65 -14.15 -0.66
CA GLY A 69 16.85 -13.78 0.07
C GLY A 69 17.13 -12.28 0.02
N VAL A 70 16.07 -11.48 -0.03
CA VAL A 70 16.20 -10.03 -0.08
C VAL A 70 15.04 -9.35 0.62
N PRO A 71 15.16 -9.18 1.95
CA PRO A 71 14.13 -8.54 2.77
C PRO A 71 14.03 -7.04 2.50
N ILE A 72 12.89 -6.45 2.83
CA ILE A 72 12.66 -5.04 2.62
C ILE A 72 12.96 -4.23 3.89
N GLN A 73 12.94 -2.92 3.78
CA GLN A 73 13.22 -2.05 4.91
C GLN A 73 12.26 -2.34 6.07
N GLY A 74 12.39 -1.57 7.14
CA GLY A 74 11.54 -1.77 8.30
C GLY A 74 10.07 -1.88 7.93
N GLY A 75 9.65 -1.10 6.93
CA GLY A 75 8.28 -1.11 6.51
C GLY A 75 8.11 -0.71 5.05
N ARG A 76 9.19 -0.80 4.29
CA ARG A 76 9.16 -0.43 2.88
C ARG A 76 8.57 -1.56 2.03
N LYS A 77 7.99 -1.19 0.90
CA LYS A 77 7.38 -2.16 0.00
C LYS A 77 8.18 -2.31 -1.29
N ALA A 78 8.16 -3.50 -1.87
CA ALA A 78 8.89 -3.76 -3.10
C ALA A 78 8.01 -4.48 -4.11
N ARG A 79 8.37 -4.36 -5.39
CA ARG A 79 7.60 -5.00 -6.46
C ARG A 79 7.97 -6.47 -6.58
N ILE A 80 7.20 -7.33 -5.92
CA ILE A 80 7.45 -8.76 -5.96
C ILE A 80 6.44 -9.47 -6.86
N VAL A 81 6.72 -9.47 -8.16
CA VAL A 81 5.84 -10.12 -9.12
C VAL A 81 6.39 -11.48 -9.55
N GLY A 82 5.63 -12.53 -9.30
CA GLY A 82 6.06 -13.87 -9.66
C GLY A 82 7.44 -14.20 -9.14
N LYS A 83 7.58 -14.22 -7.81
CA LYS A 83 8.86 -14.53 -7.19
C LYS A 83 8.74 -15.76 -6.29
N ILE A 84 9.88 -16.26 -5.84
CA ILE A 84 9.91 -17.44 -4.98
C ILE A 84 9.60 -17.06 -3.53
N VAL A 85 8.34 -16.70 -3.27
CA VAL A 85 7.91 -16.33 -1.93
C VAL A 85 7.56 -17.56 -1.11
N SER A 86 8.00 -17.57 0.14
CA SER A 86 7.73 -18.69 1.04
C SER A 86 6.32 -18.60 1.62
N PRO A 87 5.83 -19.72 2.17
CA PRO A 87 4.50 -19.78 2.77
C PRO A 87 4.40 -19.00 4.07
N GLY A 88 5.56 -18.64 4.63
CA GLY A 88 5.58 -17.88 5.86
C GLY A 88 5.66 -16.38 5.63
N VAL A 89 6.12 -16.00 4.44
CA VAL A 89 6.23 -14.59 4.09
C VAL A 89 5.06 -14.14 3.22
N LYS A 90 4.47 -15.09 2.52
CA LYS A 90 3.33 -14.80 1.64
C LYS A 90 2.26 -14.00 2.39
N GLY A 91 2.04 -14.35 3.65
CA GLY A 91 1.04 -13.66 4.45
C GLY A 91 1.46 -12.23 4.78
N LEU A 92 2.76 -12.03 4.94
CA LEU A 92 3.29 -10.70 5.27
C LEU A 92 2.82 -9.67 4.24
N ALA A 93 2.73 -10.10 2.98
CA ALA A 93 2.29 -9.21 1.91
C ALA A 93 0.82 -8.85 2.06
N THR A 94 0.00 -9.85 2.39
CA THR A 94 -1.43 -9.64 2.56
C THR A 94 -1.72 -8.84 3.83
N GLY A 95 -0.94 -9.07 4.87
CA GLY A 95 -1.13 -8.37 6.12
C GLY A 95 -0.97 -6.87 5.98
N PHE A 96 -0.01 -6.46 5.15
CA PHE A 96 0.24 -5.03 4.93
C PHE A 96 -0.65 -4.50 3.81
N PHE A 97 -1.07 -5.39 2.91
CA PHE A 97 -1.92 -4.99 1.79
C PHE A 97 -3.21 -4.36 2.29
N GLU A 98 -3.78 -4.94 3.33
CA GLU A 98 -5.03 -4.43 3.91
C GLU A 98 -4.82 -3.06 4.52
N GLU A 99 -3.65 -2.85 5.13
CA GLU A 99 -3.32 -1.57 5.76
C GLU A 99 -3.09 -0.49 4.70
N LEU A 100 -2.48 -0.89 3.59
CA LEU A 100 -2.21 0.04 2.50
C LEU A 100 -3.49 0.70 2.00
N GLY A 101 -4.51 -0.12 1.79
CA GLY A 101 -5.79 0.41 1.31
C GLY A 101 -6.36 1.45 2.24
N SER A 102 -6.22 1.24 3.55
CA SER A 102 -6.74 2.18 4.54
C SER A 102 -5.94 3.48 4.53
N LYS A 103 -4.62 3.36 4.47
CA LYS A 103 -3.74 4.52 4.45
C LYS A 103 -3.92 5.32 3.16
N LEU A 104 -4.15 4.61 2.06
CA LEU A 104 -4.34 5.25 0.77
C LEU A 104 -5.62 6.07 0.74
N ALA A 105 -6.55 5.73 1.64
CA ALA A 105 -7.82 6.44 1.73
C ALA A 105 -7.63 7.85 2.28
N GLN A 106 -6.67 7.99 3.19
CA GLN A 106 -6.38 9.28 3.81
C GLN A 106 -5.75 10.23 2.79
N LEU A 107 -4.93 9.68 1.90
CA LEU A 107 -4.26 10.48 0.88
C LEU A 107 -5.28 11.23 0.02
N PHE A 108 -6.30 10.51 -0.44
CA PHE A 108 -7.34 11.10 -1.27
C PHE A 108 -8.25 12.00 -0.44
N ALA A 109 -8.44 11.64 0.82
CA ALA A 109 -9.29 12.41 1.73
C ALA A 109 -9.22 11.87 3.14
N GLY A 110 -9.02 12.76 4.11
CA GLY A 110 -8.94 12.34 5.50
C GLY A 110 -10.15 11.53 5.93
N GLU A 111 -10.12 11.04 7.16
CA GLU A 111 -11.22 10.23 7.69
C GLU A 111 -11.85 10.93 8.89
N ASN A 112 -12.73 10.21 9.58
CA ASN A 112 -13.42 10.75 10.75
C ASN A 112 -14.02 9.63 11.60
N LEU A 113 -13.26 8.57 11.80
CA LEU A 113 -13.72 7.43 12.58
C LEU A 113 -12.67 7.01 13.60
N TYR A 114 -12.89 5.89 14.26
CA TYR A 114 -11.97 5.37 15.26
C TYR A 114 -11.12 4.25 14.69
N PHE A 115 -10.38 3.57 15.57
CA PHE A 115 -9.52 2.47 15.16
C PHE A 115 -9.81 1.22 15.97
N GLN A 116 -8.95 0.21 15.82
CA GLN A 116 -9.12 -1.05 16.54
C GLN A 116 -8.62 -0.92 17.98
N MET A 1 -1.28 9.30 -11.14
CA MET A 1 -1.89 10.27 -12.05
C MET A 1 -2.50 11.42 -11.25
N GLY A 2 -2.87 11.15 -10.00
CA GLY A 2 -3.47 12.18 -9.17
C GLY A 2 -2.43 12.98 -8.41
N TYR A 3 -2.76 14.22 -8.08
CA TYR A 3 -1.85 15.09 -7.35
C TYR A 3 -2.59 16.31 -6.80
N SER A 4 -3.76 16.07 -6.22
CA SER A 4 -4.56 17.16 -5.66
C SER A 4 -5.50 16.62 -4.59
N ASP A 5 -6.13 17.53 -3.85
CA ASP A 5 -7.06 17.15 -2.79
C ASP A 5 -8.20 16.31 -3.35
N GLU A 6 -8.73 16.72 -4.51
CA GLU A 6 -9.83 16.01 -5.14
C GLU A 6 -9.33 14.72 -5.79
N ASP A 7 -8.08 14.74 -6.26
CA ASP A 7 -7.49 13.57 -6.90
C ASP A 7 -7.16 12.50 -5.88
N ARG A 8 -6.82 12.93 -4.66
CA ARG A 8 -6.49 12.00 -3.59
C ARG A 8 -7.64 11.05 -3.31
N GLU A 9 -8.86 11.56 -3.41
CA GLU A 9 -10.05 10.76 -3.16
C GLU A 9 -10.22 9.69 -4.25
N ALA A 10 -10.01 10.09 -5.50
CA ALA A 10 -10.15 9.17 -6.62
C ALA A 10 -9.21 7.98 -6.46
N ASP A 11 -7.95 8.26 -6.14
CA ASP A 11 -6.95 7.20 -5.96
C ASP A 11 -7.23 6.41 -4.70
N ASN A 12 -7.71 7.10 -3.66
CA ASN A 12 -8.01 6.45 -2.39
C ASN A 12 -9.17 5.47 -2.54
N LEU A 13 -10.15 5.83 -3.36
CA LEU A 13 -11.30 4.98 -3.60
C LEU A 13 -10.88 3.59 -4.05
N ARG A 14 -9.79 3.53 -4.82
CA ARG A 14 -9.29 2.26 -5.31
C ARG A 14 -8.73 1.41 -4.18
N ILE A 15 -8.05 2.05 -3.24
CA ILE A 15 -7.48 1.36 -2.11
C ILE A 15 -8.55 0.65 -1.28
N ALA A 16 -9.63 1.38 -0.99
CA ALA A 16 -10.74 0.82 -0.22
C ALA A 16 -11.48 -0.25 -1.02
N GLU A 17 -11.62 -0.02 -2.32
CA GLU A 17 -12.31 -0.97 -3.18
C GLU A 17 -11.48 -2.23 -3.38
N ILE A 18 -10.16 -2.07 -3.43
CA ILE A 18 -9.26 -3.20 -3.62
C ILE A 18 -9.45 -4.23 -2.52
N ILE A 19 -9.70 -3.77 -1.30
CA ILE A 19 -9.90 -4.66 -0.17
C ILE A 19 -11.04 -5.64 -0.43
N LYS A 20 -12.05 -5.18 -1.16
CA LYS A 20 -13.19 -6.02 -1.49
C LYS A 20 -12.80 -7.13 -2.45
N ASN A 21 -11.80 -6.87 -3.28
CA ASN A 21 -11.32 -7.85 -4.25
C ASN A 21 -10.14 -8.64 -3.68
N ALA A 22 -10.09 -8.74 -2.36
CA ALA A 22 -9.01 -9.47 -1.69
C ALA A 22 -9.23 -9.52 -0.18
N GLN A 23 -10.10 -10.42 0.26
CA GLN A 23 -10.40 -10.57 1.68
C GLN A 23 -9.62 -11.73 2.28
N ASP A 24 -8.44 -11.44 2.82
CA ASP A 24 -7.60 -12.45 3.43
C ASP A 24 -7.46 -13.66 2.52
N ASP A 25 -6.53 -13.60 1.58
CA ASP A 25 -6.30 -14.69 0.64
C ASP A 25 -5.06 -14.44 -0.20
N ASP A 26 -4.79 -15.33 -1.15
CA ASP A 26 -3.64 -15.20 -2.03
C ASP A 26 -3.73 -13.93 -2.87
N SER A 27 -4.95 -13.59 -3.27
CA SER A 27 -5.17 -12.40 -4.09
C SER A 27 -4.73 -11.15 -3.36
N LYS A 28 -4.89 -11.14 -2.04
CA LYS A 28 -4.50 -10.01 -1.21
C LYS A 28 -3.01 -9.70 -1.38
N ILE A 29 -2.21 -10.74 -1.56
CA ILE A 29 -0.77 -10.59 -1.73
C ILE A 29 -0.45 -9.88 -3.04
N ASN A 30 -1.08 -10.34 -4.11
CA ASN A 30 -0.85 -9.76 -5.43
C ASN A 30 -1.52 -8.39 -5.54
N SER A 31 -2.65 -8.22 -4.85
CA SER A 31 -3.38 -6.95 -4.86
C SER A 31 -2.60 -5.88 -4.13
N THR A 32 -1.90 -6.26 -3.07
CA THR A 32 -1.12 -5.33 -2.28
C THR A 32 -0.13 -4.56 -3.16
N GLN A 33 0.40 -5.24 -4.17
CA GLN A 33 1.36 -4.62 -5.08
C GLN A 33 0.76 -3.36 -5.72
N GLU A 34 -0.49 -3.46 -6.15
CA GLU A 34 -1.17 -2.33 -6.78
C GLU A 34 -1.39 -1.20 -5.79
N LEU A 35 -1.62 -1.56 -4.53
CA LEU A 35 -1.84 -0.57 -3.48
C LEU A 35 -0.63 0.36 -3.33
N LEU A 36 0.56 -0.22 -3.45
CA LEU A 36 1.79 0.55 -3.35
C LEU A 36 1.86 1.64 -4.42
N ASP A 37 1.32 1.32 -5.60
CA ASP A 37 1.31 2.27 -6.70
C ASP A 37 0.62 3.57 -6.31
N ILE A 38 -0.48 3.44 -5.57
CA ILE A 38 -1.24 4.61 -5.13
C ILE A 38 -0.44 5.43 -4.11
N TYR A 39 0.46 4.76 -3.41
CA TYR A 39 1.28 5.43 -2.40
C TYR A 39 2.27 6.39 -3.05
N ARG A 40 2.94 5.92 -4.11
CA ARG A 40 3.91 6.74 -4.82
C ARG A 40 3.23 7.90 -5.53
N ARG A 41 1.96 7.69 -5.89
CA ARG A 41 1.19 8.72 -6.59
C ARG A 41 1.13 10.01 -5.77
N LEU A 42 1.06 9.86 -4.45
CA LEU A 42 0.99 11.01 -3.56
C LEU A 42 2.36 11.29 -2.94
N TYR A 43 3.42 11.08 -3.72
CA TYR A 43 4.78 11.31 -3.24
C TYR A 43 5.51 12.30 -4.14
N PRO A 44 4.73 13.18 -4.80
CA PRO A 44 5.29 14.20 -5.70
C PRO A 44 6.06 15.27 -4.94
N SER A 45 5.44 15.83 -3.91
CA SER A 45 6.08 16.87 -3.10
C SER A 45 5.52 16.88 -1.68
N LEU A 46 5.54 15.72 -1.04
CA LEU A 46 5.04 15.60 0.33
C LEU A 46 6.06 16.10 1.34
N THR A 47 5.57 16.67 2.43
CA THR A 47 6.44 17.20 3.48
C THR A 47 6.97 16.08 4.37
N PRO A 48 8.03 16.38 5.12
CA PRO A 48 8.65 15.42 6.04
C PRO A 48 7.77 15.11 7.25
N GLU A 49 7.11 16.15 7.77
CA GLU A 49 6.23 15.98 8.92
C GLU A 49 4.98 15.19 8.55
N GLU A 50 4.40 15.52 7.40
CA GLU A 50 3.20 14.83 6.93
C GLU A 50 3.52 13.40 6.51
N ARG A 51 4.60 13.25 5.74
CA ARG A 51 5.01 11.93 5.28
C ARG A 51 5.43 11.04 6.44
N GLU A 52 5.81 11.67 7.55
CA GLU A 52 6.24 10.94 8.74
C GLU A 52 5.16 9.95 9.18
N SER A 53 3.90 10.35 9.04
CA SER A 53 2.78 9.50 9.43
C SER A 53 2.85 8.15 8.73
N ILE A 54 3.13 8.17 7.43
CA ILE A 54 3.22 6.94 6.65
C ILE A 54 4.53 6.22 6.92
N ASP A 55 5.62 6.98 6.98
CA ASP A 55 6.94 6.40 7.24
C ASP A 55 6.94 5.62 8.56
N LYS A 56 6.21 6.13 9.54
CA LYS A 56 6.12 5.49 10.85
C LYS A 56 5.50 4.10 10.73
N PHE A 57 4.80 3.85 9.62
CA PHE A 57 4.16 2.57 9.40
C PHE A 57 4.91 1.78 8.33
N VAL A 58 6.24 1.90 8.33
CA VAL A 58 7.07 1.19 7.36
C VAL A 58 8.50 1.02 7.89
N ASN A 59 8.99 2.04 8.60
CA ASN A 59 10.33 2.00 9.15
C ASN A 59 10.29 1.71 10.65
N GLU A 60 9.10 1.80 11.23
CA GLU A 60 8.93 1.54 12.65
C GLU A 60 8.49 0.10 12.91
N HIS A 61 9.46 -0.82 12.92
CA HIS A 61 9.19 -2.23 13.15
C HIS A 61 8.65 -2.89 11.88
N THR A 62 8.69 -2.15 10.77
CA THR A 62 8.20 -2.66 9.50
C THR A 62 9.35 -2.90 8.53
N ASP A 63 9.16 -3.82 7.59
CA ASP A 63 10.18 -4.14 6.60
C ASP A 63 9.55 -4.56 5.29
N ALA A 64 10.34 -4.56 4.22
CA ALA A 64 9.86 -4.94 2.90
C ALA A 64 9.77 -6.45 2.77
N ILE A 65 9.09 -6.91 1.72
CA ILE A 65 8.93 -8.34 1.48
C ILE A 65 10.18 -8.93 0.84
N ILE A 66 10.93 -9.71 1.61
CA ILE A 66 12.15 -10.33 1.11
C ILE A 66 11.84 -11.59 0.31
N ILE A 67 12.18 -11.55 -0.97
CA ILE A 67 11.94 -12.69 -1.86
C ILE A 67 13.02 -12.80 -2.92
N ASP A 68 13.35 -14.03 -3.30
CA ASP A 68 14.37 -14.27 -4.31
C ASP A 68 15.63 -13.47 -4.01
N GLY A 69 15.99 -13.39 -2.73
CA GLY A 69 17.18 -12.65 -2.34
C GLY A 69 17.14 -11.20 -2.79
N VAL A 70 15.95 -10.73 -3.13
CA VAL A 70 15.78 -9.35 -3.57
C VAL A 70 14.63 -8.67 -2.84
N PRO A 71 14.93 -8.10 -1.66
CA PRO A 71 13.94 -7.41 -0.84
C PRO A 71 13.49 -6.10 -1.45
N ILE A 72 12.32 -5.63 -1.04
CA ILE A 72 11.76 -4.38 -1.56
C ILE A 72 12.17 -3.21 -0.68
N GLN A 73 11.66 -2.02 -1.02
CA GLN A 73 11.96 -0.81 -0.26
C GLN A 73 10.69 -0.11 0.18
N GLY A 74 10.68 0.42 1.39
CA GLY A 74 9.51 1.12 1.90
C GLY A 74 8.31 0.20 2.05
N GLY A 75 8.53 -0.96 2.67
CA GLY A 75 7.44 -1.91 2.86
C GLY A 75 6.60 -2.08 1.62
N ARG A 76 7.22 -1.94 0.45
CA ARG A 76 6.51 -2.08 -0.81
C ARG A 76 6.60 -3.52 -1.32
N LYS A 77 5.61 -3.92 -2.12
CA LYS A 77 5.56 -5.27 -2.67
C LYS A 77 5.80 -5.24 -4.17
N ALA A 78 6.56 -6.22 -4.66
CA ALA A 78 6.86 -6.32 -6.08
C ALA A 78 6.21 -7.55 -6.70
N ARG A 79 5.66 -7.40 -7.90
CA ARG A 79 5.01 -8.49 -8.59
C ARG A 79 6.04 -9.40 -9.27
N ILE A 80 6.11 -10.64 -8.81
CA ILE A 80 7.06 -11.61 -9.37
C ILE A 80 6.45 -13.00 -9.44
N VAL A 81 6.08 -13.42 -10.65
CA VAL A 81 5.48 -14.73 -10.84
C VAL A 81 6.55 -15.82 -10.88
N GLY A 82 6.14 -17.04 -10.56
CA GLY A 82 7.07 -18.16 -10.56
C GLY A 82 8.37 -17.83 -9.84
N LYS A 83 8.27 -17.60 -8.53
CA LYS A 83 9.45 -17.27 -7.73
C LYS A 83 9.56 -18.22 -6.54
N ILE A 84 10.78 -18.39 -6.05
CA ILE A 84 11.03 -19.26 -4.91
C ILE A 84 10.68 -18.58 -3.60
N VAL A 85 9.41 -18.22 -3.45
CA VAL A 85 8.93 -17.56 -2.24
C VAL A 85 8.67 -18.57 -1.12
N SER A 86 8.63 -18.09 0.10
CA SER A 86 8.39 -18.95 1.26
C SER A 86 7.04 -18.64 1.90
N PRO A 87 6.53 -19.60 2.68
CA PRO A 87 5.23 -19.44 3.37
C PRO A 87 5.28 -18.41 4.49
N GLY A 88 6.49 -17.93 4.79
CA GLY A 88 6.64 -16.93 5.83
C GLY A 88 6.72 -15.53 5.29
N VAL A 89 7.04 -15.40 4.01
CA VAL A 89 7.15 -14.10 3.36
C VAL A 89 5.84 -13.71 2.71
N LYS A 90 5.22 -14.65 2.00
CA LYS A 90 3.95 -14.40 1.33
C LYS A 90 2.90 -13.93 2.32
N GLY A 91 2.95 -14.44 3.54
CA GLY A 91 2.00 -14.07 4.57
C GLY A 91 2.22 -12.66 5.07
N LEU A 92 3.48 -12.22 5.10
CA LEU A 92 3.81 -10.89 5.56
C LEU A 92 3.21 -9.82 4.65
N ALA A 93 3.16 -10.12 3.36
CA ALA A 93 2.62 -9.20 2.38
C ALA A 93 1.16 -8.87 2.69
N THR A 94 0.39 -9.89 3.06
CA THR A 94 -1.02 -9.71 3.40
C THR A 94 -1.19 -8.96 4.70
N GLY A 95 -0.29 -9.23 5.65
CA GLY A 95 -0.36 -8.57 6.94
C GLY A 95 -0.25 -7.06 6.84
N PHE A 96 0.60 -6.60 5.91
CA PHE A 96 0.79 -5.16 5.71
C PHE A 96 -0.24 -4.60 4.74
N PHE A 97 -0.77 -5.47 3.87
CA PHE A 97 -1.77 -5.06 2.90
C PHE A 97 -2.99 -4.45 3.59
N GLU A 98 -3.43 -5.10 4.66
CA GLU A 98 -4.59 -4.63 5.41
C GLU A 98 -4.28 -3.32 6.11
N GLU A 99 -3.17 -3.27 6.83
CA GLU A 99 -2.76 -2.08 7.55
C GLU A 99 -2.52 -0.91 6.59
N LEU A 100 -1.93 -1.22 5.44
CA LEU A 100 -1.65 -0.20 4.43
C LEU A 100 -2.93 0.49 3.98
N GLY A 101 -4.01 -0.27 3.91
CA GLY A 101 -5.29 0.28 3.49
C GLY A 101 -5.73 1.44 4.38
N SER A 102 -5.58 1.26 5.68
CA SER A 102 -5.97 2.29 6.64
C SER A 102 -5.05 3.51 6.54
N LYS A 103 -3.77 3.26 6.30
CA LYS A 103 -2.79 4.33 6.18
C LYS A 103 -3.09 5.21 4.97
N LEU A 104 -3.36 4.57 3.83
CA LEU A 104 -3.65 5.29 2.60
C LEU A 104 -4.86 6.21 2.79
N ALA A 105 -5.68 5.90 3.78
CA ALA A 105 -6.87 6.70 4.07
C ALA A 105 -6.48 8.06 4.64
N GLN A 106 -5.40 8.10 5.41
CA GLN A 106 -4.94 9.34 6.01
C GLN A 106 -4.35 10.26 4.95
N LEU A 107 -3.70 9.68 3.95
CA LEU A 107 -3.09 10.45 2.87
C LEU A 107 -4.14 11.30 2.15
N PHE A 108 -5.26 10.68 1.81
CA PHE A 108 -6.34 11.38 1.13
C PHE A 108 -7.06 12.33 2.08
N ALA A 109 -7.39 11.84 3.26
CA ALA A 109 -8.09 12.66 4.26
C ALA A 109 -8.45 11.83 5.48
N GLY A 110 -7.54 11.76 6.45
CA GLY A 110 -7.78 11.00 7.66
C GLY A 110 -8.38 9.64 7.37
N GLU A 111 -9.69 9.51 7.59
CA GLU A 111 -10.38 8.25 7.35
C GLU A 111 -11.86 8.48 7.11
N ASN A 112 -12.29 8.22 5.87
CA ASN A 112 -13.70 8.39 5.50
C ASN A 112 -13.94 7.92 4.07
N LEU A 113 -15.20 8.00 3.64
CA LEU A 113 -15.57 7.57 2.29
C LEU A 113 -16.03 8.76 1.46
N TYR A 114 -15.38 8.97 0.32
CA TYR A 114 -15.72 10.07 -0.57
C TYR A 114 -15.13 9.86 -1.96
N PHE A 115 -15.34 10.83 -2.84
CA PHE A 115 -14.82 10.75 -4.20
C PHE A 115 -14.34 12.11 -4.69
N GLN A 116 -13.84 12.16 -5.91
CA GLN A 116 -13.34 13.40 -6.49
C GLN A 116 -14.49 14.25 -7.02
N MET A 1 -4.20 10.20 -12.05
CA MET A 1 -3.22 11.16 -11.56
C MET A 1 -3.87 12.20 -10.66
N GLY A 2 -4.60 13.13 -11.27
CA GLY A 2 -5.26 14.17 -10.50
C GLY A 2 -4.30 15.14 -9.87
N TYR A 3 -4.69 16.40 -9.77
CA TYR A 3 -3.85 17.43 -9.20
C TYR A 3 -4.68 18.50 -8.50
N SER A 4 -5.31 18.12 -7.39
CA SER A 4 -6.15 19.05 -6.64
C SER A 4 -6.72 18.38 -5.39
N ASP A 5 -7.38 19.16 -4.55
CA ASP A 5 -7.98 18.64 -3.32
C ASP A 5 -9.00 17.55 -3.64
N GLU A 6 -9.84 17.81 -4.65
CA GLU A 6 -10.87 16.85 -5.04
C GLU A 6 -10.26 15.68 -5.81
N ASP A 7 -9.27 15.98 -6.65
CA ASP A 7 -8.61 14.96 -7.44
C ASP A 7 -7.92 13.93 -6.54
N ARG A 8 -7.44 14.39 -5.38
CA ARG A 8 -6.78 13.51 -4.44
C ARG A 8 -7.68 12.37 -4.01
N GLU A 9 -8.97 12.67 -3.89
CA GLU A 9 -9.95 11.66 -3.48
C GLU A 9 -10.07 10.56 -4.53
N ALA A 10 -9.87 10.93 -5.79
CA ALA A 10 -9.95 9.97 -6.88
C ALA A 10 -8.98 8.81 -6.68
N ASP A 11 -7.74 9.14 -6.33
CA ASP A 11 -6.72 8.12 -6.10
C ASP A 11 -7.01 7.33 -4.82
N ASN A 12 -7.56 8.03 -3.82
CA ASN A 12 -7.88 7.39 -2.55
C ASN A 12 -9.00 6.37 -2.73
N LEU A 13 -9.95 6.69 -3.59
CA LEU A 13 -11.08 5.78 -3.85
C LEU A 13 -10.59 4.40 -4.25
N ARG A 14 -9.46 4.35 -4.95
CA ARG A 14 -8.89 3.08 -5.39
C ARG A 14 -8.41 2.27 -4.20
N ILE A 15 -7.82 2.94 -3.22
CA ILE A 15 -7.32 2.27 -2.03
C ILE A 15 -8.44 1.56 -1.28
N ALA A 16 -9.55 2.26 -1.08
CA ALA A 16 -10.70 1.69 -0.39
C ALA A 16 -11.37 0.61 -1.22
N GLU A 17 -11.34 0.79 -2.54
CA GLU A 17 -11.95 -0.18 -3.45
C GLU A 17 -11.26 -1.53 -3.34
N ILE A 18 -9.93 -1.52 -3.35
CA ILE A 18 -9.15 -2.75 -3.26
C ILE A 18 -9.34 -3.42 -1.89
N ILE A 19 -9.41 -2.60 -0.85
CA ILE A 19 -9.60 -3.11 0.51
C ILE A 19 -10.99 -3.73 0.67
N LYS A 20 -11.97 -3.14 0.01
CA LYS A 20 -13.34 -3.63 0.09
C LYS A 20 -13.48 -4.98 -0.60
N ASN A 21 -12.82 -5.12 -1.75
CA ASN A 21 -12.86 -6.36 -2.51
C ASN A 21 -11.78 -7.32 -2.04
N ALA A 22 -10.84 -6.81 -1.26
CA ALA A 22 -9.74 -7.62 -0.74
C ALA A 22 -9.59 -7.44 0.77
N GLN A 23 -8.38 -7.67 1.26
CA GLN A 23 -8.09 -7.53 2.68
C GLN A 23 -8.85 -8.58 3.50
N ASP A 24 -9.05 -9.75 2.91
CA ASP A 24 -9.76 -10.83 3.58
C ASP A 24 -9.83 -12.07 2.68
N ASP A 25 -8.82 -12.26 1.85
CA ASP A 25 -8.77 -13.39 0.94
C ASP A 25 -7.51 -13.36 0.09
N ASP A 26 -7.41 -14.29 -0.85
CA ASP A 26 -6.25 -14.38 -1.73
C ASP A 26 -6.04 -13.06 -2.47
N SER A 27 -7.14 -12.38 -2.80
CA SER A 27 -7.07 -11.11 -3.51
C SER A 27 -6.28 -10.08 -2.71
N LYS A 28 -6.37 -10.17 -1.40
CA LYS A 28 -5.66 -9.25 -0.51
C LYS A 28 -4.16 -9.31 -0.76
N ILE A 29 -3.66 -10.50 -1.10
CA ILE A 29 -2.24 -10.68 -1.36
C ILE A 29 -1.82 -9.92 -2.62
N ASN A 30 -2.46 -10.21 -3.74
CA ASN A 30 -2.15 -9.56 -5.00
C ASN A 30 -2.45 -8.06 -4.92
N SER A 31 -3.55 -7.71 -4.27
CA SER A 31 -3.93 -6.31 -4.12
C SER A 31 -2.85 -5.52 -3.40
N THR A 32 -1.98 -6.23 -2.69
CA THR A 32 -0.89 -5.60 -1.95
C THR A 32 0.00 -4.77 -2.88
N GLN A 33 0.41 -5.37 -3.98
CA GLN A 33 1.27 -4.69 -4.94
C GLN A 33 0.58 -3.43 -5.48
N GLU A 34 -0.70 -3.55 -5.80
CA GLU A 34 -1.46 -2.43 -6.32
C GLU A 34 -1.60 -1.32 -5.27
N LEU A 35 -1.94 -1.71 -4.05
CA LEU A 35 -2.11 -0.76 -2.96
C LEU A 35 -0.84 0.07 -2.77
N LEU A 36 0.31 -0.61 -2.75
CA LEU A 36 1.58 0.06 -2.58
C LEU A 36 1.84 1.07 -3.70
N ASP A 37 1.38 0.73 -4.90
CA ASP A 37 1.55 1.61 -6.06
C ASP A 37 0.79 2.91 -5.86
N ILE A 38 -0.38 2.83 -5.23
CA ILE A 38 -1.19 4.01 -4.98
C ILE A 38 -0.45 5.02 -4.10
N TYR A 39 0.59 4.54 -3.43
CA TYR A 39 1.38 5.39 -2.55
C TYR A 39 2.16 6.43 -3.35
N ARG A 40 2.78 5.99 -4.44
CA ARG A 40 3.56 6.88 -5.29
C ARG A 40 2.69 8.04 -5.80
N ARG A 41 1.39 7.81 -5.87
CA ARG A 41 0.46 8.83 -6.33
C ARG A 41 0.56 10.08 -5.47
N LEU A 42 0.77 9.89 -4.18
CA LEU A 42 0.88 11.00 -3.24
C LEU A 42 2.34 11.29 -2.92
N TYR A 43 3.20 11.14 -3.90
CA TYR A 43 4.63 11.38 -3.72
C TYR A 43 5.14 12.41 -4.73
N PRO A 44 4.24 13.28 -5.18
CA PRO A 44 4.57 14.33 -6.14
C PRO A 44 5.48 15.41 -5.55
N SER A 45 5.07 15.94 -4.40
CA SER A 45 5.84 16.98 -3.72
C SER A 45 5.57 16.96 -2.22
N LEU A 46 5.93 15.86 -1.57
CA LEU A 46 5.74 15.73 -0.13
C LEU A 46 6.82 16.46 0.65
N THR A 47 6.44 17.05 1.77
CA THR A 47 7.37 17.78 2.61
C THR A 47 8.21 16.84 3.47
N PRO A 48 9.33 17.35 4.01
CA PRO A 48 10.23 16.57 4.85
C PRO A 48 9.62 16.25 6.21
N GLU A 49 8.98 17.25 6.82
CA GLU A 49 8.36 17.09 8.12
C GLU A 49 7.13 16.18 8.02
N GLU A 50 6.39 16.32 6.92
CA GLU A 50 5.19 15.52 6.70
C GLU A 50 5.55 14.06 6.43
N ARG A 51 6.59 13.84 5.63
CA ARG A 51 7.03 12.51 5.28
C ARG A 51 7.29 11.68 6.54
N GLU A 52 7.54 12.37 7.65
CA GLU A 52 7.80 11.70 8.93
C GLU A 52 6.65 10.77 9.30
N SER A 53 5.43 11.20 8.97
CA SER A 53 4.25 10.41 9.28
C SER A 53 4.32 9.04 8.60
N ILE A 54 4.63 9.04 7.31
CA ILE A 54 4.73 7.80 6.55
C ILE A 54 5.82 6.90 7.12
N ASP A 55 6.97 7.48 7.41
CA ASP A 55 8.09 6.73 7.96
C ASP A 55 7.69 6.01 9.25
N LYS A 56 6.93 6.71 10.09
CA LYS A 56 6.48 6.14 11.35
C LYS A 56 5.45 5.04 11.13
N PHE A 57 4.75 5.12 9.99
CA PHE A 57 3.73 4.13 9.66
C PHE A 57 4.19 3.28 8.48
N VAL A 58 5.48 2.96 8.44
CA VAL A 58 6.04 2.15 7.37
C VAL A 58 7.39 1.56 7.77
N ASN A 59 8.26 2.41 8.32
CA ASN A 59 9.58 1.98 8.75
C ASN A 59 9.49 1.09 10.00
N GLU A 60 8.86 1.62 11.04
CA GLU A 60 8.71 0.88 12.29
C GLU A 60 7.25 0.47 12.50
N HIS A 61 6.68 -0.19 11.50
CA HIS A 61 5.29 -0.64 11.58
C HIS A 61 5.08 -1.93 10.78
N THR A 62 5.65 -1.97 9.58
CA THR A 62 5.54 -3.15 8.73
C THR A 62 6.87 -3.85 8.57
N ASP A 63 6.85 -5.04 7.97
CA ASP A 63 8.07 -5.82 7.77
C ASP A 63 8.39 -5.94 6.28
N ALA A 64 9.63 -6.30 5.98
CA ALA A 64 10.05 -6.45 4.59
C ALA A 64 9.59 -7.79 4.01
N ILE A 65 9.66 -7.92 2.69
CA ILE A 65 9.24 -9.14 2.02
C ILE A 65 10.41 -9.79 1.28
N ILE A 66 10.94 -10.86 1.87
CA ILE A 66 12.06 -11.58 1.27
C ILE A 66 11.58 -12.50 0.15
N ILE A 67 12.06 -12.24 -1.06
CA ILE A 67 11.69 -13.05 -2.22
C ILE A 67 12.89 -13.30 -3.13
N ASP A 68 13.08 -14.55 -3.52
CA ASP A 68 14.18 -14.91 -4.40
C ASP A 68 15.48 -14.22 -3.96
N GLY A 69 15.67 -14.12 -2.65
CA GLY A 69 16.86 -13.48 -2.12
C GLY A 69 16.93 -12.02 -2.48
N VAL A 70 15.82 -11.30 -2.36
CA VAL A 70 15.77 -9.88 -2.67
C VAL A 70 14.64 -9.20 -1.92
N PRO A 71 14.86 -8.93 -0.62
CA PRO A 71 13.87 -8.27 0.24
C PRO A 71 13.68 -6.81 -0.13
N ILE A 72 12.53 -6.25 0.26
CA ILE A 72 12.23 -4.86 -0.02
C ILE A 72 12.20 -4.04 1.26
N GLN A 73 12.08 -2.71 1.11
CA GLN A 73 12.03 -1.81 2.25
C GLN A 73 10.79 -0.93 2.20
N GLY A 74 10.65 -0.05 3.19
CA GLY A 74 9.51 0.84 3.24
C GLY A 74 8.19 0.09 3.23
N GLY A 75 8.19 -1.12 3.80
CA GLY A 75 6.98 -1.92 3.84
C GLY A 75 6.33 -2.06 2.48
N ARG A 76 7.11 -1.83 1.43
CA ARG A 76 6.60 -1.93 0.07
C ARG A 76 6.71 -3.35 -0.46
N LYS A 77 5.84 -3.70 -1.39
CA LYS A 77 5.84 -5.05 -1.98
C LYS A 77 6.32 -5.01 -3.42
N ALA A 78 7.33 -5.82 -3.72
CA ALA A 78 7.89 -5.89 -5.06
C ALA A 78 7.01 -6.75 -5.98
N ARG A 79 7.23 -6.63 -7.28
CA ARG A 79 6.46 -7.39 -8.26
C ARG A 79 6.98 -8.81 -8.36
N ILE A 80 6.27 -9.75 -7.74
CA ILE A 80 6.66 -11.15 -7.75
C ILE A 80 5.66 -11.99 -8.54
N VAL A 81 5.92 -12.18 -9.83
CA VAL A 81 5.05 -12.97 -10.69
C VAL A 81 5.65 -14.34 -10.98
N GLY A 82 5.35 -15.30 -10.10
CA GLY A 82 5.86 -16.64 -10.28
C GLY A 82 7.34 -16.75 -9.98
N LYS A 83 7.69 -16.62 -8.71
CA LYS A 83 9.09 -16.70 -8.28
C LYS A 83 9.31 -17.89 -7.37
N ILE A 84 10.48 -17.94 -6.73
CA ILE A 84 10.81 -19.03 -5.83
C ILE A 84 10.69 -18.60 -4.37
N VAL A 85 9.47 -18.35 -3.92
CA VAL A 85 9.21 -17.93 -2.56
C VAL A 85 8.27 -18.90 -1.84
N SER A 86 8.21 -18.80 -0.53
CA SER A 86 7.36 -19.68 0.27
C SER A 86 6.04 -18.98 0.61
N PRO A 87 5.05 -19.79 1.00
CA PRO A 87 3.71 -19.28 1.36
C PRO A 87 3.73 -18.50 2.66
N GLY A 88 4.87 -18.50 3.33
CA GLY A 88 4.99 -17.79 4.59
C GLY A 88 5.41 -16.34 4.40
N VAL A 89 6.14 -16.07 3.34
CA VAL A 89 6.61 -14.72 3.05
C VAL A 89 5.56 -13.94 2.26
N LYS A 90 4.62 -14.66 1.65
CA LYS A 90 3.56 -14.04 0.87
C LYS A 90 2.49 -13.44 1.78
N GLY A 91 2.41 -13.96 3.00
CA GLY A 91 1.43 -13.48 3.94
C GLY A 91 1.77 -12.10 4.47
N LEU A 92 3.06 -11.82 4.60
CA LEU A 92 3.52 -10.54 5.11
C LEU A 92 2.94 -9.39 4.28
N ALA A 93 2.80 -9.63 2.98
CA ALA A 93 2.26 -8.62 2.08
C ALA A 93 0.84 -8.21 2.49
N THR A 94 0.04 -9.21 2.86
CA THR A 94 -1.33 -8.96 3.28
C THR A 94 -1.38 -8.27 4.64
N GLY A 95 -0.48 -8.67 5.53
CA GLY A 95 -0.44 -8.08 6.86
C GLY A 95 -0.23 -6.59 6.82
N PHE A 96 0.68 -6.13 5.95
CA PHE A 96 0.96 -4.71 5.83
C PHE A 96 0.02 -4.05 4.83
N PHE A 97 -0.49 -4.83 3.88
CA PHE A 97 -1.41 -4.31 2.88
C PHE A 97 -2.68 -3.78 3.53
N GLU A 98 -3.21 -4.54 4.49
CA GLU A 98 -4.43 -4.14 5.18
C GLU A 98 -4.23 -2.83 5.93
N GLU A 99 -3.15 -2.75 6.71
CA GLU A 99 -2.83 -1.56 7.48
C GLU A 99 -2.48 -0.40 6.55
N LEU A 100 -1.78 -0.70 5.47
CA LEU A 100 -1.38 0.32 4.51
C LEU A 100 -2.61 1.05 3.94
N GLY A 101 -3.64 0.29 3.61
CA GLY A 101 -4.85 0.87 3.07
C GLY A 101 -5.48 1.88 4.01
N SER A 102 -5.48 1.55 5.30
CA SER A 102 -6.07 2.44 6.30
C SER A 102 -5.21 3.69 6.48
N LYS A 103 -3.90 3.51 6.56
CA LYS A 103 -2.98 4.64 6.73
C LYS A 103 -2.96 5.50 5.47
N LEU A 104 -3.06 4.85 4.31
CA LEU A 104 -3.05 5.57 3.04
C LEU A 104 -4.23 6.53 2.93
N ALA A 105 -5.28 6.24 3.68
CA ALA A 105 -6.47 7.09 3.67
C ALA A 105 -6.20 8.42 4.37
N GLN A 106 -5.36 8.39 5.39
CA GLN A 106 -5.02 9.59 6.14
C GLN A 106 -4.21 10.55 5.28
N LEU A 107 -3.15 10.04 4.65
CA LEU A 107 -2.30 10.85 3.80
C LEU A 107 -3.10 11.46 2.66
N PHE A 108 -4.00 10.68 2.08
CA PHE A 108 -4.82 11.15 0.97
C PHE A 108 -5.88 12.13 1.46
N ALA A 109 -6.57 11.76 2.54
CA ALA A 109 -7.62 12.61 3.11
C ALA A 109 -8.34 11.90 4.24
N GLY A 110 -7.83 12.04 5.45
CA GLY A 110 -8.44 11.41 6.61
C GLY A 110 -8.81 9.96 6.34
N GLU A 111 -10.09 9.72 6.11
CA GLU A 111 -10.58 8.37 5.84
C GLU A 111 -11.98 8.40 5.23
N ASN A 112 -12.38 7.28 4.62
CA ASN A 112 -13.70 7.18 3.99
C ASN A 112 -13.90 5.80 3.39
N LEU A 113 -15.14 5.32 3.46
CA LEU A 113 -15.47 4.01 2.92
C LEU A 113 -16.40 4.14 1.71
N TYR A 114 -16.07 3.41 0.64
CA TYR A 114 -16.88 3.44 -0.57
C TYR A 114 -16.30 2.51 -1.63
N PHE A 115 -17.18 1.89 -2.42
CA PHE A 115 -16.76 0.97 -3.47
C PHE A 115 -16.93 1.60 -4.84
N GLN A 116 -16.64 0.83 -5.88
CA GLN A 116 -16.76 1.31 -7.25
C GLN A 116 -18.11 0.91 -7.86
N MET A 1 -9.66 12.97 -14.64
CA MET A 1 -8.50 13.06 -15.53
C MET A 1 -8.04 14.51 -15.67
N GLY A 2 -6.92 14.84 -15.02
CA GLY A 2 -6.40 16.19 -15.09
C GLY A 2 -5.00 16.30 -14.51
N TYR A 3 -4.64 17.50 -14.06
CA TYR A 3 -3.34 17.73 -13.48
C TYR A 3 -3.40 18.77 -12.36
N SER A 4 -3.98 18.37 -11.23
CA SER A 4 -4.12 19.26 -10.09
C SER A 4 -4.44 18.47 -8.81
N ASP A 5 -4.79 19.19 -7.75
CA ASP A 5 -5.12 18.56 -6.48
C ASP A 5 -6.27 17.57 -6.65
N GLU A 6 -7.24 17.93 -7.49
CA GLU A 6 -8.40 17.08 -7.73
C GLU A 6 -7.95 15.71 -8.25
N ASP A 7 -6.85 15.68 -8.97
CA ASP A 7 -6.33 14.44 -9.53
C ASP A 7 -5.96 13.45 -8.41
N ARG A 8 -5.54 14.00 -7.27
CA ARG A 8 -5.15 13.17 -6.13
C ARG A 8 -6.32 12.29 -5.68
N GLU A 9 -7.53 12.85 -5.75
CA GLU A 9 -8.73 12.11 -5.35
C GLU A 9 -9.01 10.97 -6.31
N ALA A 10 -8.67 11.17 -7.59
CA ALA A 10 -8.90 10.16 -8.61
C ALA A 10 -8.09 8.90 -8.31
N ASP A 11 -6.81 9.07 -7.99
CA ASP A 11 -5.94 7.95 -7.67
C ASP A 11 -6.32 7.32 -6.34
N ASN A 12 -6.61 8.16 -5.35
CA ASN A 12 -6.98 7.69 -4.02
C ASN A 12 -8.31 6.95 -4.07
N LEU A 13 -9.23 7.45 -4.90
CA LEU A 13 -10.55 6.83 -5.04
C LEU A 13 -10.43 5.36 -5.39
N ARG A 14 -9.42 5.02 -6.19
CA ARG A 14 -9.20 3.64 -6.62
C ARG A 14 -8.73 2.79 -5.43
N ILE A 15 -7.87 3.36 -4.60
CA ILE A 15 -7.36 2.65 -3.43
C ILE A 15 -8.48 2.25 -2.50
N ALA A 16 -9.47 3.13 -2.35
CA ALA A 16 -10.61 2.86 -1.47
C ALA A 16 -11.48 1.75 -2.04
N GLU A 17 -11.75 1.83 -3.34
CA GLU A 17 -12.58 0.83 -4.01
C GLU A 17 -11.85 -0.50 -4.13
N ILE A 18 -10.54 -0.43 -4.35
CA ILE A 18 -9.72 -1.63 -4.48
C ILE A 18 -9.82 -2.50 -3.24
N ILE A 19 -9.90 -1.87 -2.08
CA ILE A 19 -10.00 -2.58 -0.81
C ILE A 19 -11.33 -3.34 -0.72
N LYS A 20 -12.41 -2.64 -1.03
CA LYS A 20 -13.74 -3.23 -0.99
C LYS A 20 -13.91 -4.29 -2.07
N ASN A 21 -13.24 -4.07 -3.20
CA ASN A 21 -13.32 -5.01 -4.31
C ASN A 21 -12.14 -5.98 -4.29
N ALA A 22 -11.65 -6.28 -3.09
CA ALA A 22 -10.53 -7.19 -2.92
C ALA A 22 -10.99 -8.51 -2.30
N GLN A 23 -12.15 -8.98 -2.72
CA GLN A 23 -12.70 -10.23 -2.21
C GLN A 23 -12.57 -10.29 -0.69
N ASP A 24 -12.74 -11.50 -0.14
CA ASP A 24 -12.65 -11.69 1.30
C ASP A 24 -11.34 -11.10 1.85
N ASP A 25 -10.25 -11.84 1.66
CA ASP A 25 -8.94 -11.39 2.12
C ASP A 25 -7.83 -11.95 1.26
N ASP A 26 -8.03 -13.16 0.76
CA ASP A 26 -7.04 -13.82 -0.09
C ASP A 26 -6.72 -12.97 -1.31
N SER A 27 -7.74 -12.31 -1.85
CA SER A 27 -7.57 -11.46 -3.02
C SER A 27 -6.77 -10.20 -2.67
N LYS A 28 -6.93 -9.73 -1.44
CA LYS A 28 -6.22 -8.54 -0.98
C LYS A 28 -4.71 -8.72 -1.11
N ILE A 29 -4.24 -9.94 -0.89
CA ILE A 29 -2.82 -10.24 -0.99
C ILE A 29 -2.25 -9.77 -2.32
N ASN A 30 -2.96 -10.06 -3.40
CA ASN A 30 -2.53 -9.66 -4.73
C ASN A 30 -2.73 -8.16 -4.95
N SER A 31 -3.86 -7.66 -4.49
CA SER A 31 -4.17 -6.23 -4.63
C SER A 31 -3.12 -5.37 -3.94
N THR A 32 -2.36 -5.99 -3.03
CA THR A 32 -1.32 -5.29 -2.30
C THR A 32 -0.24 -4.77 -3.24
N GLN A 33 0.07 -5.56 -4.27
CA GLN A 33 1.10 -5.17 -5.23
C GLN A 33 0.65 -3.97 -6.04
N GLU A 34 -0.60 -4.00 -6.51
CA GLU A 34 -1.14 -2.90 -7.30
C GLU A 34 -1.28 -1.63 -6.46
N LEU A 35 -1.70 -1.81 -5.21
CA LEU A 35 -1.87 -0.68 -4.30
C LEU A 35 -0.58 0.12 -4.16
N LEU A 36 0.54 -0.61 -4.11
CA LEU A 36 1.86 0.03 -3.98
C LEU A 36 2.13 0.96 -5.15
N ASP A 37 1.65 0.58 -6.33
CA ASP A 37 1.84 1.40 -7.53
C ASP A 37 1.25 2.80 -7.34
N ILE A 38 0.08 2.87 -6.71
CA ILE A 38 -0.58 4.14 -6.47
C ILE A 38 0.20 4.97 -5.46
N TYR A 39 1.08 4.32 -4.70
CA TYR A 39 1.88 5.00 -3.70
C TYR A 39 2.90 5.92 -4.34
N ARG A 40 3.65 5.39 -5.31
CA ARG A 40 4.67 6.16 -6.01
C ARG A 40 4.04 7.35 -6.72
N ARG A 41 2.77 7.22 -7.08
CA ARG A 41 2.06 8.29 -7.77
C ARG A 41 2.07 9.57 -6.95
N LEU A 42 2.04 9.43 -5.63
CA LEU A 42 2.05 10.58 -4.73
C LEU A 42 3.43 10.80 -4.14
N TYR A 43 4.47 10.54 -4.94
CA TYR A 43 5.84 10.71 -4.51
C TYR A 43 6.59 11.66 -5.44
N PRO A 44 5.84 12.57 -6.08
CA PRO A 44 6.41 13.55 -7.01
C PRO A 44 7.25 14.61 -6.28
N SER A 45 6.69 15.19 -5.23
CA SER A 45 7.37 16.21 -4.47
C SER A 45 6.74 16.38 -3.09
N LEU A 46 6.70 15.28 -2.32
CA LEU A 46 6.13 15.30 -0.99
C LEU A 46 7.10 15.91 0.03
N THR A 47 6.57 16.65 1.00
CA THR A 47 7.38 17.28 2.02
C THR A 47 7.67 16.31 3.16
N PRO A 48 8.67 16.65 4.00
CA PRO A 48 9.07 15.83 5.14
C PRO A 48 8.01 15.83 6.24
N GLU A 49 7.30 16.95 6.38
CA GLU A 49 6.27 17.07 7.40
C GLU A 49 5.06 16.18 7.06
N GLU A 50 4.66 16.20 5.81
CA GLU A 50 3.53 15.40 5.36
C GLU A 50 3.88 13.92 5.35
N ARG A 51 5.05 13.59 4.80
CA ARG A 51 5.50 12.21 4.72
C ARG A 51 5.62 11.60 6.11
N GLU A 52 5.65 12.46 7.13
CA GLU A 52 5.77 12.00 8.51
C GLU A 52 4.61 11.09 8.88
N SER A 53 3.43 11.38 8.34
CA SER A 53 2.24 10.59 8.61
C SER A 53 2.35 9.21 7.99
N ILE A 54 2.66 9.17 6.69
CA ILE A 54 2.80 7.90 5.97
C ILE A 54 4.04 7.15 6.43
N ASP A 55 5.15 7.87 6.56
CA ASP A 55 6.41 7.27 6.99
C ASP A 55 6.27 6.63 8.37
N LYS A 56 5.55 7.31 9.25
CA LYS A 56 5.33 6.81 10.61
C LYS A 56 4.44 5.58 10.59
N PHE A 57 3.52 5.53 9.62
CA PHE A 57 2.61 4.40 9.50
C PHE A 57 3.00 3.51 8.33
N VAL A 58 4.30 3.35 8.12
CA VAL A 58 4.81 2.53 7.02
C VAL A 58 6.23 2.04 7.31
N ASN A 59 7.08 2.96 7.74
CA ASN A 59 8.47 2.63 8.05
C ASN A 59 8.55 1.75 9.29
N GLU A 60 8.15 2.32 10.43
CA GLU A 60 8.19 1.58 11.69
C GLU A 60 6.79 1.08 12.06
N HIS A 61 6.06 0.61 11.06
CA HIS A 61 4.72 0.08 11.28
C HIS A 61 4.51 -1.22 10.52
N THR A 62 5.16 -1.35 9.36
CA THR A 62 5.05 -2.54 8.55
C THR A 62 6.36 -3.32 8.53
N ASP A 63 6.32 -4.52 7.96
CA ASP A 63 7.51 -5.37 7.88
C ASP A 63 7.95 -5.56 6.43
N ALA A 64 9.20 -5.97 6.25
CA ALA A 64 9.73 -6.18 4.91
C ALA A 64 9.32 -7.55 4.36
N ILE A 65 9.05 -7.61 3.06
CA ILE A 65 8.64 -8.85 2.42
C ILE A 65 9.86 -9.61 1.91
N ILE A 66 10.34 -10.56 2.70
CA ILE A 66 11.50 -11.37 2.31
C ILE A 66 11.09 -12.48 1.35
N ILE A 67 11.67 -12.46 0.15
CA ILE A 67 11.37 -13.47 -0.86
C ILE A 67 12.62 -13.85 -1.64
N ASP A 68 13.02 -15.11 -1.53
CA ASP A 68 14.20 -15.61 -2.23
C ASP A 68 15.40 -14.71 -1.96
N GLY A 69 15.54 -14.25 -0.72
CA GLY A 69 16.64 -13.38 -0.36
C GLY A 69 16.55 -12.02 -1.01
N VAL A 70 15.37 -11.42 -0.95
CA VAL A 70 15.15 -10.10 -1.55
C VAL A 70 14.33 -9.20 -0.62
N PRO A 71 14.89 -8.91 0.56
CA PRO A 71 14.23 -8.07 1.56
C PRO A 71 14.15 -6.61 1.11
N ILE A 72 13.08 -5.94 1.50
CA ILE A 72 12.88 -4.53 1.16
C ILE A 72 13.38 -3.61 2.26
N GLN A 73 13.55 -2.34 1.92
CA GLN A 73 14.03 -1.36 2.90
C GLN A 73 13.04 -0.20 3.02
N GLY A 74 11.81 -0.51 3.43
CA GLY A 74 10.80 0.51 3.59
C GLY A 74 9.39 -0.05 3.50
N GLY A 75 9.18 -1.21 4.10
CA GLY A 75 7.87 -1.83 4.07
C GLY A 75 7.29 -1.90 2.67
N ARG A 76 8.16 -1.88 1.67
CA ARG A 76 7.72 -1.92 0.27
C ARG A 76 7.80 -3.35 -0.27
N LYS A 77 6.97 -3.63 -1.27
CA LYS A 77 6.95 -4.96 -1.88
C LYS A 77 7.54 -4.92 -3.29
N ALA A 78 8.59 -5.71 -3.51
CA ALA A 78 9.24 -5.76 -4.81
C ALA A 78 8.47 -6.66 -5.78
N ARG A 79 8.76 -6.53 -7.07
CA ARG A 79 8.09 -7.32 -8.09
C ARG A 79 8.69 -8.72 -8.17
N ILE A 80 8.20 -9.61 -7.31
CA ILE A 80 8.69 -10.99 -7.29
C ILE A 80 7.54 -11.98 -7.50
N VAL A 81 7.32 -12.35 -8.75
CA VAL A 81 6.26 -13.29 -9.09
C VAL A 81 6.84 -14.61 -9.60
N GLY A 82 6.36 -15.72 -9.05
CA GLY A 82 6.83 -17.03 -9.45
C GLY A 82 8.24 -17.30 -8.97
N LYS A 83 8.46 -17.16 -7.66
CA LYS A 83 9.77 -17.40 -7.07
C LYS A 83 9.65 -18.29 -5.85
N ILE A 84 10.75 -18.40 -5.10
CA ILE A 84 10.77 -19.22 -3.90
C ILE A 84 10.29 -18.43 -2.68
N VAL A 85 9.07 -17.91 -2.77
CA VAL A 85 8.49 -17.14 -1.68
C VAL A 85 7.93 -18.05 -0.60
N SER A 86 7.75 -17.50 0.60
CA SER A 86 7.21 -18.26 1.72
C SER A 86 5.79 -17.84 2.04
N PRO A 87 5.06 -18.70 2.76
CA PRO A 87 3.67 -18.45 3.16
C PRO A 87 3.57 -17.35 4.20
N GLY A 88 4.54 -17.30 5.11
CA GLY A 88 4.54 -16.29 6.15
C GLY A 88 4.88 -14.91 5.62
N VAL A 89 5.53 -14.87 4.47
CA VAL A 89 5.92 -13.60 3.86
C VAL A 89 4.79 -13.01 3.03
N LYS A 90 4.30 -13.79 2.06
CA LYS A 90 3.20 -13.35 1.21
C LYS A 90 2.03 -12.83 2.04
N GLY A 91 1.80 -13.46 3.17
CA GLY A 91 0.71 -13.05 4.04
C GLY A 91 0.83 -11.59 4.46
N LEU A 92 2.05 -11.11 4.60
CA LEU A 92 2.30 -9.73 4.99
C LEU A 92 1.58 -8.76 4.05
N ALA A 93 1.54 -9.12 2.77
CA ALA A 93 0.88 -8.28 1.78
C ALA A 93 -0.60 -8.11 2.10
N THR A 94 -1.23 -9.17 2.60
CA THR A 94 -2.65 -9.13 2.93
C THR A 94 -2.90 -8.20 4.12
N GLY A 95 -2.10 -8.36 5.18
CA GLY A 95 -2.25 -7.53 6.35
C GLY A 95 -1.83 -6.10 6.12
N PHE A 96 -0.78 -5.92 5.32
CA PHE A 96 -0.27 -4.59 5.01
C PHE A 96 -1.21 -3.85 4.07
N PHE A 97 -1.86 -4.60 3.18
CA PHE A 97 -2.79 -4.01 2.22
C PHE A 97 -3.93 -3.29 2.93
N GLU A 98 -4.40 -3.89 4.03
CA GLU A 98 -5.49 -3.30 4.80
C GLU A 98 -5.08 -1.95 5.38
N GLU A 99 -3.92 -1.90 6.02
CA GLU A 99 -3.42 -0.67 6.61
C GLU A 99 -3.03 0.34 5.53
N LEU A 100 -2.45 -0.17 4.44
CA LEU A 100 -2.04 0.68 3.33
C LEU A 100 -3.22 1.49 2.78
N GLY A 101 -4.37 0.83 2.66
CA GLY A 101 -5.55 1.49 2.14
C GLY A 101 -5.98 2.66 3.01
N SER A 102 -5.97 2.45 4.33
CA SER A 102 -6.37 3.49 5.27
C SER A 102 -5.35 4.63 5.29
N LYS A 103 -4.07 4.26 5.21
CA LYS A 103 -2.99 5.24 5.23
C LYS A 103 -3.09 6.17 4.02
N LEU A 104 -3.24 5.58 2.84
CA LEU A 104 -3.35 6.35 1.60
C LEU A 104 -4.52 7.32 1.67
N ALA A 105 -5.49 7.02 2.53
CA ALA A 105 -6.66 7.87 2.70
C ALA A 105 -6.28 9.24 3.26
N GLN A 106 -5.38 9.24 4.23
CA GLN A 106 -4.93 10.49 4.85
C GLN A 106 -4.32 11.42 3.81
N LEU A 107 -3.65 10.84 2.82
CA LEU A 107 -3.02 11.62 1.76
C LEU A 107 -4.05 12.47 1.02
N PHE A 108 -5.16 11.84 0.64
CA PHE A 108 -6.22 12.54 -0.08
C PHE A 108 -6.99 13.46 0.88
N ALA A 109 -7.41 12.92 2.01
CA ALA A 109 -8.16 13.69 2.99
C ALA A 109 -8.66 12.80 4.13
N GLY A 110 -7.83 11.85 4.54
CA GLY A 110 -8.20 10.95 5.61
C GLY A 110 -9.49 10.20 5.31
N GLU A 111 -9.80 9.20 6.13
CA GLU A 111 -11.01 8.41 5.95
C GLU A 111 -11.16 7.38 7.07
N ASN A 112 -12.11 6.47 6.89
CA ASN A 112 -12.36 5.43 7.89
C ASN A 112 -12.40 4.05 7.23
N LEU A 113 -11.51 3.17 7.67
CA LEU A 113 -11.44 1.81 7.12
C LEU A 113 -10.66 0.90 8.06
N TYR A 114 -11.07 -0.37 8.10
CA TYR A 114 -10.41 -1.36 8.95
C TYR A 114 -10.77 -2.77 8.52
N PHE A 115 -9.82 -3.69 8.68
CA PHE A 115 -10.03 -5.08 8.31
C PHE A 115 -8.90 -5.97 8.83
N GLN A 116 -9.03 -7.28 8.62
CA GLN A 116 -8.01 -8.22 9.07
C GLN A 116 -7.45 -9.01 7.89
N MET A 1 -1.97 14.09 -11.85
CA MET A 1 -3.16 14.06 -12.69
C MET A 1 -4.02 15.30 -12.47
N GLY A 2 -3.88 15.90 -11.29
CA GLY A 2 -4.65 17.09 -10.97
C GLY A 2 -4.24 17.70 -9.63
N TYR A 3 -4.91 18.78 -9.26
CA TYR A 3 -4.61 19.46 -8.00
C TYR A 3 -5.87 20.03 -7.38
N SER A 4 -6.62 19.19 -6.66
CA SER A 4 -7.86 19.61 -6.02
C SER A 4 -8.50 18.45 -5.26
N ASP A 5 -9.69 18.70 -4.72
CA ASP A 5 -10.40 17.68 -3.96
C ASP A 5 -10.84 16.54 -4.87
N GLU A 6 -11.12 16.87 -6.13
CA GLU A 6 -11.56 15.87 -7.11
C GLU A 6 -10.37 15.01 -7.57
N ASP A 7 -9.19 15.61 -7.59
CA ASP A 7 -7.99 14.90 -8.01
C ASP A 7 -7.56 13.87 -6.96
N ARG A 8 -7.58 14.28 -5.70
CA ARG A 8 -7.20 13.41 -4.60
C ARG A 8 -8.13 12.20 -4.52
N GLU A 9 -9.40 12.41 -4.84
CA GLU A 9 -10.38 11.34 -4.81
C GLU A 9 -10.11 10.32 -5.90
N ALA A 10 -9.58 10.79 -7.03
CA ALA A 10 -9.27 9.91 -8.15
C ALA A 10 -8.26 8.85 -7.75
N ASP A 11 -7.20 9.27 -7.08
CA ASP A 11 -6.15 8.36 -6.64
C ASP A 11 -6.65 7.46 -5.52
N ASN A 12 -7.33 8.06 -4.55
CA ASN A 12 -7.86 7.31 -3.42
C ASN A 12 -8.89 6.29 -3.88
N LEU A 13 -9.68 6.66 -4.87
CA LEU A 13 -10.71 5.77 -5.41
C LEU A 13 -10.10 4.44 -5.85
N ARG A 14 -8.95 4.51 -6.50
CA ARG A 14 -8.27 3.31 -6.97
C ARG A 14 -7.86 2.42 -5.81
N ILE A 15 -7.41 3.04 -4.73
CA ILE A 15 -6.99 2.31 -3.54
C ILE A 15 -8.13 1.50 -2.96
N ALA A 16 -9.29 2.14 -2.82
CA ALA A 16 -10.47 1.48 -2.28
C ALA A 16 -11.00 0.43 -3.25
N GLU A 17 -10.88 0.71 -4.54
CA GLU A 17 -11.36 -0.21 -5.56
C GLU A 17 -10.48 -1.46 -5.63
N ILE A 18 -9.18 -1.27 -5.40
CA ILE A 18 -8.24 -2.38 -5.43
C ILE A 18 -8.63 -3.47 -4.44
N ILE A 19 -9.14 -3.06 -3.29
CA ILE A 19 -9.56 -4.00 -2.26
C ILE A 19 -10.80 -4.77 -2.70
N LYS A 20 -11.79 -4.06 -3.21
CA LYS A 20 -13.03 -4.67 -3.68
C LYS A 20 -12.74 -5.72 -4.75
N ASN A 21 -11.80 -5.41 -5.64
CA ASN A 21 -11.43 -6.33 -6.71
C ASN A 21 -10.45 -7.39 -6.21
N ALA A 22 -9.74 -7.08 -5.13
CA ALA A 22 -8.78 -8.00 -4.55
C ALA A 22 -9.44 -8.89 -3.49
N GLN A 23 -10.57 -9.46 -3.84
CA GLN A 23 -11.30 -10.34 -2.93
C GLN A 23 -10.42 -11.50 -2.48
N ASP A 24 -9.72 -12.12 -3.43
CA ASP A 24 -8.85 -13.24 -3.12
C ASP A 24 -7.58 -12.77 -2.41
N ASP A 25 -7.32 -13.34 -1.23
CA ASP A 25 -6.16 -12.98 -0.44
C ASP A 25 -4.89 -13.05 -1.29
N ASP A 26 -4.78 -14.11 -2.09
CA ASP A 26 -3.61 -14.30 -2.95
C ASP A 26 -3.44 -13.12 -3.89
N SER A 27 -4.56 -12.57 -4.37
CA SER A 27 -4.52 -11.44 -5.29
C SER A 27 -4.05 -10.18 -4.57
N LYS A 28 -4.49 -10.00 -3.34
CA LYS A 28 -4.12 -8.84 -2.54
C LYS A 28 -2.60 -8.76 -2.39
N ILE A 29 -1.97 -9.92 -2.27
CA ILE A 29 -0.52 -9.98 -2.11
C ILE A 29 0.19 -9.19 -3.22
N ASN A 30 -0.08 -9.57 -4.46
CA ASN A 30 0.53 -8.90 -5.61
C ASN A 30 -0.07 -7.52 -5.81
N SER A 31 -1.36 -7.38 -5.50
CA SER A 31 -2.07 -6.11 -5.65
C SER A 31 -1.45 -5.05 -4.75
N THR A 32 -0.96 -5.48 -3.59
CA THR A 32 -0.34 -4.55 -2.64
C THR A 32 0.76 -3.74 -3.30
N GLN A 33 1.49 -4.37 -4.21
CA GLN A 33 2.59 -3.71 -4.91
C GLN A 33 2.10 -2.44 -5.60
N GLU A 34 0.95 -2.54 -6.26
CA GLU A 34 0.38 -1.40 -6.97
C GLU A 34 -0.04 -0.31 -5.99
N LEU A 35 -0.45 -0.71 -4.80
CA LEU A 35 -0.88 0.23 -3.77
C LEU A 35 0.27 1.17 -3.39
N LEU A 36 1.47 0.61 -3.28
CA LEU A 36 2.65 1.39 -2.93
C LEU A 36 2.89 2.50 -3.94
N ASP A 37 2.63 2.21 -5.21
CA ASP A 37 2.82 3.19 -6.27
C ASP A 37 1.78 4.30 -6.18
N ILE A 38 0.56 3.94 -5.81
CA ILE A 38 -0.52 4.91 -5.69
C ILE A 38 -0.24 5.90 -4.57
N TYR A 39 0.65 5.53 -3.66
CA TYR A 39 1.01 6.38 -2.53
C TYR A 39 1.62 7.69 -3.03
N ARG A 40 2.63 7.58 -3.89
CA ARG A 40 3.30 8.76 -4.43
C ARG A 40 2.38 9.53 -5.38
N ARG A 41 1.43 8.81 -5.98
CA ARG A 41 0.49 9.43 -6.91
C ARG A 41 -0.29 10.54 -6.22
N LEU A 42 -0.34 10.49 -4.90
CA LEU A 42 -1.06 11.49 -4.12
C LEU A 42 -0.12 12.59 -3.64
N TYR A 43 0.85 12.94 -4.48
CA TYR A 43 1.81 13.97 -4.14
C TYR A 43 1.79 15.10 -5.17
N PRO A 44 0.63 15.29 -5.81
CA PRO A 44 0.44 16.34 -6.82
C PRO A 44 0.43 17.73 -6.22
N SER A 45 -0.42 17.94 -5.22
CA SER A 45 -0.52 19.23 -4.55
C SER A 45 -0.10 19.13 -3.09
N LEU A 46 0.95 18.35 -2.84
CA LEU A 46 1.44 18.16 -1.48
C LEU A 46 2.90 18.62 -1.38
N THR A 47 3.36 18.83 -0.14
CA THR A 47 4.73 19.28 0.10
C THR A 47 5.70 18.10 0.01
N PRO A 48 6.99 18.42 -0.20
CA PRO A 48 8.04 17.40 -0.29
C PRO A 48 8.32 16.73 1.04
N GLU A 49 8.19 17.49 2.13
CA GLU A 49 8.43 16.96 3.46
C GLU A 49 7.34 15.96 3.86
N GLU A 50 6.15 16.15 3.30
CA GLU A 50 5.02 15.27 3.58
C GLU A 50 5.24 13.88 2.99
N ARG A 51 5.67 13.85 1.73
CA ARG A 51 5.92 12.59 1.04
C ARG A 51 6.82 11.68 1.87
N GLU A 52 7.71 12.29 2.64
CA GLU A 52 8.64 11.54 3.47
C GLU A 52 7.90 10.86 4.62
N SER A 53 6.87 11.51 5.13
CA SER A 53 6.08 10.98 6.24
C SER A 53 5.57 9.59 5.90
N ILE A 54 5.31 9.35 4.62
CA ILE A 54 4.81 8.05 4.16
C ILE A 54 5.76 6.92 4.57
N ASP A 55 7.05 7.14 4.38
CA ASP A 55 8.06 6.15 4.73
C ASP A 55 8.08 5.91 6.24
N LYS A 56 8.03 7.00 7.01
CA LYS A 56 8.05 6.91 8.47
C LYS A 56 6.73 6.31 8.98
N PHE A 57 5.70 6.35 8.15
CA PHE A 57 4.39 5.82 8.53
C PHE A 57 4.10 4.52 7.78
N VAL A 58 5.14 3.71 7.60
CA VAL A 58 4.98 2.44 6.89
C VAL A 58 5.91 1.38 7.49
N ASN A 59 7.10 1.80 7.91
CA ASN A 59 8.07 0.88 8.49
C ASN A 59 7.55 0.31 9.80
N GLU A 60 7.46 1.16 10.83
CA GLU A 60 6.99 0.72 12.13
C GLU A 60 5.46 0.65 12.15
N HIS A 61 4.89 0.00 11.13
CA HIS A 61 3.44 -0.14 11.03
C HIS A 61 3.08 -1.28 10.08
N THR A 62 3.86 -1.43 9.01
CA THR A 62 3.63 -2.46 8.02
C THR A 62 4.71 -3.53 8.07
N ASP A 63 4.43 -4.67 7.44
CA ASP A 63 5.39 -5.77 7.41
C ASP A 63 5.90 -6.01 5.99
N ALA A 64 7.02 -6.72 5.87
CA ALA A 64 7.60 -7.02 4.57
C ALA A 64 7.35 -8.47 4.18
N ILE A 65 7.57 -8.79 2.91
CA ILE A 65 7.37 -10.14 2.41
C ILE A 65 8.71 -10.82 2.12
N ILE A 66 9.15 -11.67 3.04
CA ILE A 66 10.40 -12.38 2.89
C ILE A 66 10.24 -13.59 1.97
N ILE A 67 10.92 -13.56 0.83
CA ILE A 67 10.86 -14.66 -0.14
C ILE A 67 12.24 -15.18 -0.46
N ASP A 68 12.78 -16.02 0.42
CA ASP A 68 14.10 -16.61 0.23
C ASP A 68 15.19 -15.57 0.50
N GLY A 69 14.98 -14.75 1.53
CA GLY A 69 15.95 -13.74 1.88
C GLY A 69 15.86 -12.51 0.98
N VAL A 70 14.64 -12.00 0.82
CA VAL A 70 14.42 -10.82 -0.01
C VAL A 70 13.22 -10.02 0.48
N PRO A 71 13.35 -9.43 1.69
CA PRO A 71 12.29 -8.64 2.31
C PRO A 71 12.08 -7.31 1.58
N ILE A 72 10.82 -6.94 1.40
CA ILE A 72 10.48 -5.69 0.73
C ILE A 72 10.03 -4.63 1.72
N GLN A 73 10.92 -4.30 2.66
CA GLN A 73 10.62 -3.29 3.67
C GLN A 73 9.96 -2.07 3.05
N GLY A 74 8.94 -1.54 3.72
CA GLY A 74 8.24 -0.38 3.21
C GLY A 74 6.85 -0.70 2.72
N GLY A 75 6.29 -1.81 3.20
CA GLY A 75 4.96 -2.22 2.79
C GLY A 75 4.81 -2.26 1.28
N ARG A 76 5.30 -3.33 0.68
CA ARG A 76 5.21 -3.50 -0.77
C ARG A 76 5.58 -4.93 -1.18
N LYS A 77 5.04 -5.37 -2.31
CA LYS A 77 5.31 -6.71 -2.81
C LYS A 77 6.17 -6.66 -4.07
N ALA A 78 7.32 -7.34 -4.03
CA ALA A 78 8.22 -7.37 -5.17
C ALA A 78 7.92 -8.56 -6.07
N ARG A 79 8.44 -8.52 -7.29
CA ARG A 79 8.23 -9.59 -8.25
C ARG A 79 9.15 -10.78 -7.96
N ILE A 80 8.97 -11.38 -6.81
CA ILE A 80 9.80 -12.52 -6.41
C ILE A 80 8.99 -13.82 -6.47
N VAL A 81 8.78 -14.32 -7.69
CA VAL A 81 8.04 -15.56 -7.89
C VAL A 81 8.98 -16.73 -8.12
N GLY A 82 8.43 -17.94 -8.08
CA GLY A 82 9.23 -19.14 -8.28
C GLY A 82 10.45 -19.16 -7.39
N LYS A 83 10.23 -19.19 -6.09
CA LYS A 83 11.33 -19.23 -5.12
C LYS A 83 10.99 -20.13 -3.94
N ILE A 84 11.86 -20.15 -2.94
CA ILE A 84 11.65 -20.97 -1.76
C ILE A 84 10.85 -20.21 -0.70
N VAL A 85 9.77 -19.57 -1.13
CA VAL A 85 8.92 -18.81 -0.21
C VAL A 85 7.97 -19.74 0.54
N SER A 86 7.77 -19.44 1.83
CA SER A 86 6.89 -20.25 2.66
C SER A 86 5.45 -19.75 2.58
N PRO A 87 4.51 -20.59 3.04
CA PRO A 87 3.08 -20.24 3.02
C PRO A 87 2.74 -19.16 4.03
N GLY A 88 3.60 -18.98 5.02
CA GLY A 88 3.37 -17.97 6.04
C GLY A 88 3.71 -16.57 5.56
N VAL A 89 4.58 -16.49 4.56
CA VAL A 89 4.99 -15.20 4.00
C VAL A 89 3.93 -14.65 3.05
N LYS A 90 3.44 -15.51 2.16
CA LYS A 90 2.42 -15.12 1.21
C LYS A 90 1.27 -14.39 1.89
N GLY A 91 0.88 -14.89 3.06
CA GLY A 91 -0.21 -14.27 3.82
C GLY A 91 0.19 -12.95 4.44
N LEU A 92 1.46 -12.84 4.82
CA LEU A 92 1.96 -11.62 5.43
C LEU A 92 1.70 -10.41 4.55
N ALA A 93 1.81 -10.61 3.23
CA ALA A 93 1.57 -9.54 2.27
C ALA A 93 0.14 -9.03 2.36
N THR A 94 -0.80 -9.95 2.54
CA THR A 94 -2.21 -9.60 2.63
C THR A 94 -2.51 -8.87 3.94
N GLY A 95 -1.83 -9.28 5.00
CA GLY A 95 -2.03 -8.66 6.30
C GLY A 95 -1.75 -7.17 6.28
N PHE A 96 -0.65 -6.79 5.64
CA PHE A 96 -0.26 -5.39 5.56
C PHE A 96 -0.97 -4.69 4.39
N PHE A 97 -1.33 -5.49 3.38
CA PHE A 97 -2.01 -4.95 2.20
C PHE A 97 -3.31 -4.25 2.60
N GLU A 98 -4.05 -4.85 3.51
CA GLU A 98 -5.31 -4.28 3.97
C GLU A 98 -5.06 -3.01 4.76
N GLU A 99 -3.98 -2.97 5.51
CA GLU A 99 -3.63 -1.80 6.32
C GLU A 99 -3.20 -0.64 5.43
N LEU A 100 -2.49 -0.95 4.35
CA LEU A 100 -2.02 0.07 3.42
C LEU A 100 -3.19 0.85 2.84
N GLY A 101 -4.30 0.16 2.60
CA GLY A 101 -5.47 0.80 2.05
C GLY A 101 -5.97 1.95 2.91
N SER A 102 -6.00 1.73 4.22
CA SER A 102 -6.46 2.75 5.16
C SER A 102 -5.47 3.91 5.22
N LYS A 103 -4.18 3.58 5.21
CA LYS A 103 -3.13 4.59 5.27
C LYS A 103 -3.25 5.57 4.11
N LEU A 104 -3.39 5.05 2.90
CA LEU A 104 -3.52 5.88 1.71
C LEU A 104 -4.72 6.82 1.84
N ALA A 105 -5.71 6.42 2.62
CA ALA A 105 -6.91 7.23 2.84
C ALA A 105 -6.59 8.46 3.68
N GLN A 106 -5.66 8.30 4.62
CA GLN A 106 -5.27 9.40 5.50
C GLN A 106 -4.48 10.45 4.73
N LEU A 107 -3.68 10.01 3.77
CA LEU A 107 -2.86 10.91 2.96
C LEU A 107 -3.74 11.91 2.23
N PHE A 108 -4.80 11.41 1.59
CA PHE A 108 -5.72 12.27 0.85
C PHE A 108 -6.60 13.08 1.80
N ALA A 109 -6.89 12.50 2.97
CA ALA A 109 -7.72 13.18 3.95
C ALA A 109 -7.83 12.35 5.23
N GLY A 110 -7.52 12.96 6.36
CA GLY A 110 -7.60 12.26 7.63
C GLY A 110 -6.23 11.91 8.18
N GLU A 111 -6.21 11.32 9.37
CA GLU A 111 -4.96 10.94 10.02
C GLU A 111 -5.20 9.95 11.14
N ASN A 112 -6.12 9.01 10.92
CA ASN A 112 -6.45 8.00 11.92
C ASN A 112 -6.93 6.72 11.26
N LEU A 113 -7.47 5.81 12.06
CA LEU A 113 -7.96 4.54 11.56
C LEU A 113 -9.35 4.70 10.94
N TYR A 114 -9.40 4.70 9.61
CA TYR A 114 -10.66 4.85 8.89
C TYR A 114 -10.92 3.65 7.99
N PHE A 115 -12.17 3.50 7.56
CA PHE A 115 -12.55 2.40 6.68
C PHE A 115 -12.30 2.74 5.22
N GLN A 116 -12.79 1.89 4.32
CA GLN A 116 -12.61 2.12 2.89
C GLN A 116 -13.67 3.09 2.36
#